data_5Y0U
#
_entry.id   5Y0U
#
loop_
_entity.id
_entity.type
_entity.pdbx_description
1 polymer 'Zinc finger protein AEBP2'
2 non-polymer 'ZINC ION'
#
_entity_poly.entity_id   1
_entity_poly.type   'polypeptide(L)'
_entity_poly.pdbx_seq_one_letter_code
;MGHHHHHHNNIAYNCCWDQCQACFNSSPDLADHIRSIHVDGQRGGVFVCLWKGCKVYNTPSTSQSWLQRHMLTHSGDKPF
KCVVGGCNASFASQGGLARHVPTHFSQQN
;
_entity_poly.pdbx_strand_id   A
#
loop_
_chem_comp.id
_chem_comp.type
_chem_comp.name
_chem_comp.formula
ZN non-polymer 'ZINC ION' 'Zn 2'
#
# COMPACT_ATOMS: atom_id res chain seq x y z
N MET A 1 -40.97 9.73 5.57
CA MET A 1 -40.88 10.20 4.19
C MET A 1 -39.81 9.36 3.52
N GLY A 2 -39.91 9.19 2.21
CA GLY A 2 -39.00 8.36 1.45
C GLY A 2 -37.59 8.91 1.36
N HIS A 3 -36.82 8.70 2.40
CA HIS A 3 -35.43 9.08 2.41
C HIS A 3 -34.55 7.85 2.33
N HIS A 4 -34.31 7.40 1.14
CA HIS A 4 -33.50 6.22 0.93
C HIS A 4 -32.07 6.60 0.64
N HIS A 5 -31.79 7.89 0.68
CA HIS A 5 -30.41 8.35 0.57
C HIS A 5 -29.70 8.13 1.90
N HIS A 6 -30.52 8.02 2.96
CA HIS A 6 -30.06 7.74 4.33
C HIS A 6 -29.19 8.87 4.90
N HIS A 7 -28.95 8.83 6.18
CA HIS A 7 -28.06 9.79 6.79
C HIS A 7 -26.68 9.20 6.90
N HIS A 8 -26.58 7.92 6.56
CA HIS A 8 -25.31 7.27 6.41
C HIS A 8 -24.77 7.63 5.05
N ASN A 9 -23.95 8.63 5.01
CA ASN A 9 -23.39 9.07 3.77
C ASN A 9 -21.91 8.83 3.80
N ASN A 10 -21.57 7.62 3.49
CA ASN A 10 -20.20 7.18 3.49
C ASN A 10 -19.79 6.94 2.06
N ILE A 11 -18.67 7.49 1.67
CA ILE A 11 -18.18 7.35 0.34
C ILE A 11 -17.38 6.05 0.25
N ALA A 12 -17.34 5.48 -0.88
CA ALA A 12 -16.56 4.30 -1.11
C ALA A 12 -15.20 4.75 -1.54
N TYR A 13 -14.23 4.48 -0.71
CA TYR A 13 -12.89 4.95 -0.92
C TYR A 13 -12.24 4.14 -2.00
N ASN A 14 -12.33 4.66 -3.18
CA ASN A 14 -11.76 4.08 -4.35
C ASN A 14 -10.35 4.55 -4.48
N CYS A 15 -9.45 3.65 -4.72
CA CYS A 15 -8.10 3.99 -4.86
C CYS A 15 -7.86 4.51 -6.26
N CYS A 16 -7.10 5.55 -6.40
CA CYS A 16 -6.79 5.97 -7.72
C CYS A 16 -5.46 5.39 -8.08
N TRP A 17 -5.48 4.12 -8.31
CA TRP A 17 -4.33 3.40 -8.67
C TRP A 17 -4.61 2.73 -9.95
N ASP A 18 -3.74 2.95 -10.88
CA ASP A 18 -3.75 2.37 -12.19
C ASP A 18 -4.46 1.07 -12.39
N GLN A 19 -5.72 1.24 -12.79
CA GLN A 19 -6.61 0.21 -13.28
C GLN A 19 -7.23 -0.62 -12.15
N CYS A 20 -7.03 -0.17 -10.93
CA CYS A 20 -7.61 -0.76 -9.78
C CYS A 20 -8.76 0.11 -9.39
N GLN A 21 -9.91 -0.24 -9.82
CA GLN A 21 -11.05 0.45 -9.37
C GLN A 21 -11.63 -0.40 -8.29
N ALA A 22 -11.27 -0.09 -7.11
CA ALA A 22 -11.62 -0.84 -5.96
C ALA A 22 -11.92 0.13 -4.88
N CYS A 23 -13.01 -0.08 -4.20
CA CYS A 23 -13.45 0.90 -3.24
C CYS A 23 -13.98 0.27 -1.98
N PHE A 24 -13.40 0.66 -0.88
CA PHE A 24 -13.79 0.13 0.40
C PHE A 24 -14.30 1.24 1.26
N ASN A 25 -15.31 0.96 2.03
CA ASN A 25 -15.95 1.96 2.88
C ASN A 25 -15.27 2.02 4.21
N SER A 26 -14.44 1.03 4.44
CA SER A 26 -13.68 0.93 5.63
C SER A 26 -12.23 1.26 5.32
N SER A 27 -11.57 1.93 6.23
CA SER A 27 -10.20 2.34 6.03
C SER A 27 -9.22 1.13 6.05
N PRO A 28 -9.30 0.19 7.05
CA PRO A 28 -8.44 -0.98 7.09
C PRO A 28 -8.60 -1.87 5.86
N ASP A 29 -9.85 -2.01 5.38
CA ASP A 29 -10.17 -2.82 4.19
C ASP A 29 -9.52 -2.23 2.96
N LEU A 30 -9.58 -0.91 2.87
CA LEU A 30 -8.91 -0.21 1.80
C LEU A 30 -7.40 -0.46 1.86
N ALA A 31 -6.80 -0.22 3.03
CA ALA A 31 -5.35 -0.40 3.26
C ALA A 31 -4.91 -1.83 2.96
N ASP A 32 -5.77 -2.76 3.33
CA ASP A 32 -5.58 -4.19 3.08
C ASP A 32 -5.38 -4.44 1.61
N HIS A 33 -6.29 -3.92 0.78
CA HIS A 33 -6.20 -4.11 -0.65
C HIS A 33 -5.00 -3.35 -1.25
N ILE A 34 -4.68 -2.17 -0.71
CA ILE A 34 -3.45 -1.52 -1.09
C ILE A 34 -2.24 -2.43 -0.85
N ARG A 35 -2.13 -2.97 0.33
CA ARG A 35 -0.97 -3.74 0.65
C ARG A 35 -0.95 -5.03 -0.17
N SER A 36 -2.10 -5.57 -0.43
CA SER A 36 -2.23 -6.83 -1.11
C SER A 36 -2.10 -6.72 -2.64
N ILE A 37 -2.78 -5.79 -3.23
CA ILE A 37 -2.82 -5.70 -4.68
C ILE A 37 -1.99 -4.52 -5.23
N HIS A 38 -1.61 -3.60 -4.38
CA HIS A 38 -0.80 -2.47 -4.83
C HIS A 38 0.65 -2.72 -4.47
N VAL A 39 0.94 -2.69 -3.18
CA VAL A 39 2.30 -2.86 -2.65
C VAL A 39 2.85 -4.24 -3.05
N ASP A 40 2.07 -5.26 -2.76
CA ASP A 40 2.43 -6.65 -3.09
C ASP A 40 2.34 -6.88 -4.61
N GLY A 41 1.70 -5.95 -5.30
CA GLY A 41 1.53 -6.06 -6.72
C GLY A 41 2.78 -5.66 -7.46
N GLN A 42 3.51 -4.73 -6.89
CA GLN A 42 4.73 -4.19 -7.50
C GLN A 42 5.99 -5.00 -7.17
N ARG A 43 5.81 -6.22 -6.73
CA ARG A 43 6.94 -7.10 -6.37
C ARG A 43 7.75 -7.55 -7.58
N GLY A 44 8.47 -6.63 -8.15
CA GLY A 44 9.34 -6.89 -9.25
C GLY A 44 10.66 -6.18 -9.03
N GLY A 45 10.94 -5.93 -7.76
CA GLY A 45 12.16 -5.26 -7.35
C GLY A 45 12.04 -3.76 -7.29
N VAL A 46 11.11 -3.21 -8.03
CA VAL A 46 10.88 -1.80 -8.03
C VAL A 46 9.42 -1.52 -7.75
N PHE A 47 9.15 -0.80 -6.71
CA PHE A 47 7.83 -0.52 -6.30
C PHE A 47 7.45 0.87 -6.72
N VAL A 48 6.30 1.01 -7.30
CA VAL A 48 5.87 2.25 -7.87
C VAL A 48 4.50 2.58 -7.30
N CYS A 49 4.26 3.85 -7.09
CA CYS A 49 2.97 4.30 -6.69
C CYS A 49 2.28 4.77 -7.95
N LEU A 50 1.10 4.31 -8.19
CA LEU A 50 0.33 4.76 -9.35
C LEU A 50 -0.86 5.51 -8.84
N TRP A 51 -0.74 5.99 -7.62
CA TRP A 51 -1.80 6.67 -7.01
C TRP A 51 -1.86 8.08 -7.51
N LYS A 52 -2.86 8.33 -8.26
CA LYS A 52 -3.07 9.62 -8.79
C LYS A 52 -3.57 10.51 -7.69
N GLY A 53 -2.71 11.39 -7.31
CA GLY A 53 -2.89 12.23 -6.16
C GLY A 53 -1.53 12.53 -5.58
N CYS A 54 -0.60 11.62 -5.83
CA CYS A 54 0.78 11.82 -5.49
C CYS A 54 1.40 12.71 -6.54
N LYS A 55 2.36 13.47 -6.16
CA LYS A 55 3.10 14.26 -7.12
C LYS A 55 4.38 13.52 -7.57
N VAL A 56 4.55 12.30 -7.06
CA VAL A 56 5.74 11.48 -7.35
C VAL A 56 5.34 10.11 -7.85
N TYR A 57 4.08 9.95 -8.17
CA TYR A 57 3.62 8.65 -8.65
C TYR A 57 4.21 8.35 -10.04
N ASN A 58 4.05 7.12 -10.46
CA ASN A 58 4.56 6.59 -11.71
C ASN A 58 6.09 6.66 -11.71
N THR A 59 6.68 6.49 -10.54
CA THR A 59 8.12 6.53 -10.41
C THR A 59 8.59 5.31 -9.58
N PRO A 60 9.01 4.22 -10.24
CA PRO A 60 9.42 2.99 -9.56
C PRO A 60 10.62 3.24 -8.62
N SER A 61 10.55 2.75 -7.41
CA SER A 61 11.62 2.90 -6.45
C SER A 61 11.84 1.57 -5.73
N THR A 62 13.06 1.28 -5.37
CA THR A 62 13.38 0.01 -4.73
C THR A 62 13.22 0.06 -3.21
N SER A 63 12.68 1.15 -2.73
CA SER A 63 12.51 1.37 -1.34
C SER A 63 11.15 0.88 -0.84
N GLN A 64 11.12 -0.38 -0.43
CA GLN A 64 9.90 -1.03 0.03
C GLN A 64 9.36 -0.39 1.30
N SER A 65 10.24 0.06 2.14
CA SER A 65 9.84 0.69 3.38
C SER A 65 9.26 2.08 3.08
N TRP A 66 9.82 2.74 2.07
CA TRP A 66 9.39 4.08 1.71
C TRP A 66 8.03 4.03 1.04
N LEU A 67 7.88 3.09 0.13
CA LEU A 67 6.66 2.84 -0.61
C LEU A 67 5.51 2.63 0.37
N GLN A 68 5.71 1.67 1.24
CA GLN A 68 4.77 1.40 2.33
C GLN A 68 4.48 2.63 3.20
N ARG A 69 5.51 3.43 3.50
CA ARG A 69 5.34 4.60 4.32
C ARG A 69 4.58 5.69 3.56
N HIS A 70 4.71 5.67 2.25
CA HIS A 70 4.03 6.57 1.34
C HIS A 70 2.55 6.18 1.24
N MET A 71 2.28 4.89 1.14
CA MET A 71 0.89 4.41 1.04
C MET A 71 0.19 4.49 2.39
N LEU A 72 0.98 4.58 3.45
CA LEU A 72 0.47 4.73 4.79
C LEU A 72 -0.39 5.99 4.85
N THR A 73 0.05 7.01 4.17
CA THR A 73 -0.62 8.25 4.07
C THR A 73 -1.93 8.12 3.28
N HIS A 74 -1.97 7.18 2.35
CA HIS A 74 -3.11 7.03 1.45
C HIS A 74 -4.28 6.32 2.10
N SER A 75 -4.03 5.21 2.76
CA SER A 75 -5.11 4.44 3.32
C SER A 75 -5.08 4.32 4.85
N GLY A 76 -3.89 4.38 5.42
CA GLY A 76 -3.76 4.30 6.87
C GLY A 76 -3.96 2.92 7.44
N ASP A 77 -2.95 2.09 7.30
CA ASP A 77 -2.96 0.79 7.94
C ASP A 77 -2.29 1.00 9.29
N LYS A 78 -2.17 -0.02 10.02
CA LYS A 78 -1.48 0.04 11.27
C LYS A 78 -0.32 -0.97 11.29
N PRO A 79 -0.58 -2.28 11.25
CA PRO A 79 0.46 -3.27 11.17
C PRO A 79 1.01 -3.36 9.76
N PHE A 80 2.27 -3.32 9.64
CA PHE A 80 2.94 -3.46 8.41
C PHE A 80 3.27 -4.91 8.26
N LYS A 81 2.74 -5.49 7.24
CA LYS A 81 2.93 -6.90 6.97
C LYS A 81 4.05 -7.09 5.96
N CYS A 82 4.72 -8.25 6.04
CA CYS A 82 5.80 -8.57 5.17
C CYS A 82 5.28 -8.60 3.74
N VAL A 83 6.09 -8.11 2.85
CA VAL A 83 5.70 -7.95 1.47
C VAL A 83 5.88 -9.25 0.70
N VAL A 84 6.67 -10.12 1.25
CA VAL A 84 7.00 -11.38 0.62
C VAL A 84 5.82 -12.32 0.61
N GLY A 85 5.47 -12.80 -0.56
CA GLY A 85 4.41 -13.77 -0.68
C GLY A 85 4.83 -15.08 -0.09
N GLY A 86 4.41 -15.33 1.10
CA GLY A 86 4.79 -16.52 1.80
C GLY A 86 5.50 -16.19 3.09
N CYS A 87 5.68 -14.91 3.37
CA CYS A 87 6.30 -14.50 4.60
C CYS A 87 5.27 -13.77 5.45
N ASN A 88 5.29 -14.06 6.71
CA ASN A 88 4.38 -13.44 7.67
C ASN A 88 5.14 -12.69 8.73
N ALA A 89 5.03 -11.39 8.73
CA ALA A 89 5.56 -10.55 9.75
C ALA A 89 4.76 -9.29 9.74
N SER A 90 4.29 -8.90 10.87
CA SER A 90 3.51 -7.71 10.99
C SER A 90 3.92 -6.92 12.20
N PHE A 91 4.16 -5.64 12.00
CA PHE A 91 4.56 -4.76 13.10
C PHE A 91 3.76 -3.48 13.01
N ALA A 92 3.27 -3.00 14.14
CA ALA A 92 2.50 -1.76 14.19
C ALA A 92 3.38 -0.55 13.90
N SER A 93 4.67 -0.72 14.11
CA SER A 93 5.62 0.31 13.79
C SER A 93 6.48 -0.22 12.67
N GLN A 94 6.87 0.63 11.78
CA GLN A 94 7.56 0.20 10.60
C GLN A 94 9.01 -0.11 10.90
N GLY A 95 9.56 0.47 11.96
CA GLY A 95 10.96 0.25 12.33
C GLY A 95 11.34 -1.22 12.43
N GLY A 96 10.44 -2.03 12.99
CA GLY A 96 10.67 -3.45 13.11
C GLY A 96 10.59 -4.15 11.77
N LEU A 97 9.64 -3.72 10.95
CA LEU A 97 9.44 -4.31 9.65
C LEU A 97 10.55 -3.91 8.68
N ALA A 98 11.01 -2.67 8.81
CA ALA A 98 12.08 -2.12 7.98
C ALA A 98 13.39 -2.85 8.21
N ARG A 99 13.45 -3.64 9.24
CA ARG A 99 14.60 -4.47 9.51
C ARG A 99 14.41 -5.85 8.92
N HIS A 100 13.17 -6.26 8.78
CA HIS A 100 12.82 -7.59 8.28
C HIS A 100 12.78 -7.63 6.76
N VAL A 101 12.16 -6.65 6.18
CA VAL A 101 12.04 -6.58 4.73
C VAL A 101 13.38 -6.64 3.94
N PRO A 102 14.44 -5.89 4.34
CA PRO A 102 15.70 -5.89 3.62
C PRO A 102 16.42 -7.23 3.72
N THR A 103 15.95 -8.12 4.60
CA THR A 103 16.59 -9.42 4.73
C THR A 103 16.18 -10.25 3.53
N HIS A 104 15.00 -9.96 3.00
CA HIS A 104 14.51 -10.64 1.83
C HIS A 104 15.06 -9.96 0.60
N PHE A 105 15.33 -8.68 0.73
CA PHE A 105 15.91 -7.90 -0.35
C PHE A 105 17.41 -7.89 -0.27
N SER A 106 17.88 -9.05 -0.07
CA SER A 106 19.27 -9.42 -0.13
C SER A 106 19.39 -10.46 -1.26
N GLN A 107 18.39 -10.40 -2.14
CA GLN A 107 18.23 -11.30 -3.27
C GLN A 107 19.36 -11.07 -4.26
N GLN A 108 20.25 -12.06 -4.36
CA GLN A 108 21.43 -12.04 -5.22
C GLN A 108 22.49 -11.07 -4.69
N ASN A 109 22.17 -9.81 -4.67
CA ASN A 109 23.07 -8.78 -4.15
C ASN A 109 22.27 -7.78 -3.34
ZN ZN B . -7.05 -0.38 -5.73
ZN ZN C . 1.31 7.61 -4.05
ZN ZN D . 8.97 -11.48 5.65
N MET A 1 -30.03 11.20 4.27
CA MET A 1 -29.70 10.08 5.14
C MET A 1 -30.23 8.79 4.54
N GLY A 2 -29.37 8.10 3.85
CA GLY A 2 -29.70 6.82 3.27
C GLY A 2 -28.45 6.07 3.00
N HIS A 3 -27.64 5.97 4.01
CA HIS A 3 -26.30 5.42 3.89
C HIS A 3 -26.29 3.97 4.31
N HIS A 4 -25.19 3.32 4.08
CA HIS A 4 -24.97 1.99 4.59
C HIS A 4 -24.28 2.13 5.92
N HIS A 5 -25.01 1.89 6.97
CA HIS A 5 -24.50 2.02 8.33
C HIS A 5 -23.66 0.81 8.70
N HIS A 6 -22.56 0.69 8.02
CA HIS A 6 -21.65 -0.40 8.19
C HIS A 6 -20.54 0.08 9.12
N HIS A 7 -19.62 0.85 8.57
CA HIS A 7 -18.53 1.45 9.32
C HIS A 7 -18.28 2.81 8.77
N HIS A 8 -18.45 3.83 9.60
CA HIS A 8 -18.14 5.25 9.28
C HIS A 8 -19.14 5.86 8.29
N ASN A 9 -19.04 7.16 8.14
CA ASN A 9 -19.82 7.94 7.16
C ASN A 9 -18.86 8.74 6.34
N ASN A 10 -17.66 8.21 6.21
CA ASN A 10 -16.57 8.86 5.51
C ASN A 10 -16.76 8.75 4.01
N ILE A 11 -15.76 9.16 3.27
CA ILE A 11 -15.80 9.06 1.85
C ILE A 11 -15.34 7.63 1.49
N ALA A 12 -15.49 7.24 0.27
CA ALA A 12 -15.09 5.94 -0.14
C ALA A 12 -13.74 6.07 -0.73
N TYR A 13 -12.83 5.36 -0.22
CA TYR A 13 -11.48 5.48 -0.65
C TYR A 13 -11.29 4.56 -1.82
N ASN A 14 -11.38 5.14 -2.99
CA ASN A 14 -11.27 4.39 -4.23
C ASN A 14 -9.83 4.35 -4.66
N CYS A 15 -9.40 3.23 -5.13
CA CYS A 15 -8.14 3.14 -5.75
C CYS A 15 -8.19 3.85 -7.09
N CYS A 16 -7.41 4.86 -7.25
CA CYS A 16 -7.19 5.34 -8.54
C CYS A 16 -5.76 5.04 -8.77
N TRP A 17 -5.57 3.78 -8.89
CA TRP A 17 -4.34 3.18 -9.14
C TRP A 17 -4.58 2.37 -10.33
N ASP A 18 -3.71 2.51 -11.28
CA ASP A 18 -3.68 1.77 -12.51
C ASP A 18 -4.49 0.48 -12.60
N GLN A 19 -5.76 0.69 -12.93
CA GLN A 19 -6.73 -0.32 -13.28
C GLN A 19 -7.27 -1.09 -12.08
N CYS A 20 -7.06 -0.56 -10.88
CA CYS A 20 -7.58 -1.13 -9.70
C CYS A 20 -8.89 -0.44 -9.41
N GLN A 21 -9.95 -1.14 -9.59
CA GLN A 21 -11.25 -0.61 -9.26
C GLN A 21 -11.65 -1.21 -7.94
N ALA A 22 -11.41 -0.47 -6.91
CA ALA A 22 -11.62 -0.92 -5.58
C ALA A 22 -11.94 0.28 -4.72
N CYS A 23 -12.87 0.13 -3.79
CA CYS A 23 -13.28 1.23 -2.94
C CYS A 23 -13.52 0.70 -1.53
N PHE A 24 -12.85 1.23 -0.53
CA PHE A 24 -13.08 0.80 0.83
C PHE A 24 -13.46 1.99 1.69
N ASN A 25 -14.23 1.74 2.72
CA ASN A 25 -14.71 2.82 3.62
C ASN A 25 -14.08 2.65 5.00
N SER A 26 -13.35 1.58 5.15
CA SER A 26 -12.61 1.33 6.33
C SER A 26 -11.13 1.38 5.96
N SER A 27 -10.34 1.98 6.82
CA SER A 27 -8.93 2.14 6.56
C SER A 27 -8.16 0.80 6.58
N PRO A 28 -8.40 -0.13 7.56
CA PRO A 28 -7.70 -1.43 7.60
C PRO A 28 -8.03 -2.27 6.38
N ASP A 29 -9.27 -2.19 5.93
CA ASP A 29 -9.73 -2.92 4.75
C ASP A 29 -9.03 -2.41 3.53
N LEU A 30 -9.01 -1.09 3.42
CA LEU A 30 -8.31 -0.43 2.34
C LEU A 30 -6.81 -0.78 2.38
N ALA A 31 -6.19 -0.63 3.55
CA ALA A 31 -4.77 -0.90 3.75
C ALA A 31 -4.43 -2.36 3.46
N ASP A 32 -5.35 -3.25 3.79
CA ASP A 32 -5.17 -4.68 3.53
C ASP A 32 -5.14 -4.90 2.03
N HIS A 33 -6.08 -4.26 1.33
CA HIS A 33 -6.15 -4.31 -0.12
C HIS A 33 -4.87 -3.74 -0.73
N ILE A 34 -4.48 -2.56 -0.29
CA ILE A 34 -3.24 -1.96 -0.71
C ILE A 34 -2.03 -2.88 -0.49
N ARG A 35 -1.92 -3.46 0.68
CA ARG A 35 -0.77 -4.31 0.98
C ARG A 35 -0.77 -5.52 0.04
N SER A 36 -1.95 -5.95 -0.28
CA SER A 36 -2.21 -7.13 -1.06
C SER A 36 -1.93 -6.92 -2.58
N ILE A 37 -2.57 -5.94 -3.19
CA ILE A 37 -2.45 -5.83 -4.65
C ILE A 37 -1.61 -4.61 -5.06
N HIS A 38 -1.34 -3.75 -4.12
CA HIS A 38 -0.57 -2.56 -4.42
C HIS A 38 0.89 -2.75 -3.99
N VAL A 39 1.12 -2.92 -2.69
CA VAL A 39 2.49 -3.08 -2.20
C VAL A 39 3.08 -4.40 -2.67
N ASP A 40 2.32 -5.48 -2.48
CA ASP A 40 2.76 -6.82 -2.96
C ASP A 40 2.82 -6.86 -4.49
N GLY A 41 2.08 -5.96 -5.09
CA GLY A 41 1.99 -5.92 -6.52
C GLY A 41 3.23 -5.33 -7.14
N GLN A 42 3.99 -4.58 -6.35
CA GLN A 42 5.16 -3.87 -6.84
C GLN A 42 6.44 -4.46 -6.31
N ARG A 43 6.39 -5.67 -5.77
CA ARG A 43 7.57 -6.31 -5.13
C ARG A 43 8.62 -6.81 -6.17
N GLY A 44 8.71 -6.14 -7.31
CA GLY A 44 9.61 -6.53 -8.37
C GLY A 44 10.94 -5.82 -8.32
N GLY A 45 11.25 -5.24 -7.19
CA GLY A 45 12.53 -4.61 -7.00
C GLY A 45 12.46 -3.11 -7.08
N VAL A 46 11.46 -2.59 -7.76
CA VAL A 46 11.24 -1.18 -7.84
C VAL A 46 9.77 -0.94 -7.59
N PHE A 47 9.50 -0.10 -6.68
CA PHE A 47 8.16 0.11 -6.22
C PHE A 47 7.66 1.43 -6.72
N VAL A 48 6.44 1.46 -7.19
CA VAL A 48 5.87 2.64 -7.78
C VAL A 48 4.40 2.79 -7.40
N CYS A 49 4.03 3.99 -7.05
CA CYS A 49 2.68 4.32 -6.76
C CYS A 49 2.03 4.77 -8.06
N LEU A 50 0.88 4.28 -8.34
CA LEU A 50 0.11 4.71 -9.50
C LEU A 50 -1.19 5.29 -9.02
N TRP A 51 -1.24 5.59 -7.75
CA TRP A 51 -2.43 6.04 -7.14
C TRP A 51 -2.42 7.54 -7.27
N LYS A 52 -3.18 8.03 -8.23
CA LYS A 52 -3.23 9.44 -8.55
C LYS A 52 -3.55 10.28 -7.34
N GLY A 53 -2.75 11.30 -7.14
CA GLY A 53 -2.84 12.14 -5.99
C GLY A 53 -1.46 12.51 -5.49
N CYS A 54 -0.54 11.59 -5.70
CA CYS A 54 0.82 11.78 -5.33
C CYS A 54 1.50 12.77 -6.24
N LYS A 55 2.42 13.47 -5.71
CA LYS A 55 3.27 14.32 -6.50
C LYS A 55 4.52 13.52 -6.94
N VAL A 56 4.53 12.22 -6.63
CA VAL A 56 5.69 11.34 -6.89
C VAL A 56 5.29 10.00 -7.49
N TYR A 57 4.07 9.89 -7.95
CA TYR A 57 3.62 8.63 -8.49
C TYR A 57 4.24 8.38 -9.87
N ASN A 58 4.15 7.14 -10.34
CA ASN A 58 4.76 6.69 -11.57
C ASN A 58 6.27 6.94 -11.57
N THR A 59 6.81 6.87 -10.39
CA THR A 59 8.21 7.05 -10.16
C THR A 59 8.68 5.90 -9.27
N PRO A 60 9.39 4.93 -9.86
CA PRO A 60 9.86 3.77 -9.12
C PRO A 60 11.01 4.10 -8.17
N SER A 61 10.92 3.54 -7.00
CA SER A 61 11.92 3.69 -5.98
C SER A 61 12.28 2.29 -5.53
N THR A 62 13.43 2.11 -4.95
CA THR A 62 13.81 0.80 -4.47
C THR A 62 13.61 0.74 -2.96
N SER A 63 13.02 1.77 -2.39
CA SER A 63 12.79 1.77 -0.98
C SER A 63 11.39 1.19 -0.71
N GLN A 64 11.37 -0.02 -0.21
CA GLN A 64 10.14 -0.74 0.04
C GLN A 64 9.40 -0.12 1.22
N SER A 65 10.15 0.31 2.21
CA SER A 65 9.61 0.96 3.39
C SER A 65 8.96 2.29 2.99
N TRP A 66 9.54 2.93 1.98
CA TRP A 66 9.05 4.21 1.48
C TRP A 66 7.67 4.07 0.90
N LEU A 67 7.49 3.05 0.05
CA LEU A 67 6.25 2.81 -0.58
C LEU A 67 5.17 2.57 0.46
N GLN A 68 5.55 1.87 1.52
CA GLN A 68 4.64 1.56 2.60
C GLN A 68 4.29 2.81 3.40
N ARG A 69 5.27 3.68 3.64
CA ARG A 69 5.02 4.93 4.36
C ARG A 69 4.17 5.85 3.48
N HIS A 70 4.40 5.77 2.20
CA HIS A 70 3.62 6.50 1.24
C HIS A 70 2.17 5.99 1.27
N MET A 71 2.00 4.69 1.29
CA MET A 71 0.68 4.09 1.38
C MET A 71 0.05 4.30 2.75
N LEU A 72 0.89 4.55 3.74
CA LEU A 72 0.44 4.89 5.08
C LEU A 72 -0.40 6.16 5.04
N THR A 73 0.01 7.10 4.22
CA THR A 73 -0.73 8.33 4.07
C THR A 73 -1.96 8.14 3.19
N HIS A 74 -1.88 7.21 2.24
CA HIS A 74 -2.99 6.95 1.34
C HIS A 74 -4.10 6.17 2.03
N SER A 75 -3.76 5.08 2.68
CA SER A 75 -4.75 4.23 3.28
C SER A 75 -5.14 4.71 4.67
N GLY A 76 -4.22 5.37 5.34
CA GLY A 76 -4.47 5.93 6.64
C GLY A 76 -4.64 4.91 7.74
N ASP A 77 -3.85 3.86 7.71
CA ASP A 77 -3.89 2.89 8.78
C ASP A 77 -2.47 2.43 9.05
N LYS A 78 -2.17 2.20 10.30
CA LYS A 78 -0.81 1.93 10.77
C LYS A 78 -0.16 0.55 10.37
N PRO A 79 -0.78 -0.63 10.76
CA PRO A 79 -0.19 -1.98 10.57
C PRO A 79 0.60 -2.22 9.27
N PHE A 80 1.90 -2.33 9.43
CA PHE A 80 2.78 -2.60 8.34
C PHE A 80 3.00 -4.10 8.27
N LYS A 81 2.24 -4.76 7.41
CA LYS A 81 2.44 -6.19 7.14
C LYS A 81 3.59 -6.36 6.17
N CYS A 82 4.15 -7.56 6.15
CA CYS A 82 5.17 -7.91 5.20
C CYS A 82 4.60 -7.73 3.79
N VAL A 83 5.46 -7.40 2.89
CA VAL A 83 5.07 -7.04 1.57
C VAL A 83 4.76 -8.26 0.74
N VAL A 84 5.30 -9.37 1.16
CA VAL A 84 5.09 -10.60 0.48
C VAL A 84 3.67 -11.10 0.73
N GLY A 85 2.88 -11.18 -0.30
CA GLY A 85 1.56 -11.77 -0.20
C GLY A 85 1.68 -13.24 0.12
N GLY A 86 1.51 -13.56 1.37
CA GLY A 86 1.69 -14.90 1.84
C GLY A 86 2.56 -14.90 3.06
N CYS A 87 3.24 -13.79 3.28
CA CYS A 87 4.05 -13.61 4.43
C CYS A 87 3.31 -12.69 5.37
N ASN A 88 3.22 -13.08 6.57
CA ASN A 88 2.53 -12.30 7.56
C ASN A 88 3.47 -11.89 8.65
N ALA A 89 3.84 -10.66 8.63
CA ALA A 89 4.64 -10.08 9.64
C ALA A 89 4.25 -8.64 9.73
N SER A 90 3.37 -8.33 10.63
CA SER A 90 2.80 -7.01 10.72
C SER A 90 3.25 -6.30 11.97
N PHE A 91 3.72 -5.11 11.81
CA PHE A 91 4.25 -4.33 12.91
C PHE A 91 3.57 -2.97 12.97
N ALA A 92 3.66 -2.33 14.12
CA ALA A 92 3.06 -1.04 14.32
C ALA A 92 4.02 0.07 13.88
N SER A 93 5.22 -0.32 13.55
CA SER A 93 6.21 0.60 13.05
C SER A 93 7.15 -0.17 12.12
N GLN A 94 7.88 0.56 11.31
CA GLN A 94 8.72 -0.02 10.28
C GLN A 94 9.96 -0.72 10.81
N GLY A 95 10.39 -0.40 12.01
CA GLY A 95 11.67 -0.90 12.55
C GLY A 95 11.87 -2.40 12.44
N GLY A 96 10.86 -3.16 12.79
CA GLY A 96 10.99 -4.60 12.71
C GLY A 96 10.82 -5.11 11.31
N LEU A 97 9.88 -4.53 10.60
CA LEU A 97 9.54 -4.95 9.26
C LEU A 97 10.64 -4.66 8.26
N ALA A 98 11.28 -3.52 8.42
CA ALA A 98 12.33 -3.09 7.50
C ALA A 98 13.54 -4.02 7.56
N ARG A 99 13.62 -4.81 8.61
CA ARG A 99 14.66 -5.78 8.78
C ARG A 99 14.20 -7.16 8.28
N HIS A 100 12.90 -7.36 8.25
CA HIS A 100 12.29 -8.63 7.81
C HIS A 100 12.13 -8.67 6.31
N VAL A 101 11.64 -7.60 5.75
CA VAL A 101 11.39 -7.51 4.31
C VAL A 101 12.59 -7.86 3.40
N PRO A 102 13.83 -7.32 3.66
CA PRO A 102 14.97 -7.59 2.81
C PRO A 102 15.38 -9.05 2.85
N THR A 103 14.86 -9.82 3.82
CA THR A 103 15.26 -11.20 3.90
C THR A 103 14.59 -12.01 2.78
N HIS A 104 13.50 -11.48 2.24
CA HIS A 104 12.81 -12.14 1.16
C HIS A 104 13.44 -11.75 -0.17
N PHE A 105 13.93 -10.52 -0.25
CA PHE A 105 14.60 -10.00 -1.46
C PHE A 105 15.93 -10.72 -1.71
N SER A 106 16.42 -11.38 -0.69
CA SER A 106 17.63 -12.16 -0.78
C SER A 106 17.35 -13.53 -1.44
N GLN A 107 16.08 -13.89 -1.48
CA GLN A 107 15.66 -15.21 -1.96
C GLN A 107 15.03 -15.10 -3.33
N GLN A 108 15.63 -15.77 -4.32
CA GLN A 108 15.16 -15.84 -5.73
C GLN A 108 15.29 -14.52 -6.49
N ASN A 109 14.80 -13.46 -5.91
CA ASN A 109 14.85 -12.14 -6.52
C ASN A 109 16.05 -11.37 -6.02
ZN ZN B . -6.95 -0.90 -5.31
ZN ZN C . 0.73 7.46 -4.22
ZN ZN D . 7.60 -11.41 5.25
N MET A 1 -23.89 17.59 -8.89
CA MET A 1 -25.27 17.67 -9.39
C MET A 1 -25.85 16.26 -9.56
N GLY A 2 -25.45 15.57 -10.64
CA GLY A 2 -25.96 14.23 -10.88
C GLY A 2 -25.23 13.20 -10.06
N HIS A 3 -23.98 13.48 -9.73
CA HIS A 3 -23.20 12.59 -8.89
C HIS A 3 -23.62 12.79 -7.45
N HIS A 4 -24.56 12.00 -7.00
CA HIS A 4 -25.00 12.06 -5.63
C HIS A 4 -24.70 10.74 -4.95
N HIS A 5 -24.25 10.80 -3.75
CA HIS A 5 -23.83 9.61 -3.03
C HIS A 5 -24.75 9.39 -1.84
N HIS A 6 -24.26 8.71 -0.84
CA HIS A 6 -25.04 8.40 0.36
C HIS A 6 -25.09 9.61 1.29
N HIS A 7 -24.39 10.67 0.88
CA HIS A 7 -24.32 11.93 1.60
C HIS A 7 -23.65 11.78 2.95
N HIS A 8 -22.55 11.08 2.93
CA HIS A 8 -21.72 10.87 4.11
C HIS A 8 -20.28 11.19 3.73
N ASN A 9 -19.46 11.49 4.72
CA ASN A 9 -18.02 11.71 4.51
C ASN A 9 -17.39 10.35 4.25
N ASN A 10 -18.02 9.34 4.80
CA ASN A 10 -17.62 8.01 4.58
C ASN A 10 -18.26 7.53 3.29
N ILE A 11 -17.43 7.29 2.33
CA ILE A 11 -17.86 6.83 1.04
C ILE A 11 -16.98 5.62 0.71
N ALA A 12 -17.15 5.02 -0.39
CA ALA A 12 -16.36 3.90 -0.77
C ALA A 12 -15.15 4.46 -1.47
N TYR A 13 -14.04 4.40 -0.81
CA TYR A 13 -12.85 5.03 -1.30
C TYR A 13 -12.21 4.16 -2.33
N ASN A 14 -12.46 4.50 -3.57
CA ASN A 14 -11.81 3.84 -4.70
C ASN A 14 -10.34 4.16 -4.64
N CYS A 15 -9.50 3.14 -4.49
CA CYS A 15 -8.11 3.37 -4.45
C CYS A 15 -7.66 3.83 -5.83
N CYS A 16 -7.28 5.08 -5.95
CA CYS A 16 -6.97 5.56 -7.24
C CYS A 16 -5.50 5.31 -7.55
N TRP A 17 -5.23 4.08 -7.79
CA TRP A 17 -3.93 3.58 -8.12
C TRP A 17 -4.07 2.90 -9.41
N ASP A 18 -3.51 3.46 -10.48
CA ASP A 18 -3.57 2.87 -11.75
C ASP A 18 -5.05 2.81 -12.07
N GLN A 19 -5.46 1.79 -12.63
CA GLN A 19 -6.83 1.62 -12.99
C GLN A 19 -7.54 0.62 -12.05
N CYS A 20 -7.00 0.46 -10.83
CA CYS A 20 -7.55 -0.41 -9.84
C CYS A 20 -8.92 0.13 -9.44
N GLN A 21 -9.94 -0.55 -9.84
CA GLN A 21 -11.26 -0.17 -9.47
C GLN A 21 -11.66 -1.02 -8.31
N ALA A 22 -11.48 -0.48 -7.15
CA ALA A 22 -11.70 -1.14 -5.93
C ALA A 22 -12.01 -0.09 -4.93
N CYS A 23 -13.06 -0.26 -4.17
CA CYS A 23 -13.47 0.76 -3.25
C CYS A 23 -13.89 0.18 -1.92
N PHE A 24 -13.36 0.72 -0.86
CA PHE A 24 -13.68 0.27 0.47
C PHE A 24 -14.01 1.46 1.32
N ASN A 25 -14.98 1.34 2.19
CA ASN A 25 -15.39 2.46 3.02
C ASN A 25 -14.72 2.40 4.37
N SER A 26 -14.00 1.34 4.60
CA SER A 26 -13.28 1.17 5.83
C SER A 26 -11.79 1.27 5.54
N SER A 27 -11.05 1.86 6.45
CA SER A 27 -9.65 2.06 6.26
C SER A 27 -8.82 0.76 6.28
N PRO A 28 -9.01 -0.18 7.26
CA PRO A 28 -8.24 -1.43 7.29
C PRO A 28 -8.54 -2.32 6.10
N ASP A 29 -9.77 -2.28 5.64
CA ASP A 29 -10.20 -3.06 4.49
C ASP A 29 -9.54 -2.52 3.24
N LEU A 30 -9.57 -1.20 3.10
CA LEU A 30 -8.90 -0.52 1.99
C LEU A 30 -7.39 -0.76 2.08
N ALA A 31 -6.86 -0.58 3.27
CA ALA A 31 -5.43 -0.73 3.54
C ALA A 31 -4.95 -2.12 3.23
N ASP A 32 -5.74 -3.12 3.55
CA ASP A 32 -5.37 -4.47 3.26
C ASP A 32 -5.33 -4.69 1.77
N HIS A 33 -6.30 -4.12 1.06
CA HIS A 33 -6.33 -4.18 -0.38
C HIS A 33 -5.07 -3.53 -0.95
N ILE A 34 -4.74 -2.34 -0.46
CA ILE A 34 -3.52 -1.68 -0.84
C ILE A 34 -2.31 -2.56 -0.56
N ARG A 35 -2.21 -3.02 0.63
CA ARG A 35 -1.07 -3.76 1.03
C ARG A 35 -0.94 -5.06 0.21
N SER A 36 -2.06 -5.67 -0.09
CA SER A 36 -2.09 -6.95 -0.78
C SER A 36 -1.95 -6.83 -2.32
N ILE A 37 -2.62 -5.90 -2.93
CA ILE A 37 -2.62 -5.85 -4.39
C ILE A 37 -1.82 -4.67 -4.94
N HIS A 38 -1.50 -3.76 -4.08
CA HIS A 38 -0.73 -2.60 -4.51
C HIS A 38 0.70 -2.79 -4.08
N VAL A 39 0.92 -2.80 -2.78
CA VAL A 39 2.25 -2.94 -2.19
C VAL A 39 2.87 -4.28 -2.53
N ASP A 40 2.16 -5.31 -2.17
CA ASP A 40 2.58 -6.72 -2.35
C ASP A 40 2.66 -7.06 -3.84
N GLY A 41 1.96 -6.29 -4.64
CA GLY A 41 1.86 -6.54 -6.04
C GLY A 41 3.03 -5.97 -6.85
N GLN A 42 3.77 -5.06 -6.26
CA GLN A 42 4.84 -4.38 -6.93
C GLN A 42 6.18 -5.04 -6.78
N ARG A 43 6.20 -6.26 -6.28
CA ARG A 43 7.44 -7.00 -6.08
C ARG A 43 8.04 -7.45 -7.40
N GLY A 44 8.71 -6.52 -8.00
CA GLY A 44 9.41 -6.74 -9.23
C GLY A 44 10.69 -5.96 -9.22
N GLY A 45 11.21 -5.77 -8.03
CA GLY A 45 12.47 -5.08 -7.83
C GLY A 45 12.34 -3.57 -7.72
N VAL A 46 11.28 -3.01 -8.26
CA VAL A 46 11.01 -1.60 -8.16
C VAL A 46 9.55 -1.42 -7.83
N PHE A 47 9.28 -0.47 -7.01
CA PHE A 47 7.95 -0.20 -6.53
C PHE A 47 7.57 1.21 -6.95
N VAL A 48 6.34 1.39 -7.31
CA VAL A 48 5.88 2.64 -7.89
C VAL A 48 4.46 2.99 -7.43
N CYS A 49 4.28 4.23 -7.03
CA CYS A 49 2.98 4.70 -6.67
C CYS A 49 2.27 5.05 -7.96
N LEU A 50 1.09 4.58 -8.12
CA LEU A 50 0.28 4.94 -9.26
C LEU A 50 -0.92 5.67 -8.77
N TRP A 51 -0.81 6.19 -7.56
CA TRP A 51 -1.89 6.88 -6.95
C TRP A 51 -1.99 8.27 -7.52
N LYS A 52 -3.00 8.45 -8.32
CA LYS A 52 -3.26 9.71 -8.92
C LYS A 52 -3.66 10.67 -7.86
N GLY A 53 -2.81 11.58 -7.61
CA GLY A 53 -2.95 12.49 -6.55
C GLY A 53 -1.61 12.84 -6.01
N CYS A 54 -0.68 11.89 -6.11
CA CYS A 54 0.67 12.14 -5.73
C CYS A 54 1.36 12.95 -6.79
N LYS A 55 2.24 13.77 -6.41
CA LYS A 55 3.09 14.49 -7.32
C LYS A 55 4.26 13.61 -7.83
N VAL A 56 4.39 12.41 -7.26
CA VAL A 56 5.56 11.56 -7.52
C VAL A 56 5.17 10.19 -8.08
N TYR A 57 3.94 10.04 -8.48
CA TYR A 57 3.49 8.76 -8.94
C TYR A 57 4.05 8.45 -10.33
N ASN A 58 4.06 7.17 -10.68
CA ASN A 58 4.58 6.64 -11.92
C ASN A 58 6.10 6.81 -11.96
N THR A 59 6.70 6.70 -10.79
CA THR A 59 8.14 6.80 -10.66
C THR A 59 8.64 5.70 -9.71
N PRO A 60 9.27 4.66 -10.27
CA PRO A 60 9.72 3.49 -9.51
C PRO A 60 10.88 3.79 -8.55
N SER A 61 10.74 3.27 -7.35
CA SER A 61 11.72 3.37 -6.30
C SER A 61 12.07 1.91 -5.91
N THR A 62 13.22 1.65 -5.36
CA THR A 62 13.60 0.27 -5.07
C THR A 62 13.33 -0.17 -3.62
N SER A 63 12.91 0.75 -2.79
CA SER A 63 12.66 0.43 -1.42
C SER A 63 11.19 0.06 -1.15
N GLN A 64 10.99 -1.19 -0.79
CA GLN A 64 9.68 -1.76 -0.48
C GLN A 64 9.05 -1.01 0.70
N SER A 65 9.85 -0.75 1.71
CA SER A 65 9.40 -0.08 2.90
C SER A 65 9.03 1.37 2.60
N TRP A 66 9.73 1.98 1.63
CA TRP A 66 9.47 3.35 1.25
C TRP A 66 8.11 3.47 0.60
N LEU A 67 7.78 2.49 -0.22
CA LEU A 67 6.52 2.42 -0.88
C LEU A 67 5.40 2.36 0.17
N GLN A 68 5.62 1.53 1.18
CA GLN A 68 4.66 1.37 2.28
C GLN A 68 4.57 2.64 3.11
N ARG A 69 5.69 3.29 3.28
CA ARG A 69 5.78 4.54 4.02
C ARG A 69 5.00 5.63 3.27
N HIS A 70 5.04 5.56 1.96
CA HIS A 70 4.32 6.46 1.10
C HIS A 70 2.81 6.12 1.12
N MET A 71 2.49 4.87 0.83
CA MET A 71 1.10 4.37 0.75
C MET A 71 0.37 4.51 2.06
N LEU A 72 1.13 4.61 3.13
CA LEU A 72 0.62 4.78 4.48
C LEU A 72 -0.31 6.00 4.57
N THR A 73 -0.01 7.02 3.80
CA THR A 73 -0.80 8.23 3.80
C THR A 73 -2.10 8.05 3.00
N HIS A 74 -2.11 7.04 2.14
CA HIS A 74 -3.23 6.83 1.24
C HIS A 74 -4.29 5.90 1.87
N SER A 75 -3.84 4.78 2.40
CA SER A 75 -4.76 3.80 2.93
C SER A 75 -5.05 3.95 4.43
N GLY A 76 -4.09 4.48 5.16
CA GLY A 76 -4.26 4.59 6.59
C GLY A 76 -3.93 3.32 7.29
N ASP A 77 -2.80 2.77 6.96
CA ASP A 77 -2.33 1.56 7.57
C ASP A 77 -1.77 1.79 8.94
N LYS A 78 -1.56 0.71 9.60
CA LYS A 78 -0.91 0.68 10.87
C LYS A 78 -0.06 -0.61 10.98
N PRO A 79 -0.67 -1.83 10.94
CA PRO A 79 0.10 -3.06 10.91
C PRO A 79 0.75 -3.29 9.54
N PHE A 80 2.04 -3.09 9.48
CA PHE A 80 2.79 -3.30 8.27
C PHE A 80 3.06 -4.78 8.10
N LYS A 81 2.26 -5.38 7.27
CA LYS A 81 2.33 -6.79 6.95
C LYS A 81 3.40 -7.05 5.88
N CYS A 82 4.18 -8.12 6.10
CA CYS A 82 5.28 -8.52 5.22
C CYS A 82 4.76 -8.75 3.80
N VAL A 83 5.58 -8.41 2.85
CA VAL A 83 5.22 -8.41 1.46
C VAL A 83 5.57 -9.73 0.76
N VAL A 84 6.32 -10.54 1.44
CA VAL A 84 6.74 -11.81 0.90
C VAL A 84 5.60 -12.80 0.85
N GLY A 85 5.45 -13.46 -0.29
CA GLY A 85 4.43 -14.47 -0.45
C GLY A 85 4.75 -15.67 0.41
N GLY A 86 4.11 -15.74 1.55
CA GLY A 86 4.32 -16.81 2.46
C GLY A 86 4.78 -16.30 3.81
N CYS A 87 5.24 -15.07 3.83
CA CYS A 87 5.74 -14.48 5.03
C CYS A 87 4.70 -13.53 5.57
N ASN A 88 4.34 -13.76 6.76
CA ASN A 88 3.43 -12.87 7.45
C ASN A 88 4.13 -12.33 8.66
N ALA A 89 4.51 -11.12 8.59
CA ALA A 89 5.09 -10.45 9.70
C ALA A 89 4.57 -9.05 9.70
N SER A 90 3.64 -8.79 10.58
CA SER A 90 2.99 -7.51 10.62
C SER A 90 3.35 -6.79 11.90
N PHE A 91 3.80 -5.57 11.77
CA PHE A 91 4.19 -4.80 12.92
C PHE A 91 3.50 -3.45 12.88
N ALA A 92 3.05 -2.99 14.02
CA ALA A 92 2.34 -1.73 14.13
C ALA A 92 3.27 -0.55 13.85
N SER A 93 4.54 -0.77 13.98
CA SER A 93 5.52 0.20 13.69
C SER A 93 6.31 -0.32 12.51
N GLN A 94 6.76 0.54 11.64
CA GLN A 94 7.37 0.06 10.42
C GLN A 94 8.80 -0.38 10.64
N GLY A 95 9.43 0.11 11.68
CA GLY A 95 10.84 -0.20 11.96
C GLY A 95 11.13 -1.70 11.95
N GLY A 96 10.26 -2.46 12.57
CA GLY A 96 10.41 -3.89 12.62
C GLY A 96 10.33 -4.52 11.25
N LEU A 97 9.35 -4.10 10.49
CA LEU A 97 9.16 -4.60 9.15
C LEU A 97 10.27 -4.13 8.22
N ALA A 98 10.65 -2.87 8.35
CA ALA A 98 11.67 -2.25 7.50
C ALA A 98 13.02 -2.93 7.65
N ARG A 99 13.24 -3.59 8.75
CA ARG A 99 14.46 -4.32 8.98
C ARG A 99 14.30 -5.79 8.58
N HIS A 100 13.07 -6.25 8.55
CA HIS A 100 12.73 -7.64 8.20
C HIS A 100 12.66 -7.82 6.69
N VAL A 101 12.05 -6.89 6.03
CA VAL A 101 11.89 -6.91 4.57
C VAL A 101 13.21 -7.05 3.78
N PRO A 102 14.29 -6.27 4.10
CA PRO A 102 15.54 -6.34 3.36
C PRO A 102 16.22 -7.69 3.50
N THR A 103 15.78 -8.50 4.47
CA THR A 103 16.43 -9.78 4.67
C THR A 103 15.91 -10.79 3.66
N HIS A 104 14.75 -10.48 3.09
CA HIS A 104 14.14 -11.34 2.09
C HIS A 104 14.67 -10.98 0.73
N PHE A 105 14.95 -9.69 0.52
CA PHE A 105 15.51 -9.20 -0.75
C PHE A 105 16.90 -9.75 -0.99
N SER A 106 17.53 -10.18 0.09
CA SER A 106 18.79 -10.85 0.02
C SER A 106 18.57 -12.24 -0.60
N GLN A 107 18.76 -12.31 -1.90
CA GLN A 107 18.54 -13.53 -2.66
C GLN A 107 19.76 -13.82 -3.50
N GLN A 108 20.86 -13.16 -3.13
CA GLN A 108 22.13 -13.24 -3.85
C GLN A 108 21.98 -12.58 -5.23
N ASN A 109 21.74 -11.30 -5.19
CA ASN A 109 21.58 -10.50 -6.40
C ASN A 109 22.91 -9.98 -6.89
ZN ZN B . -7.11 -0.91 -5.58
ZN ZN C . 1.23 8.02 -3.99
ZN ZN D . 8.49 -11.44 5.96
N MET A 1 -11.69 8.96 -21.07
CA MET A 1 -11.43 8.70 -19.66
C MET A 1 -11.18 9.99 -18.90
N GLY A 2 -10.02 10.59 -19.10
CA GLY A 2 -9.66 11.77 -18.36
C GLY A 2 -10.01 13.05 -19.05
N HIS A 3 -11.25 13.18 -19.43
CA HIS A 3 -11.76 14.40 -20.06
C HIS A 3 -13.18 14.61 -19.61
N HIS A 4 -13.60 15.86 -19.61
CA HIS A 4 -14.94 16.33 -19.17
C HIS A 4 -15.01 16.35 -17.63
N HIS A 5 -14.40 15.37 -17.04
CA HIS A 5 -14.18 15.28 -15.63
C HIS A 5 -12.86 14.57 -15.45
N HIS A 6 -11.79 15.32 -15.42
CA HIS A 6 -10.47 14.77 -15.29
C HIS A 6 -10.17 14.57 -13.82
N HIS A 7 -9.80 13.34 -13.49
CA HIS A 7 -9.47 12.91 -12.13
C HIS A 7 -10.71 12.95 -11.26
N HIS A 8 -11.39 11.83 -11.18
CA HIS A 8 -12.63 11.69 -10.42
C HIS A 8 -12.36 11.98 -8.95
N ASN A 9 -13.30 12.65 -8.29
CA ASN A 9 -13.10 13.04 -6.89
C ASN A 9 -13.27 11.88 -5.93
N ASN A 10 -13.98 10.83 -6.39
CA ASN A 10 -14.14 9.56 -5.62
C ASN A 10 -15.13 9.63 -4.46
N ILE A 11 -15.98 8.61 -4.37
CA ILE A 11 -16.84 8.44 -3.23
C ILE A 11 -16.27 7.27 -2.45
N ALA A 12 -16.46 7.28 -1.15
CA ALA A 12 -16.00 6.24 -0.28
C ALA A 12 -14.50 6.24 -0.34
N TYR A 13 -13.92 5.11 -0.39
CA TYR A 13 -12.49 5.05 -0.41
C TYR A 13 -12.03 4.13 -1.51
N ASN A 14 -12.12 4.63 -2.71
CA ASN A 14 -11.55 3.92 -3.87
C ASN A 14 -10.08 4.19 -3.95
N CYS A 15 -9.28 3.16 -4.10
CA CYS A 15 -7.91 3.37 -4.38
C CYS A 15 -7.84 3.73 -5.85
N CYS A 16 -6.93 4.58 -6.22
CA CYS A 16 -6.82 4.91 -7.61
C CYS A 16 -5.42 4.60 -8.09
N TRP A 17 -5.15 3.34 -8.29
CA TRP A 17 -3.82 2.89 -8.62
C TRP A 17 -3.83 2.16 -9.94
N ASP A 18 -3.43 2.83 -10.98
CA ASP A 18 -3.32 2.29 -12.34
C ASP A 18 -4.51 1.42 -12.74
N GLN A 19 -5.67 2.01 -12.54
CA GLN A 19 -6.96 1.45 -12.89
C GLN A 19 -7.53 0.47 -11.87
N CYS A 20 -6.84 0.30 -10.72
CA CYS A 20 -7.40 -0.43 -9.64
C CYS A 20 -8.49 0.43 -9.10
N GLN A 21 -9.70 0.11 -9.41
CA GLN A 21 -10.81 0.79 -8.84
C GLN A 21 -11.42 -0.14 -7.88
N ALA A 22 -11.04 0.04 -6.68
CA ALA A 22 -11.39 -0.82 -5.63
C ALA A 22 -11.75 0.04 -4.45
N CYS A 23 -12.88 -0.22 -3.85
CA CYS A 23 -13.38 0.69 -2.84
C CYS A 23 -13.79 -0.02 -1.60
N PHE A 24 -13.36 0.51 -0.49
CA PHE A 24 -13.73 0.00 0.79
C PHE A 24 -14.28 1.14 1.61
N ASN A 25 -15.07 0.84 2.60
CA ASN A 25 -15.65 1.88 3.44
C ASN A 25 -14.91 1.95 4.75
N SER A 26 -13.99 1.03 4.92
CA SER A 26 -13.17 0.99 6.07
C SER A 26 -11.72 1.28 5.69
N SER A 27 -11.03 1.95 6.58
CA SER A 27 -9.64 2.28 6.39
C SER A 27 -8.76 1.01 6.38
N PRO A 28 -8.88 0.09 7.40
CA PRO A 28 -8.07 -1.13 7.44
C PRO A 28 -8.33 -2.05 6.25
N ASP A 29 -9.58 -2.09 5.78
CA ASP A 29 -9.95 -2.91 4.62
C ASP A 29 -9.26 -2.41 3.38
N LEU A 30 -9.33 -1.10 3.14
CA LEU A 30 -8.64 -0.49 2.01
C LEU A 30 -7.12 -0.64 2.16
N ALA A 31 -6.63 -0.40 3.37
CA ALA A 31 -5.19 -0.48 3.67
C ALA A 31 -4.64 -1.85 3.35
N ASP A 32 -5.38 -2.87 3.74
CA ASP A 32 -5.02 -4.24 3.50
C ASP A 32 -5.02 -4.53 2.01
N HIS A 33 -5.99 -3.95 1.31
CA HIS A 33 -6.06 -4.06 -0.15
C HIS A 33 -4.79 -3.50 -0.76
N ILE A 34 -4.40 -2.30 -0.33
CA ILE A 34 -3.16 -1.72 -0.75
C ILE A 34 -1.97 -2.65 -0.43
N ARG A 35 -1.94 -3.17 0.76
CA ARG A 35 -0.84 -4.00 1.19
C ARG A 35 -0.78 -5.31 0.41
N SER A 36 -1.92 -5.78 -0.02
CA SER A 36 -2.04 -7.05 -0.68
C SER A 36 -1.94 -6.97 -2.21
N ILE A 37 -2.57 -6.01 -2.82
CA ILE A 37 -2.56 -5.97 -4.28
C ILE A 37 -1.71 -4.83 -4.83
N HIS A 38 -1.36 -3.90 -3.98
CA HIS A 38 -0.57 -2.76 -4.41
C HIS A 38 0.88 -2.97 -4.03
N VAL A 39 1.16 -2.92 -2.73
CA VAL A 39 2.51 -3.09 -2.19
C VAL A 39 3.06 -4.46 -2.57
N ASP A 40 2.30 -5.49 -2.21
CA ASP A 40 2.63 -6.89 -2.57
C ASP A 40 2.72 -7.07 -4.09
N GLY A 41 1.95 -6.26 -4.80
CA GLY A 41 1.85 -6.34 -6.24
C GLY A 41 3.07 -5.77 -6.96
N GLN A 42 3.83 -4.94 -6.26
CA GLN A 42 4.93 -4.22 -6.85
C GLN A 42 6.27 -4.91 -6.71
N ARG A 43 6.27 -6.17 -6.38
CA ARG A 43 7.52 -6.87 -6.22
C ARG A 43 8.16 -7.25 -7.57
N GLY A 44 8.75 -6.27 -8.18
CA GLY A 44 9.48 -6.46 -9.42
C GLY A 44 10.87 -5.91 -9.30
N GLY A 45 11.25 -5.60 -8.08
CA GLY A 45 12.54 -5.04 -7.80
C GLY A 45 12.48 -3.54 -7.63
N VAL A 46 11.46 -2.93 -8.21
CA VAL A 46 11.20 -1.54 -8.08
C VAL A 46 9.72 -1.40 -7.79
N PHE A 47 9.42 -0.50 -6.94
CA PHE A 47 8.05 -0.25 -6.55
C PHE A 47 7.68 1.11 -7.09
N VAL A 48 6.44 1.33 -7.34
CA VAL A 48 5.97 2.53 -7.95
C VAL A 48 4.51 2.80 -7.58
N CYS A 49 4.27 3.97 -7.13
CA CYS A 49 2.94 4.35 -6.81
C CYS A 49 2.32 4.82 -8.12
N LEU A 50 1.18 4.31 -8.43
CA LEU A 50 0.45 4.71 -9.63
C LEU A 50 -0.84 5.34 -9.18
N TRP A 51 -0.81 5.82 -7.98
CA TRP A 51 -1.94 6.37 -7.35
C TRP A 51 -2.14 7.80 -7.78
N LYS A 52 -3.18 8.03 -8.51
CA LYS A 52 -3.60 9.36 -8.84
C LYS A 52 -3.92 10.12 -7.56
N GLY A 53 -3.10 11.07 -7.26
CA GLY A 53 -3.24 11.82 -6.05
C GLY A 53 -1.90 12.15 -5.49
N CYS A 54 -0.92 11.32 -5.82
CA CYS A 54 0.44 11.52 -5.41
C CYS A 54 1.11 12.58 -6.27
N LYS A 55 2.01 13.29 -5.69
CA LYS A 55 2.81 14.27 -6.41
C LYS A 55 4.06 13.60 -7.03
N VAL A 56 4.22 12.29 -6.82
CA VAL A 56 5.44 11.57 -7.23
C VAL A 56 5.14 10.22 -7.86
N TYR A 57 3.91 9.96 -8.19
CA TYR A 57 3.55 8.65 -8.73
C TYR A 57 4.18 8.44 -10.12
N ASN A 58 4.27 7.16 -10.52
CA ASN A 58 4.86 6.74 -11.79
C ASN A 58 6.38 6.93 -11.73
N THR A 59 6.92 6.78 -10.54
CA THR A 59 8.32 6.91 -10.26
C THR A 59 8.75 5.69 -9.43
N PRO A 60 9.56 4.79 -10.00
CA PRO A 60 10.00 3.59 -9.33
C PRO A 60 11.10 3.81 -8.27
N SER A 61 10.86 3.28 -7.10
CA SER A 61 11.75 3.31 -5.99
C SER A 61 12.11 1.87 -5.65
N THR A 62 13.21 1.67 -5.00
CA THR A 62 13.60 0.36 -4.59
C THR A 62 13.48 0.22 -3.08
N SER A 63 12.92 1.23 -2.45
CA SER A 63 12.76 1.23 -1.01
C SER A 63 11.34 0.79 -0.64
N GLN A 64 11.21 -0.45 -0.18
CA GLN A 64 9.93 -1.06 0.15
C GLN A 64 9.23 -0.34 1.29
N SER A 65 9.98 0.05 2.28
CA SER A 65 9.43 0.72 3.41
C SER A 65 8.99 2.14 3.06
N TRP A 66 9.66 2.75 2.10
CA TRP A 66 9.31 4.08 1.67
C TRP A 66 7.99 4.07 0.94
N LEU A 67 7.81 3.07 0.11
CA LEU A 67 6.60 2.88 -0.62
C LEU A 67 5.43 2.75 0.36
N GLN A 68 5.64 1.96 1.40
CA GLN A 68 4.65 1.76 2.42
C GLN A 68 4.41 3.04 3.22
N ARG A 69 5.46 3.79 3.49
CA ARG A 69 5.35 5.09 4.15
C ARG A 69 4.53 6.07 3.29
N HIS A 70 4.73 5.99 2.00
CA HIS A 70 4.01 6.80 1.06
C HIS A 70 2.54 6.37 1.00
N MET A 71 2.30 5.09 0.85
CA MET A 71 0.93 4.59 0.76
C MET A 71 0.19 4.66 2.08
N LEU A 72 0.94 4.74 3.15
CA LEU A 72 0.39 4.91 4.49
C LEU A 72 -0.46 6.16 4.55
N THR A 73 -0.01 7.20 3.88
CA THR A 73 -0.71 8.46 3.89
C THR A 73 -1.97 8.43 3.00
N HIS A 74 -2.15 7.36 2.24
CA HIS A 74 -3.31 7.24 1.38
C HIS A 74 -4.45 6.56 2.16
N SER A 75 -4.16 5.45 2.79
CA SER A 75 -5.15 4.71 3.52
C SER A 75 -5.29 5.16 4.98
N GLY A 76 -4.20 5.68 5.54
CA GLY A 76 -4.19 6.14 6.93
C GLY A 76 -4.34 5.01 7.87
N ASP A 77 -3.51 4.05 7.69
CA ASP A 77 -3.51 2.86 8.47
C ASP A 77 -2.35 2.88 9.45
N LYS A 78 -1.94 1.73 9.84
CA LYS A 78 -0.96 1.53 10.85
C LYS A 78 -0.17 0.20 10.62
N PRO A 79 -0.84 -1.00 10.60
CA PRO A 79 -0.17 -2.29 10.39
C PRO A 79 0.50 -2.45 9.02
N PHE A 80 1.77 -2.75 9.06
CA PHE A 80 2.54 -3.01 7.89
C PHE A 80 2.73 -4.48 7.80
N LYS A 81 2.24 -5.06 6.74
CA LYS A 81 2.33 -6.46 6.47
C LYS A 81 3.44 -6.72 5.45
N CYS A 82 4.01 -7.91 5.49
CA CYS A 82 5.09 -8.30 4.62
C CYS A 82 4.64 -8.26 3.15
N VAL A 83 5.57 -7.98 2.29
CA VAL A 83 5.30 -7.82 0.88
C VAL A 83 5.32 -9.18 0.17
N VAL A 84 5.94 -10.12 0.79
CA VAL A 84 6.06 -11.45 0.26
C VAL A 84 4.75 -12.21 0.35
N GLY A 85 4.21 -12.57 -0.80
CA GLY A 85 3.02 -13.38 -0.84
C GLY A 85 3.37 -14.78 -0.41
N GLY A 86 3.11 -15.06 0.84
CA GLY A 86 3.48 -16.30 1.44
C GLY A 86 4.15 -16.04 2.76
N CYS A 87 4.45 -14.78 3.02
CA CYS A 87 5.03 -14.37 4.24
C CYS A 87 4.03 -13.50 4.97
N ASN A 88 3.88 -13.77 6.21
CA ASN A 88 3.00 -13.01 7.06
C ASN A 88 3.79 -12.37 8.19
N ALA A 89 3.91 -11.08 8.14
CA ALA A 89 4.55 -10.34 9.18
C ALA A 89 3.89 -9.01 9.25
N SER A 90 3.30 -8.69 10.34
CA SER A 90 2.62 -7.44 10.48
C SER A 90 3.07 -6.70 11.72
N PHE A 91 3.49 -5.48 11.52
CA PHE A 91 3.97 -4.64 12.61
C PHE A 91 3.25 -3.32 12.56
N ALA A 92 3.27 -2.60 13.64
CA ALA A 92 2.61 -1.30 13.70
C ALA A 92 3.56 -0.24 13.17
N SER A 93 4.82 -0.50 13.29
CA SER A 93 5.81 0.40 12.84
C SER A 93 6.73 -0.28 11.84
N GLN A 94 7.41 0.50 11.05
CA GLN A 94 8.30 -0.02 10.04
C GLN A 94 9.54 -0.68 10.61
N GLY A 95 9.96 -0.28 11.81
CA GLY A 95 11.22 -0.77 12.41
C GLY A 95 11.42 -2.28 12.35
N GLY A 96 10.41 -3.03 12.69
CA GLY A 96 10.53 -4.47 12.68
C GLY A 96 10.40 -5.05 11.29
N LEU A 97 9.53 -4.48 10.50
CA LEU A 97 9.25 -5.00 9.18
C LEU A 97 10.32 -4.61 8.17
N ALA A 98 10.88 -3.43 8.32
CA ALA A 98 11.89 -2.90 7.41
C ALA A 98 13.18 -3.70 7.50
N ARG A 99 13.33 -4.44 8.55
CA ARG A 99 14.48 -5.29 8.73
C ARG A 99 14.17 -6.70 8.24
N HIS A 100 12.90 -7.00 8.18
CA HIS A 100 12.40 -8.30 7.75
C HIS A 100 12.29 -8.36 6.23
N VAL A 101 11.81 -7.31 5.63
CA VAL A 101 11.66 -7.26 4.17
C VAL A 101 12.95 -7.52 3.36
N PRO A 102 14.10 -6.86 3.68
CA PRO A 102 15.32 -7.02 2.90
C PRO A 102 15.87 -8.44 3.00
N THR A 103 15.37 -9.22 3.97
CA THR A 103 15.87 -10.59 4.11
C THR A 103 15.39 -11.41 2.93
N HIS A 104 14.19 -11.10 2.47
CA HIS A 104 13.55 -11.84 1.41
C HIS A 104 14.18 -11.50 0.08
N PHE A 105 14.56 -10.25 -0.09
CA PHE A 105 15.21 -9.78 -1.30
C PHE A 105 16.62 -10.36 -1.39
N SER A 106 17.06 -10.92 -0.30
CA SER A 106 18.37 -11.52 -0.18
C SER A 106 18.28 -13.04 -0.34
N GLN A 107 17.07 -13.56 -0.49
CA GLN A 107 16.86 -14.99 -0.56
C GLN A 107 16.25 -15.39 -1.89
N GLN A 108 16.52 -14.62 -2.90
CA GLN A 108 16.07 -14.94 -4.24
C GLN A 108 17.20 -15.63 -5.01
N ASN A 109 18.28 -15.87 -4.28
CA ASN A 109 19.46 -16.59 -4.77
C ASN A 109 19.44 -18.02 -4.22
ZN ZN B . -6.88 -0.97 -5.45
ZN ZN C . 0.99 7.35 -4.11
ZN ZN D . 7.96 -11.54 5.22
N MET A 1 -13.71 21.65 -2.25
CA MET A 1 -12.96 20.42 -1.98
C MET A 1 -11.83 20.71 -1.04
N GLY A 2 -11.36 19.69 -0.39
CA GLY A 2 -10.30 19.83 0.57
C GLY A 2 -10.27 18.63 1.45
N HIS A 3 -9.77 17.56 0.93
CA HIS A 3 -9.77 16.30 1.63
C HIS A 3 -8.44 15.94 2.22
N HIS A 4 -8.52 15.50 3.43
CA HIS A 4 -7.41 15.06 4.25
C HIS A 4 -8.04 14.59 5.53
N HIS A 5 -7.88 13.32 5.83
CA HIS A 5 -8.51 12.68 7.00
C HIS A 5 -10.04 12.61 6.82
N HIS A 6 -10.51 11.44 6.49
CA HIS A 6 -11.93 11.23 6.28
C HIS A 6 -12.56 10.71 7.55
N HIS A 7 -13.51 11.46 8.06
CA HIS A 7 -14.18 11.12 9.32
C HIS A 7 -15.39 10.24 9.06
N HIS A 8 -16.26 10.68 8.18
CA HIS A 8 -17.52 9.95 7.91
C HIS A 8 -17.33 8.90 6.86
N ASN A 9 -16.17 8.89 6.24
CA ASN A 9 -15.91 8.06 5.08
C ASN A 9 -16.93 8.36 4.01
N ASN A 10 -16.76 9.54 3.43
CA ASN A 10 -17.74 10.15 2.53
C ASN A 10 -17.66 9.60 1.12
N ILE A 11 -16.76 8.70 0.91
CA ILE A 11 -16.58 8.13 -0.37
C ILE A 11 -16.08 6.71 -0.16
N ALA A 12 -16.30 5.88 -1.12
CA ALA A 12 -15.85 4.53 -1.10
C ALA A 12 -14.47 4.56 -1.66
N TYR A 13 -13.53 4.10 -0.91
CA TYR A 13 -12.15 4.27 -1.25
C TYR A 13 -11.69 3.35 -2.30
N ASN A 14 -11.92 3.78 -3.50
CA ASN A 14 -11.43 3.13 -4.65
C ASN A 14 -10.06 3.66 -4.88
N CYS A 15 -9.09 2.82 -4.70
CA CYS A 15 -7.74 3.24 -4.81
C CYS A 15 -7.44 3.65 -6.23
N CYS A 16 -7.17 4.90 -6.44
CA CYS A 16 -6.88 5.31 -7.76
C CYS A 16 -5.41 5.06 -8.04
N TRP A 17 -5.11 3.81 -8.17
CA TRP A 17 -3.84 3.30 -8.45
C TRP A 17 -3.99 2.47 -9.66
N ASP A 18 -3.64 3.00 -10.82
CA ASP A 18 -3.65 2.28 -12.03
C ASP A 18 -5.08 1.86 -12.22
N GLN A 19 -5.30 0.74 -12.71
CA GLN A 19 -6.61 0.23 -12.78
C GLN A 19 -6.84 -0.81 -11.72
N CYS A 20 -6.99 -0.34 -10.50
CA CYS A 20 -7.35 -1.12 -9.38
C CYS A 20 -8.61 -0.53 -8.85
N GLN A 21 -9.71 -0.90 -9.42
CA GLN A 21 -10.94 -0.41 -8.92
C GLN A 21 -11.44 -1.37 -7.89
N ALA A 22 -11.11 -1.03 -6.69
CA ALA A 22 -11.37 -1.79 -5.53
C ALA A 22 -11.67 -0.77 -4.46
N CYS A 23 -12.74 -0.95 -3.73
CA CYS A 23 -13.18 0.09 -2.82
C CYS A 23 -13.62 -0.47 -1.49
N PHE A 24 -13.08 0.10 -0.43
CA PHE A 24 -13.41 -0.31 0.92
C PHE A 24 -13.77 0.94 1.70
N ASN A 25 -14.53 0.78 2.75
CA ASN A 25 -14.91 1.90 3.60
C ASN A 25 -13.93 1.97 4.75
N SER A 26 -13.55 0.80 5.20
CA SER A 26 -12.68 0.68 6.32
C SER A 26 -11.23 0.79 5.90
N SER A 27 -10.45 1.46 6.70
CA SER A 27 -9.07 1.69 6.41
C SER A 27 -8.24 0.39 6.46
N PRO A 28 -8.41 -0.53 7.48
CA PRO A 28 -7.65 -1.79 7.53
C PRO A 28 -7.96 -2.70 6.34
N ASP A 29 -9.23 -2.79 5.94
CA ASP A 29 -9.64 -3.61 4.78
C ASP A 29 -8.99 -3.07 3.53
N LEU A 30 -9.09 -1.77 3.36
CA LEU A 30 -8.45 -1.08 2.28
C LEU A 30 -6.94 -1.31 2.30
N ALA A 31 -6.31 -1.04 3.45
CA ALA A 31 -4.86 -1.18 3.65
C ALA A 31 -4.37 -2.61 3.42
N ASP A 32 -5.20 -3.57 3.76
CA ASP A 32 -4.93 -4.97 3.51
C ASP A 32 -4.87 -5.24 2.03
N HIS A 33 -5.83 -4.73 1.29
CA HIS A 33 -5.82 -4.87 -0.15
C HIS A 33 -4.63 -4.09 -0.74
N ILE A 34 -4.32 -2.93 -0.17
CA ILE A 34 -3.10 -2.24 -0.53
C ILE A 34 -1.86 -3.15 -0.34
N ARG A 35 -1.72 -3.81 0.77
CA ARG A 35 -0.52 -4.62 1.00
C ARG A 35 -0.49 -5.79 0.05
N SER A 36 -1.63 -6.31 -0.21
CA SER A 36 -1.78 -7.52 -0.95
C SER A 36 -1.76 -7.30 -2.48
N ILE A 37 -2.50 -6.34 -2.96
CA ILE A 37 -2.60 -6.12 -4.40
C ILE A 37 -1.78 -4.91 -4.87
N HIS A 38 -1.34 -4.08 -3.95
CA HIS A 38 -0.59 -2.90 -4.33
C HIS A 38 0.87 -3.06 -3.99
N VAL A 39 1.17 -3.20 -2.71
CA VAL A 39 2.55 -3.34 -2.26
C VAL A 39 3.13 -4.67 -2.78
N ASP A 40 2.37 -5.75 -2.60
CA ASP A 40 2.77 -7.08 -3.19
C ASP A 40 2.58 -7.05 -4.71
N GLY A 41 1.85 -6.07 -5.18
CA GLY A 41 1.57 -5.95 -6.59
C GLY A 41 2.70 -5.25 -7.32
N GLN A 42 3.54 -4.56 -6.57
CA GLN A 42 4.62 -3.78 -7.13
C GLN A 42 5.96 -4.43 -6.97
N ARG A 43 5.98 -5.60 -6.38
CA ARG A 43 7.24 -6.26 -6.09
C ARG A 43 7.87 -6.90 -7.32
N GLY A 44 8.44 -6.04 -8.13
CA GLY A 44 9.16 -6.43 -9.30
C GLY A 44 10.58 -5.92 -9.21
N GLY A 45 10.93 -5.47 -8.04
CA GLY A 45 12.23 -4.92 -7.79
C GLY A 45 12.19 -3.42 -7.69
N VAL A 46 11.18 -2.82 -8.30
CA VAL A 46 10.96 -1.40 -8.24
C VAL A 46 9.49 -1.16 -7.99
N PHE A 47 9.22 -0.33 -7.04
CA PHE A 47 7.86 -0.04 -6.63
C PHE A 47 7.50 1.32 -7.17
N VAL A 48 6.24 1.56 -7.35
CA VAL A 48 5.78 2.78 -7.96
C VAL A 48 4.35 3.10 -7.54
N CYS A 49 4.16 4.32 -7.10
CA CYS A 49 2.85 4.77 -6.76
C CYS A 49 2.17 5.14 -8.05
N LEU A 50 0.97 4.78 -8.19
CA LEU A 50 0.19 5.13 -9.34
C LEU A 50 -0.99 5.97 -8.92
N TRP A 51 -0.91 6.50 -7.72
CA TRP A 51 -1.98 7.29 -7.16
C TRP A 51 -1.98 8.69 -7.66
N LYS A 52 -3.00 8.99 -8.42
CA LYS A 52 -3.28 10.34 -8.82
C LYS A 52 -3.46 11.19 -7.58
N GLY A 53 -2.57 12.12 -7.40
CA GLY A 53 -2.58 12.92 -6.21
C GLY A 53 -1.18 13.15 -5.69
N CYS A 54 -0.29 12.20 -5.94
CA CYS A 54 1.09 12.33 -5.56
C CYS A 54 1.83 13.17 -6.57
N LYS A 55 2.81 13.90 -6.13
CA LYS A 55 3.68 14.63 -7.04
C LYS A 55 4.89 13.73 -7.44
N VAL A 56 4.85 12.48 -6.99
CA VAL A 56 5.97 11.54 -7.18
C VAL A 56 5.51 10.20 -7.68
N TYR A 57 4.28 10.11 -8.13
CA TYR A 57 3.80 8.84 -8.59
C TYR A 57 4.36 8.56 -9.98
N ASN A 58 4.17 7.34 -10.44
CA ASN A 58 4.61 6.89 -11.75
C ASN A 58 6.14 6.91 -11.81
N THR A 59 6.74 6.86 -10.65
CA THR A 59 8.15 6.92 -10.47
C THR A 59 8.59 5.70 -9.64
N PRO A 60 9.28 4.76 -10.27
CA PRO A 60 9.76 3.55 -9.60
C PRO A 60 10.92 3.83 -8.63
N SER A 61 10.81 3.28 -7.44
CA SER A 61 11.81 3.38 -6.39
C SER A 61 12.07 1.95 -5.86
N THR A 62 13.19 1.71 -5.23
CA THR A 62 13.50 0.36 -4.78
C THR A 62 13.32 0.21 -3.26
N SER A 63 12.96 1.28 -2.61
CA SER A 63 12.75 1.28 -1.20
C SER A 63 11.32 0.82 -0.83
N GLN A 64 11.23 -0.37 -0.25
CA GLN A 64 9.94 -0.95 0.10
C GLN A 64 9.27 -0.17 1.23
N SER A 65 10.08 0.32 2.14
CA SER A 65 9.61 1.08 3.27
C SER A 65 8.98 2.40 2.81
N TRP A 66 9.59 2.99 1.81
CA TRP A 66 9.19 4.27 1.23
C TRP A 66 7.78 4.16 0.70
N LEU A 67 7.54 3.13 -0.11
CA LEU A 67 6.27 2.91 -0.70
C LEU A 67 5.20 2.73 0.37
N GLN A 68 5.51 1.93 1.35
CA GLN A 68 4.59 1.66 2.44
C GLN A 68 4.28 2.93 3.27
N ARG A 69 5.27 3.78 3.54
CA ARG A 69 5.06 5.01 4.26
C ARG A 69 4.29 6.00 3.38
N HIS A 70 4.42 5.82 2.10
CA HIS A 70 3.72 6.61 1.12
C HIS A 70 2.25 6.19 1.11
N MET A 71 2.00 4.88 1.06
CA MET A 71 0.64 4.32 1.07
C MET A 71 -0.05 4.59 2.38
N LEU A 72 0.74 4.82 3.40
CA LEU A 72 0.28 5.22 4.72
C LEU A 72 -0.61 6.47 4.62
N THR A 73 -0.24 7.39 3.72
CA THR A 73 -1.00 8.62 3.55
C THR A 73 -2.17 8.41 2.59
N HIS A 74 -2.22 7.25 1.97
CA HIS A 74 -3.25 6.96 0.99
C HIS A 74 -4.38 6.16 1.60
N SER A 75 -4.05 5.10 2.31
CA SER A 75 -5.07 4.26 2.88
C SER A 75 -5.31 4.61 4.34
N GLY A 76 -4.29 5.12 5.01
CA GLY A 76 -4.39 5.31 6.43
C GLY A 76 -3.98 4.05 7.10
N ASP A 77 -2.73 3.71 6.90
CA ASP A 77 -2.20 2.48 7.41
C ASP A 77 -1.90 2.56 8.87
N LYS A 78 -1.66 1.44 9.41
CA LYS A 78 -1.20 1.25 10.73
C LYS A 78 -0.55 -0.15 10.83
N PRO A 79 -1.32 -1.26 10.60
CA PRO A 79 -0.77 -2.59 10.55
C PRO A 79 -0.10 -2.87 9.20
N PHE A 80 1.18 -2.87 9.21
CA PHE A 80 1.93 -3.13 8.02
C PHE A 80 2.19 -4.61 7.98
N LYS A 81 1.51 -5.29 7.08
CA LYS A 81 1.78 -6.68 6.83
C LYS A 81 2.95 -6.78 5.88
N CYS A 82 3.62 -7.93 5.88
CA CYS A 82 4.75 -8.17 5.01
C CYS A 82 4.32 -7.97 3.57
N VAL A 83 5.24 -7.53 2.75
CA VAL A 83 4.97 -7.25 1.36
C VAL A 83 4.66 -8.52 0.63
N VAL A 84 5.28 -9.57 1.08
CA VAL A 84 5.12 -10.84 0.50
C VAL A 84 3.73 -11.35 0.83
N GLY A 85 2.90 -11.52 -0.19
CA GLY A 85 1.52 -11.94 -0.02
C GLY A 85 1.34 -13.28 0.66
N GLY A 86 2.38 -14.08 0.70
CA GLY A 86 2.32 -15.34 1.36
C GLY A 86 2.95 -15.29 2.72
N CYS A 87 3.40 -14.11 3.12
CA CYS A 87 4.08 -13.93 4.35
C CYS A 87 3.22 -13.09 5.27
N ASN A 88 3.20 -13.46 6.51
CA ASN A 88 2.46 -12.70 7.48
C ASN A 88 3.35 -12.20 8.59
N ALA A 89 3.62 -10.95 8.55
CA ALA A 89 4.34 -10.28 9.56
C ALA A 89 3.77 -8.90 9.64
N SER A 90 2.91 -8.69 10.58
CA SER A 90 2.22 -7.42 10.67
C SER A 90 2.54 -6.70 11.95
N PHE A 91 2.88 -5.45 11.82
CA PHE A 91 3.21 -4.62 12.95
C PHE A 91 2.54 -3.28 12.76
N ALA A 92 2.27 -2.59 13.84
CA ALA A 92 1.66 -1.27 13.78
C ALA A 92 2.74 -0.21 13.48
N SER A 93 3.95 -0.67 13.36
CA SER A 93 5.07 0.17 13.07
C SER A 93 5.93 -0.51 12.02
N GLN A 94 6.75 0.27 11.40
CA GLN A 94 7.63 -0.18 10.36
C GLN A 94 8.88 -0.81 10.94
N GLY A 95 9.22 -0.43 12.16
CA GLY A 95 10.48 -0.86 12.80
C GLY A 95 10.74 -2.37 12.76
N GLY A 96 9.71 -3.15 12.98
CA GLY A 96 9.86 -4.59 12.94
C GLY A 96 9.85 -5.12 11.51
N LEU A 97 8.93 -4.62 10.73
CA LEU A 97 8.71 -5.09 9.39
C LEU A 97 9.86 -4.71 8.45
N ALA A 98 10.39 -3.53 8.62
CA ALA A 98 11.46 -3.02 7.77
C ALA A 98 12.73 -3.84 7.91
N ARG A 99 12.81 -4.62 8.96
CA ARG A 99 13.95 -5.50 9.18
C ARG A 99 13.65 -6.91 8.64
N HIS A 100 12.37 -7.21 8.51
CA HIS A 100 11.91 -8.49 8.02
C HIS A 100 11.84 -8.51 6.49
N VAL A 101 11.33 -7.45 5.91
CA VAL A 101 11.20 -7.34 4.46
C VAL A 101 12.50 -7.58 3.65
N PRO A 102 13.66 -6.97 4.04
CA PRO A 102 14.89 -7.13 3.28
C PRO A 102 15.37 -8.57 3.28
N THR A 103 14.82 -9.40 4.17
CA THR A 103 15.27 -10.77 4.22
C THR A 103 14.67 -11.56 3.04
N HIS A 104 13.49 -11.12 2.56
CA HIS A 104 12.86 -11.75 1.39
C HIS A 104 13.47 -11.17 0.13
N PHE A 105 13.93 -9.94 0.21
CA PHE A 105 14.59 -9.27 -0.92
C PHE A 105 16.03 -9.71 -1.05
N SER A 106 16.45 -10.52 -0.14
CA SER A 106 17.75 -11.06 -0.16
C SER A 106 17.70 -12.34 -0.98
N GLN A 107 18.01 -12.22 -2.24
CA GLN A 107 18.05 -13.36 -3.12
C GLN A 107 19.46 -13.91 -3.05
N GLN A 108 19.59 -15.05 -2.45
CA GLN A 108 20.87 -15.64 -2.23
C GLN A 108 21.31 -16.39 -3.48
N ASN A 109 21.89 -15.66 -4.38
CA ASN A 109 22.39 -16.20 -5.65
C ASN A 109 23.74 -16.85 -5.46
ZN ZN B . -6.68 -1.11 -5.34
ZN ZN C . 1.15 8.05 -4.19
ZN ZN D . 7.44 -11.53 5.23
N MET A 1 -23.14 -7.84 -5.27
CA MET A 1 -22.72 -6.65 -5.97
C MET A 1 -23.60 -5.49 -5.58
N GLY A 2 -22.99 -4.36 -5.30
CA GLY A 2 -23.74 -3.18 -4.98
C GLY A 2 -24.09 -2.42 -6.23
N HIS A 3 -25.24 -2.71 -6.79
CA HIS A 3 -25.65 -2.07 -8.01
C HIS A 3 -26.17 -0.67 -7.70
N HIS A 4 -27.00 -0.58 -6.70
CA HIS A 4 -27.54 0.70 -6.31
C HIS A 4 -26.79 1.25 -5.10
N HIS A 5 -25.73 1.95 -5.37
CA HIS A 5 -24.95 2.54 -4.32
C HIS A 5 -25.39 3.98 -4.13
N HIS A 6 -25.57 4.39 -2.91
CA HIS A 6 -26.03 5.72 -2.63
C HIS A 6 -24.87 6.53 -2.08
N HIS A 7 -25.17 7.68 -1.55
CA HIS A 7 -24.18 8.53 -0.95
C HIS A 7 -23.96 8.14 0.51
N HIS A 8 -22.72 8.12 0.92
CA HIS A 8 -22.35 7.67 2.25
C HIS A 8 -21.80 8.83 3.06
N ASN A 9 -21.74 8.68 4.36
CA ASN A 9 -21.13 9.69 5.20
C ASN A 9 -19.68 9.34 5.39
N ASN A 10 -19.34 8.10 5.10
CA ASN A 10 -17.96 7.66 5.13
C ASN A 10 -17.29 7.89 3.78
N ILE A 11 -18.04 7.60 2.75
CA ILE A 11 -17.64 7.68 1.35
C ILE A 11 -16.93 6.39 0.93
N ALA A 12 -16.81 6.18 -0.33
CA ALA A 12 -16.27 5.01 -0.88
C ALA A 12 -14.90 5.34 -1.37
N TYR A 13 -13.93 4.80 -0.71
CA TYR A 13 -12.57 5.11 -1.00
C TYR A 13 -12.10 4.23 -2.13
N ASN A 14 -12.10 4.78 -3.30
CA ASN A 14 -11.63 4.07 -4.45
C ASN A 14 -10.16 4.38 -4.68
N CYS A 15 -9.37 3.36 -4.85
CA CYS A 15 -7.98 3.55 -5.02
C CYS A 15 -7.66 3.86 -6.48
N CYS A 16 -7.24 5.07 -6.75
CA CYS A 16 -6.94 5.44 -8.09
C CYS A 16 -5.50 5.05 -8.45
N TRP A 17 -5.30 3.79 -8.68
CA TRP A 17 -4.00 3.27 -9.03
C TRP A 17 -4.08 2.58 -10.35
N ASP A 18 -3.63 3.24 -11.40
CA ASP A 18 -3.54 2.72 -12.75
C ASP A 18 -4.61 1.72 -13.16
N GLN A 19 -5.86 2.22 -13.21
CA GLN A 19 -7.01 1.47 -13.70
C GLN A 19 -7.60 0.51 -12.66
N CYS A 20 -7.22 0.64 -11.40
CA CYS A 20 -7.80 -0.10 -10.35
C CYS A 20 -9.08 0.60 -9.98
N GLN A 21 -10.18 -0.06 -10.19
CA GLN A 21 -11.43 0.45 -9.76
C GLN A 21 -11.87 -0.45 -8.67
N ALA A 22 -11.61 -0.02 -7.49
CA ALA A 22 -11.83 -0.77 -6.32
C ALA A 22 -12.16 0.22 -5.24
N CYS A 23 -13.19 -0.05 -4.48
CA CYS A 23 -13.63 0.92 -3.51
C CYS A 23 -14.01 0.25 -2.21
N PHE A 24 -13.44 0.71 -1.13
CA PHE A 24 -13.74 0.18 0.18
C PHE A 24 -14.18 1.30 1.08
N ASN A 25 -15.01 1.01 2.04
CA ASN A 25 -15.51 2.06 2.94
C ASN A 25 -14.75 2.03 4.24
N SER A 26 -13.98 1.01 4.45
CA SER A 26 -13.19 0.90 5.65
C SER A 26 -11.72 1.03 5.32
N SER A 27 -10.97 1.63 6.21
CA SER A 27 -9.58 1.87 6.01
C SER A 27 -8.74 0.56 5.97
N PRO A 28 -8.95 -0.42 6.91
CA PRO A 28 -8.18 -1.67 6.89
C PRO A 28 -8.50 -2.50 5.66
N ASP A 29 -9.71 -2.39 5.16
CA ASP A 29 -10.12 -3.13 3.96
C ASP A 29 -9.48 -2.54 2.76
N LEU A 30 -9.52 -1.21 2.68
CA LEU A 30 -8.84 -0.49 1.61
C LEU A 30 -7.33 -0.78 1.67
N ALA A 31 -6.76 -0.66 2.87
CA ALA A 31 -5.34 -0.91 3.12
C ALA A 31 -4.97 -2.32 2.76
N ASP A 32 -5.88 -3.24 3.00
CA ASP A 32 -5.71 -4.64 2.67
C ASP A 32 -5.59 -4.81 1.18
N HIS A 33 -6.49 -4.15 0.46
CA HIS A 33 -6.50 -4.18 -0.99
C HIS A 33 -5.21 -3.57 -1.53
N ILE A 34 -4.87 -2.37 -1.05
CA ILE A 34 -3.62 -1.75 -1.42
C ILE A 34 -2.44 -2.67 -1.13
N ARG A 35 -2.39 -3.18 0.06
CA ARG A 35 -1.27 -3.97 0.47
C ARG A 35 -1.15 -5.22 -0.41
N SER A 36 -2.27 -5.75 -0.80
CA SER A 36 -2.32 -6.96 -1.57
C SER A 36 -2.06 -6.74 -3.08
N ILE A 37 -2.86 -5.89 -3.71
CA ILE A 37 -2.82 -5.79 -5.17
C ILE A 37 -1.91 -4.63 -5.63
N HIS A 38 -1.57 -3.77 -4.72
CA HIS A 38 -0.76 -2.62 -5.06
C HIS A 38 0.66 -2.82 -4.56
N VAL A 39 0.81 -2.88 -3.25
CA VAL A 39 2.10 -3.01 -2.60
C VAL A 39 2.75 -4.35 -2.94
N ASP A 40 2.03 -5.41 -2.67
CA ASP A 40 2.52 -6.77 -2.95
C ASP A 40 2.43 -7.07 -4.44
N GLY A 41 1.71 -6.22 -5.14
CA GLY A 41 1.55 -6.37 -6.56
C GLY A 41 2.68 -5.69 -7.36
N GLN A 42 3.57 -4.99 -6.68
CA GLN A 42 4.63 -4.22 -7.33
C GLN A 42 5.93 -5.02 -7.41
N ARG A 43 5.82 -6.33 -7.29
CA ARG A 43 6.95 -7.25 -7.36
C ARG A 43 7.57 -7.18 -8.76
N GLY A 44 8.42 -6.24 -8.93
CA GLY A 44 9.13 -6.11 -10.16
C GLY A 44 10.52 -5.59 -9.93
N GLY A 45 10.96 -5.67 -8.69
CA GLY A 45 12.27 -5.22 -8.32
C GLY A 45 12.26 -3.77 -7.89
N VAL A 46 11.25 -3.05 -8.35
CA VAL A 46 11.03 -1.69 -7.99
C VAL A 46 9.55 -1.51 -7.71
N PHE A 47 9.28 -0.77 -6.68
CA PHE A 47 7.94 -0.51 -6.21
C PHE A 47 7.60 0.95 -6.48
N VAL A 48 6.55 1.15 -7.21
CA VAL A 48 6.15 2.47 -7.70
C VAL A 48 4.72 2.75 -7.26
N CYS A 49 4.42 3.98 -7.00
CA CYS A 49 3.08 4.38 -6.69
C CYS A 49 2.47 4.93 -7.98
N LEU A 50 1.35 4.39 -8.40
CA LEU A 50 0.62 4.90 -9.57
C LEU A 50 -0.63 5.57 -9.10
N TRP A 51 -0.65 5.91 -7.82
CA TRP A 51 -1.83 6.45 -7.23
C TRP A 51 -2.00 7.89 -7.63
N LYS A 52 -2.98 8.11 -8.45
CA LYS A 52 -3.37 9.43 -8.81
C LYS A 52 -3.85 10.15 -7.57
N GLY A 53 -3.07 11.10 -7.17
CA GLY A 53 -3.32 11.80 -5.95
C GLY A 53 -2.02 12.23 -5.33
N CYS A 54 -0.98 11.43 -5.52
CA CYS A 54 0.33 11.77 -5.05
C CYS A 54 0.92 12.85 -5.92
N LYS A 55 1.72 13.68 -5.34
CA LYS A 55 2.46 14.67 -6.11
C LYS A 55 3.79 14.07 -6.59
N VAL A 56 4.01 12.79 -6.28
CA VAL A 56 5.28 12.11 -6.57
C VAL A 56 5.08 10.73 -7.19
N TYR A 57 3.90 10.45 -7.64
CA TYR A 57 3.60 9.12 -8.18
C TYR A 57 4.35 8.89 -9.50
N ASN A 58 4.35 7.64 -9.95
CA ASN A 58 5.03 7.18 -11.14
C ASN A 58 6.54 7.24 -10.90
N THR A 59 6.93 7.05 -9.65
CA THR A 59 8.31 7.10 -9.26
C THR A 59 8.62 5.82 -8.47
N PRO A 60 9.34 4.88 -9.08
CA PRO A 60 9.68 3.60 -8.44
C PRO A 60 10.76 3.75 -7.34
N SER A 61 10.73 2.87 -6.39
CA SER A 61 11.73 2.77 -5.37
C SER A 61 11.96 1.30 -5.12
N THR A 62 13.15 0.92 -4.77
CA THR A 62 13.44 -0.48 -4.50
C THR A 62 13.07 -0.82 -3.06
N SER A 63 12.63 0.17 -2.32
CA SER A 63 12.28 -0.02 -0.96
C SER A 63 10.81 -0.41 -0.84
N GLN A 64 10.58 -1.67 -0.47
CA GLN A 64 9.25 -2.20 -0.23
C GLN A 64 8.63 -1.44 0.93
N SER A 65 9.46 -1.10 1.87
CA SER A 65 9.10 -0.36 3.04
C SER A 65 8.69 1.08 2.71
N TRP A 66 9.36 1.68 1.72
CA TRP A 66 9.08 3.07 1.33
C TRP A 66 7.69 3.18 0.76
N LEU A 67 7.31 2.22 -0.09
CA LEU A 67 6.04 2.23 -0.71
C LEU A 67 4.94 2.06 0.35
N GLN A 68 5.24 1.28 1.37
CA GLN A 68 4.31 1.07 2.47
C GLN A 68 4.19 2.32 3.33
N ARG A 69 5.29 3.02 3.53
CA ARG A 69 5.31 4.28 4.25
C ARG A 69 4.55 5.34 3.44
N HIS A 70 4.64 5.23 2.14
CA HIS A 70 3.98 6.12 1.23
C HIS A 70 2.46 5.86 1.24
N MET A 71 2.04 4.60 1.05
CA MET A 71 0.61 4.22 0.99
C MET A 71 -0.07 4.43 2.33
N LEU A 72 0.75 4.61 3.35
CA LEU A 72 0.31 4.90 4.68
C LEU A 72 -0.53 6.18 4.71
N THR A 73 -0.27 7.08 3.78
CA THR A 73 -1.01 8.31 3.68
C THR A 73 -2.29 8.11 2.85
N HIS A 74 -2.37 6.99 2.16
CA HIS A 74 -3.49 6.72 1.28
C HIS A 74 -4.56 5.88 1.97
N SER A 75 -4.14 4.81 2.60
CA SER A 75 -5.10 3.92 3.23
C SER A 75 -5.08 4.04 4.76
N GLY A 76 -3.93 4.39 5.31
CA GLY A 76 -3.79 4.53 6.75
C GLY A 76 -3.83 3.23 7.49
N ASP A 77 -2.75 2.50 7.43
CA ASP A 77 -2.62 1.28 8.22
C ASP A 77 -1.82 1.68 9.45
N LYS A 78 -1.42 0.73 10.19
CA LYS A 78 -0.54 0.95 11.30
C LYS A 78 0.43 -0.25 11.48
N PRO A 79 -0.07 -1.48 11.69
CA PRO A 79 0.79 -2.64 11.78
C PRO A 79 1.24 -3.08 10.38
N PHE A 80 2.45 -2.77 10.06
CA PHE A 80 3.03 -3.06 8.81
C PHE A 80 3.37 -4.51 8.77
N LYS A 81 2.68 -5.20 7.94
CA LYS A 81 2.80 -6.63 7.82
C LYS A 81 3.75 -6.99 6.70
N CYS A 82 4.57 -8.03 6.94
CA CYS A 82 5.53 -8.54 5.99
C CYS A 82 4.82 -8.83 4.68
N VAL A 83 5.46 -8.46 3.62
CA VAL A 83 4.84 -8.46 2.32
C VAL A 83 4.84 -9.87 1.72
N VAL A 84 5.71 -10.70 2.24
CA VAL A 84 5.87 -12.04 1.75
C VAL A 84 4.69 -12.90 2.12
N GLY A 85 4.04 -13.47 1.14
CA GLY A 85 2.91 -14.31 1.37
C GLY A 85 3.33 -15.57 2.06
N GLY A 86 3.11 -15.61 3.36
CA GLY A 86 3.51 -16.73 4.15
C GLY A 86 4.34 -16.27 5.31
N CYS A 87 4.87 -15.06 5.20
CA CYS A 87 5.65 -14.49 6.22
C CYS A 87 4.79 -13.48 6.94
N ASN A 88 4.68 -13.67 8.19
CA ASN A 88 3.86 -12.83 9.03
C ASN A 88 4.68 -12.15 10.06
N ALA A 89 4.90 -10.90 9.86
CA ALA A 89 5.59 -10.07 10.78
C ALA A 89 4.96 -8.71 10.67
N SER A 90 4.43 -8.24 11.74
CA SER A 90 3.76 -6.98 11.74
C SER A 90 4.32 -6.09 12.82
N PHE A 91 4.58 -4.87 12.47
CA PHE A 91 5.14 -3.89 13.38
C PHE A 91 4.37 -2.61 13.24
N ALA A 92 4.10 -1.93 14.32
CA ALA A 92 3.39 -0.66 14.33
C ALA A 92 4.26 0.45 13.70
N SER A 93 5.54 0.18 13.59
CA SER A 93 6.45 1.10 12.99
C SER A 93 7.17 0.41 11.84
N GLN A 94 7.80 1.20 11.02
CA GLN A 94 8.51 0.72 9.86
C GLN A 94 9.88 0.18 10.23
N GLY A 95 10.38 0.57 11.39
CA GLY A 95 11.74 0.20 11.81
C GLY A 95 12.00 -1.30 11.82
N GLY A 96 11.03 -2.06 12.26
CA GLY A 96 11.18 -3.50 12.30
C GLY A 96 10.99 -4.11 10.94
N LEU A 97 9.95 -3.69 10.26
CA LEU A 97 9.60 -4.26 8.98
C LEU A 97 10.63 -3.93 7.90
N ALA A 98 11.12 -2.72 7.90
CA ALA A 98 12.08 -2.25 6.89
C ALA A 98 13.42 -2.97 7.01
N ARG A 99 13.63 -3.59 8.16
CA ARG A 99 14.84 -4.35 8.43
C ARG A 99 14.57 -5.85 8.12
N HIS A 100 13.32 -6.24 8.20
CA HIS A 100 12.89 -7.62 7.99
C HIS A 100 12.66 -7.92 6.51
N VAL A 101 11.99 -7.04 5.85
CA VAL A 101 11.66 -7.21 4.43
C VAL A 101 12.87 -7.45 3.49
N PRO A 102 14.01 -6.71 3.62
CA PRO A 102 15.15 -6.90 2.74
C PRO A 102 15.79 -8.27 2.92
N THR A 103 15.43 -8.98 4.00
CA THR A 103 16.03 -10.29 4.21
C THR A 103 15.42 -11.30 3.23
N HIS A 104 14.24 -10.99 2.72
CA HIS A 104 13.56 -11.85 1.78
C HIS A 104 14.08 -11.60 0.38
N PHE A 105 14.43 -10.35 0.08
CA PHE A 105 15.09 -10.03 -1.19
C PHE A 105 16.50 -10.62 -1.15
N SER A 106 17.08 -10.61 0.06
CA SER A 106 18.40 -11.14 0.38
C SER A 106 19.48 -10.21 -0.15
N GLN A 107 19.53 -10.10 -1.45
CA GLN A 107 20.44 -9.24 -2.12
C GLN A 107 19.62 -8.12 -2.70
N GLN A 108 20.02 -6.90 -2.44
CA GLN A 108 19.24 -5.74 -2.83
C GLN A 108 19.15 -5.59 -4.34
N ASN A 109 20.27 -5.72 -5.00
CA ASN A 109 20.31 -5.60 -6.45
C ASN A 109 20.73 -6.90 -7.08
ZN ZN B . -7.19 -0.68 -6.05
ZN ZN C . 1.15 7.45 -3.99
ZN ZN D . 8.62 -11.63 6.37
N MET A 1 -21.28 -6.27 10.35
CA MET A 1 -21.78 -5.02 9.83
C MET A 1 -20.62 -4.28 9.21
N GLY A 2 -20.94 -3.31 8.41
CA GLY A 2 -19.92 -2.57 7.72
C GLY A 2 -20.46 -2.18 6.39
N HIS A 3 -20.54 -3.15 5.51
CA HIS A 3 -21.15 -2.95 4.20
C HIS A 3 -22.65 -3.14 4.42
N HIS A 4 -22.96 -4.01 5.37
CA HIS A 4 -24.30 -4.14 5.87
C HIS A 4 -24.46 -3.09 6.92
N HIS A 5 -25.42 -2.24 6.73
CA HIS A 5 -25.69 -1.11 7.60
C HIS A 5 -24.57 -0.09 7.55
N HIS A 6 -24.55 0.68 6.48
CA HIS A 6 -23.58 1.75 6.33
C HIS A 6 -23.98 2.90 7.22
N HIS A 7 -23.01 3.60 7.71
CA HIS A 7 -23.24 4.72 8.58
C HIS A 7 -23.11 5.98 7.75
N HIS A 8 -21.91 6.20 7.27
CA HIS A 8 -21.60 7.33 6.45
C HIS A 8 -21.02 6.78 5.17
N ASN A 9 -21.83 6.76 4.14
CA ASN A 9 -21.42 6.24 2.85
C ASN A 9 -20.44 7.18 2.25
N ASN A 10 -20.89 8.44 2.11
CA ASN A 10 -20.06 9.53 1.59
C ASN A 10 -19.49 9.11 0.19
N ILE A 11 -18.32 9.58 -0.18
CA ILE A 11 -17.73 9.18 -1.43
C ILE A 11 -17.12 7.78 -1.27
N ALA A 12 -16.98 7.07 -2.34
CA ALA A 12 -16.44 5.74 -2.29
C ALA A 12 -14.95 5.83 -2.40
N TYR A 13 -14.27 5.36 -1.39
CA TYR A 13 -12.84 5.46 -1.32
C TYR A 13 -12.22 4.41 -2.19
N ASN A 14 -12.00 4.79 -3.39
CA ASN A 14 -11.44 3.95 -4.38
C ASN A 14 -9.96 4.25 -4.45
N CYS A 15 -9.17 3.25 -4.66
CA CYS A 15 -7.80 3.48 -4.75
C CYS A 15 -7.45 3.89 -6.18
N CYS A 16 -7.06 5.13 -6.36
CA CYS A 16 -6.72 5.55 -7.69
C CYS A 16 -5.30 5.17 -8.00
N TRP A 17 -5.09 3.91 -8.24
CA TRP A 17 -3.79 3.40 -8.52
C TRP A 17 -3.84 2.68 -9.84
N ASP A 18 -3.39 3.35 -10.86
CA ASP A 18 -3.30 2.79 -12.21
C ASP A 18 -4.61 2.10 -12.64
N GLN A 19 -5.73 2.80 -12.41
CA GLN A 19 -7.07 2.37 -12.83
C GLN A 19 -7.60 1.19 -12.00
N CYS A 20 -7.10 1.04 -10.78
CA CYS A 20 -7.50 -0.03 -9.90
C CYS A 20 -9.00 0.09 -9.57
N GLN A 21 -9.75 -0.91 -9.98
CA GLN A 21 -11.18 -0.91 -9.74
C GLN A 21 -11.43 -1.53 -8.39
N ALA A 22 -11.56 -0.70 -7.39
CA ALA A 22 -11.71 -1.13 -6.04
C ALA A 22 -12.22 0.04 -5.24
N CYS A 23 -13.15 -0.18 -4.34
CA CYS A 23 -13.68 0.89 -3.49
C CYS A 23 -14.08 0.31 -2.15
N PHE A 24 -13.54 0.87 -1.09
CA PHE A 24 -13.88 0.40 0.24
C PHE A 24 -14.29 1.60 1.09
N ASN A 25 -15.17 1.37 2.04
CA ASN A 25 -15.68 2.45 2.89
C ASN A 25 -14.89 2.50 4.19
N SER A 26 -14.24 1.41 4.51
CA SER A 26 -13.45 1.33 5.70
C SER A 26 -11.97 1.39 5.35
N SER A 27 -11.19 1.94 6.25
CA SER A 27 -9.78 2.11 6.06
C SER A 27 -9.03 0.76 6.06
N PRO A 28 -9.30 -0.19 7.04
CA PRO A 28 -8.62 -1.50 7.06
C PRO A 28 -8.88 -2.30 5.80
N ASP A 29 -10.08 -2.18 5.26
CA ASP A 29 -10.45 -2.91 4.06
C ASP A 29 -9.72 -2.36 2.88
N LEU A 30 -9.71 -1.05 2.78
CA LEU A 30 -8.95 -0.39 1.73
C LEU A 30 -7.44 -0.69 1.89
N ALA A 31 -6.95 -0.63 3.13
CA ALA A 31 -5.54 -0.92 3.45
C ALA A 31 -5.16 -2.34 3.05
N ASP A 32 -6.05 -3.27 3.33
CA ASP A 32 -5.90 -4.67 2.96
C ASP A 32 -5.75 -4.81 1.48
N HIS A 33 -6.57 -4.08 0.77
CA HIS A 33 -6.52 -4.08 -0.67
C HIS A 33 -5.17 -3.50 -1.12
N ILE A 34 -4.80 -2.36 -0.56
CA ILE A 34 -3.50 -1.77 -0.84
C ILE A 34 -2.35 -2.76 -0.56
N ARG A 35 -2.31 -3.31 0.60
CA ARG A 35 -1.19 -4.13 0.97
C ARG A 35 -1.14 -5.36 0.07
N SER A 36 -2.27 -5.91 -0.22
CA SER A 36 -2.38 -7.15 -0.96
C SER A 36 -2.28 -7.00 -2.51
N ILE A 37 -2.87 -5.96 -3.07
CA ILE A 37 -2.84 -5.82 -4.54
C ILE A 37 -1.91 -4.67 -4.99
N HIS A 38 -1.53 -3.82 -4.09
CA HIS A 38 -0.69 -2.67 -4.43
C HIS A 38 0.73 -2.92 -3.97
N VAL A 39 0.92 -3.02 -2.67
CA VAL A 39 2.24 -3.24 -2.08
C VAL A 39 2.79 -4.59 -2.51
N ASP A 40 1.97 -5.59 -2.35
CA ASP A 40 2.28 -6.98 -2.70
C ASP A 40 2.31 -7.15 -4.22
N GLY A 41 1.75 -6.16 -4.90
CA GLY A 41 1.61 -6.22 -6.34
C GLY A 41 2.77 -5.56 -7.08
N GLN A 42 3.69 -4.95 -6.36
CA GLN A 42 4.77 -4.21 -6.97
C GLN A 42 6.13 -4.87 -6.87
N ARG A 43 6.16 -6.15 -6.60
CA ARG A 43 7.43 -6.84 -6.41
C ARG A 43 8.13 -7.13 -7.74
N GLY A 44 8.66 -6.10 -8.34
CA GLY A 44 9.40 -6.23 -9.58
C GLY A 44 10.77 -5.62 -9.44
N GLY A 45 11.23 -5.57 -8.21
CA GLY A 45 12.53 -5.01 -7.89
C GLY A 45 12.46 -3.54 -7.56
N VAL A 46 11.44 -2.88 -8.07
CA VAL A 46 11.19 -1.49 -7.82
C VAL A 46 9.71 -1.32 -7.61
N PHE A 47 9.37 -0.51 -6.68
CA PHE A 47 7.98 -0.25 -6.33
C PHE A 47 7.64 1.13 -6.82
N VAL A 48 6.40 1.40 -7.06
CA VAL A 48 5.98 2.65 -7.65
C VAL A 48 4.54 3.00 -7.29
N CYS A 49 4.36 4.21 -6.83
CA CYS A 49 3.06 4.70 -6.54
C CYS A 49 2.46 5.13 -7.86
N LEU A 50 1.32 4.60 -8.18
CA LEU A 50 0.59 5.00 -9.39
C LEU A 50 -0.67 5.67 -8.95
N TRP A 51 -0.61 6.19 -7.75
CA TRP A 51 -1.74 6.79 -7.14
C TRP A 51 -1.93 8.20 -7.63
N LYS A 52 -2.96 8.38 -8.41
CA LYS A 52 -3.37 9.68 -8.81
C LYS A 52 -3.81 10.42 -7.57
N GLY A 53 -3.03 11.39 -7.21
CA GLY A 53 -3.21 12.10 -6.01
C GLY A 53 -1.87 12.50 -5.47
N CYS A 54 -0.85 11.75 -5.85
CA CYS A 54 0.50 12.07 -5.51
C CYS A 54 1.09 12.92 -6.61
N LYS A 55 1.96 13.80 -6.25
CA LYS A 55 2.69 14.59 -7.23
C LYS A 55 3.98 13.88 -7.65
N VAL A 56 4.23 12.70 -7.09
CA VAL A 56 5.48 11.97 -7.31
C VAL A 56 5.24 10.57 -7.87
N TYR A 57 4.01 10.28 -8.20
CA TYR A 57 3.66 8.95 -8.67
C TYR A 57 4.33 8.64 -10.02
N ASN A 58 4.39 7.35 -10.36
CA ASN A 58 5.01 6.85 -11.56
C ASN A 58 6.54 6.96 -11.43
N THR A 59 7.01 6.89 -10.19
CA THR A 59 8.41 6.98 -9.90
C THR A 59 8.75 5.79 -9.02
N PRO A 60 9.62 4.91 -9.50
CA PRO A 60 10.03 3.73 -8.77
C PRO A 60 11.01 4.01 -7.63
N SER A 61 10.89 3.23 -6.59
CA SER A 61 11.73 3.25 -5.44
C SER A 61 12.03 1.79 -5.08
N THR A 62 13.16 1.50 -4.50
CA THR A 62 13.52 0.13 -4.20
C THR A 62 13.16 -0.28 -2.77
N SER A 63 12.75 0.69 -1.98
CA SER A 63 12.39 0.46 -0.62
C SER A 63 10.94 0.02 -0.50
N GLN A 64 10.74 -1.22 -0.08
CA GLN A 64 9.42 -1.77 0.18
C GLN A 64 8.81 -1.04 1.38
N SER A 65 9.69 -0.58 2.23
CA SER A 65 9.40 0.15 3.43
C SER A 65 8.80 1.50 3.07
N TRP A 66 9.39 2.14 2.08
CA TRP A 66 9.00 3.49 1.68
C TRP A 66 7.65 3.49 1.03
N LEU A 67 7.41 2.48 0.21
CA LEU A 67 6.18 2.34 -0.46
C LEU A 67 5.06 2.22 0.56
N GLN A 68 5.31 1.47 1.61
CA GLN A 68 4.35 1.29 2.68
C GLN A 68 4.23 2.55 3.53
N ARG A 69 5.33 3.25 3.70
CA ARG A 69 5.35 4.52 4.42
C ARG A 69 4.47 5.53 3.69
N HIS A 70 4.55 5.50 2.38
CA HIS A 70 3.78 6.36 1.51
C HIS A 70 2.31 5.90 1.49
N MET A 71 2.08 4.62 1.27
CA MET A 71 0.72 4.04 1.21
C MET A 71 0.00 4.11 2.54
N LEU A 72 0.77 4.28 3.61
CA LEU A 72 0.24 4.48 4.94
C LEU A 72 -0.70 5.67 4.95
N THR A 73 -0.28 6.74 4.31
CA THR A 73 -1.06 7.95 4.27
C THR A 73 -2.28 7.80 3.36
N HIS A 74 -2.22 6.85 2.44
CA HIS A 74 -3.29 6.61 1.50
C HIS A 74 -4.37 5.70 2.11
N SER A 75 -3.98 4.74 2.93
CA SER A 75 -4.93 3.80 3.47
C SER A 75 -5.28 4.06 4.96
N GLY A 76 -4.32 4.59 5.69
CA GLY A 76 -4.54 4.95 7.09
C GLY A 76 -4.40 3.81 8.09
N ASP A 77 -3.94 2.64 7.68
CA ASP A 77 -3.78 1.54 8.64
C ASP A 77 -2.33 1.43 9.02
N LYS A 78 -2.08 1.65 10.28
CA LYS A 78 -0.74 1.70 10.86
C LYS A 78 0.15 0.43 10.64
N PRO A 79 -0.29 -0.78 11.04
CA PRO A 79 0.54 -1.96 10.96
C PRO A 79 0.99 -2.30 9.55
N PHE A 80 2.25 -2.52 9.43
CA PHE A 80 2.87 -2.83 8.19
C PHE A 80 3.11 -4.30 8.23
N LYS A 81 2.68 -4.98 7.21
CA LYS A 81 2.76 -6.43 7.15
C LYS A 81 3.77 -6.83 6.09
N CYS A 82 4.31 -8.04 6.20
CA CYS A 82 5.31 -8.51 5.28
C CYS A 82 4.71 -8.62 3.89
N VAL A 83 5.54 -8.43 2.92
CA VAL A 83 5.09 -8.37 1.55
C VAL A 83 5.09 -9.75 0.92
N VAL A 84 5.79 -10.67 1.54
CA VAL A 84 5.86 -12.02 1.05
C VAL A 84 4.56 -12.76 1.30
N GLY A 85 4.00 -13.34 0.26
CA GLY A 85 2.80 -14.12 0.40
C GLY A 85 3.12 -15.40 1.12
N GLY A 86 2.83 -15.43 2.38
CA GLY A 86 3.13 -16.57 3.18
C GLY A 86 3.95 -16.17 4.37
N CYS A 87 4.42 -14.95 4.37
CA CYS A 87 5.19 -14.45 5.45
C CYS A 87 4.34 -13.58 6.32
N ASN A 88 4.46 -13.77 7.58
CA ASN A 88 3.70 -13.02 8.54
C ASN A 88 4.61 -12.22 9.43
N ALA A 89 4.66 -10.93 9.21
CA ALA A 89 5.40 -10.04 10.06
C ALA A 89 4.77 -8.67 10.00
N SER A 90 4.09 -8.30 11.03
CA SER A 90 3.39 -7.06 11.07
C SER A 90 3.86 -6.20 12.22
N PHE A 91 4.28 -5.01 11.91
CA PHE A 91 4.80 -4.12 12.92
C PHE A 91 4.11 -2.79 12.82
N ALA A 92 4.03 -2.11 13.94
CA ALA A 92 3.43 -0.79 13.99
C ALA A 92 4.47 0.26 13.62
N SER A 93 5.68 -0.18 13.43
CA SER A 93 6.77 0.66 13.05
C SER A 93 7.42 0.06 11.82
N GLN A 94 7.93 0.89 10.97
CA GLN A 94 8.53 0.46 9.73
C GLN A 94 9.89 -0.16 9.92
N GLY A 95 10.68 0.37 10.85
CA GLY A 95 12.06 -0.07 11.07
C GLY A 95 12.26 -1.59 11.12
N GLY A 96 11.48 -2.25 11.96
CA GLY A 96 11.60 -3.69 12.13
C GLY A 96 11.25 -4.44 10.88
N LEU A 97 10.22 -3.99 10.20
CA LEU A 97 9.78 -4.63 8.99
C LEU A 97 10.73 -4.33 7.84
N ALA A 98 11.26 -3.12 7.84
CA ALA A 98 12.17 -2.67 6.81
C ALA A 98 13.47 -3.46 6.84
N ARG A 99 13.75 -4.05 7.97
CA ARG A 99 14.92 -4.91 8.12
C ARG A 99 14.57 -6.38 7.86
N HIS A 100 13.30 -6.70 7.97
CA HIS A 100 12.79 -8.06 7.74
C HIS A 100 12.56 -8.30 6.26
N VAL A 101 11.98 -7.36 5.60
CA VAL A 101 11.66 -7.47 4.17
C VAL A 101 12.87 -7.78 3.25
N PRO A 102 14.05 -7.10 3.41
CA PRO A 102 15.18 -7.33 2.54
C PRO A 102 15.75 -8.73 2.71
N THR A 103 15.35 -9.44 3.80
CA THR A 103 15.90 -10.76 4.02
C THR A 103 15.27 -11.75 3.01
N HIS A 104 14.06 -11.42 2.57
CA HIS A 104 13.35 -12.22 1.59
C HIS A 104 13.80 -11.82 0.20
N PHE A 105 14.21 -10.58 0.07
CA PHE A 105 14.73 -10.05 -1.19
C PHE A 105 16.11 -10.61 -1.47
N SER A 106 16.69 -11.20 -0.45
CA SER A 106 17.97 -11.80 -0.57
C SER A 106 17.85 -13.16 -1.27
N GLN A 107 17.86 -13.12 -2.58
CA GLN A 107 17.91 -14.30 -3.40
C GLN A 107 19.27 -14.27 -4.04
N GLN A 108 20.16 -15.17 -3.58
CA GLN A 108 21.58 -15.19 -3.99
C GLN A 108 22.30 -13.93 -3.40
N ASN A 109 21.63 -13.33 -2.41
CA ASN A 109 22.05 -12.09 -1.72
C ASN A 109 22.33 -10.96 -2.72
ZN ZN B . -6.94 -0.84 -5.76
ZN ZN C . 1.19 7.95 -3.86
ZN ZN D . 8.24 -11.58 5.84
N MET A 1 -19.10 22.50 6.00
CA MET A 1 -19.05 23.90 6.42
C MET A 1 -19.64 24.75 5.31
N GLY A 2 -20.50 25.68 5.67
CA GLY A 2 -21.07 26.55 4.69
C GLY A 2 -22.34 25.98 4.11
N HIS A 3 -22.52 26.19 2.82
CA HIS A 3 -23.73 25.71 2.16
C HIS A 3 -23.62 24.25 1.74
N HIS A 4 -22.40 23.75 1.70
CA HIS A 4 -22.18 22.35 1.40
C HIS A 4 -22.40 21.56 2.66
N HIS A 5 -23.11 20.47 2.54
CA HIS A 5 -23.43 19.66 3.68
C HIS A 5 -22.34 18.65 3.93
N HIS A 6 -21.54 18.92 4.93
CA HIS A 6 -20.44 18.08 5.27
C HIS A 6 -20.93 16.89 6.08
N HIS A 7 -21.53 17.18 7.25
CA HIS A 7 -22.05 16.18 8.20
C HIS A 7 -20.95 15.23 8.71
N HIS A 8 -20.66 14.26 7.90
CA HIS A 8 -19.67 13.24 8.13
C HIS A 8 -19.21 12.86 6.76
N ASN A 9 -17.93 12.67 6.55
CA ASN A 9 -17.43 12.34 5.22
C ASN A 9 -17.95 11.00 4.75
N ASN A 10 -17.35 9.92 5.29
CA ASN A 10 -17.65 8.53 4.90
C ASN A 10 -17.80 8.42 3.38
N ILE A 11 -16.71 8.32 2.75
CA ILE A 11 -16.65 8.33 1.32
C ILE A 11 -16.20 6.94 0.85
N ALA A 12 -16.14 6.71 -0.42
CA ALA A 12 -15.66 5.48 -0.93
C ALA A 12 -14.20 5.64 -1.18
N TYR A 13 -13.41 5.13 -0.26
CA TYR A 13 -11.99 5.26 -0.34
C TYR A 13 -11.51 4.29 -1.37
N ASN A 14 -11.40 4.79 -2.55
CA ASN A 14 -10.95 4.03 -3.67
C ASN A 14 -9.50 4.28 -3.85
N CYS A 15 -8.75 3.25 -4.14
CA CYS A 15 -7.39 3.42 -4.37
C CYS A 15 -7.20 3.94 -5.77
N CYS A 16 -6.76 5.18 -5.91
CA CYS A 16 -6.59 5.69 -7.22
C CYS A 16 -5.21 5.29 -7.71
N TRP A 17 -5.06 4.05 -8.00
CA TRP A 17 -3.84 3.49 -8.47
C TRP A 17 -4.12 2.81 -9.76
N ASP A 18 -3.75 3.42 -10.88
CA ASP A 18 -3.90 2.83 -12.15
C ASP A 18 -5.39 2.72 -12.34
N GLN A 19 -5.83 1.66 -12.86
CA GLN A 19 -7.25 1.46 -13.08
C GLN A 19 -7.83 0.41 -12.13
N CYS A 20 -7.31 0.37 -10.91
CA CYS A 20 -7.74 -0.52 -9.88
C CYS A 20 -9.11 -0.07 -9.37
N GLN A 21 -10.14 -0.81 -9.70
CA GLN A 21 -11.46 -0.50 -9.20
C GLN A 21 -11.65 -1.22 -7.89
N ALA A 22 -11.42 -0.50 -6.83
CA ALA A 22 -11.49 -1.01 -5.51
C ALA A 22 -11.83 0.13 -4.60
N CYS A 23 -12.90 0.01 -3.85
CA CYS A 23 -13.33 1.06 -2.98
C CYS A 23 -13.85 0.51 -1.67
N PHE A 24 -13.28 0.98 -0.58
CA PHE A 24 -13.68 0.53 0.73
C PHE A 24 -14.10 1.74 1.55
N ASN A 25 -15.02 1.58 2.47
CA ASN A 25 -15.47 2.71 3.30
C ASN A 25 -14.68 2.74 4.60
N SER A 26 -13.81 1.78 4.74
CA SER A 26 -12.98 1.63 5.88
C SER A 26 -11.54 1.75 5.46
N SER A 27 -10.70 2.30 6.32
CA SER A 27 -9.31 2.50 6.02
C SER A 27 -8.52 1.16 6.03
N PRO A 28 -8.65 0.29 7.09
CA PRO A 28 -7.92 -0.99 7.14
C PRO A 28 -8.23 -1.93 5.97
N ASP A 29 -9.48 -1.92 5.52
CA ASP A 29 -9.90 -2.76 4.39
C ASP A 29 -9.25 -2.29 3.12
N LEU A 30 -9.25 -1.00 2.91
CA LEU A 30 -8.55 -0.42 1.77
C LEU A 30 -7.04 -0.71 1.88
N ALA A 31 -6.47 -0.48 3.07
CA ALA A 31 -5.04 -0.73 3.34
C ALA A 31 -4.66 -2.18 3.10
N ASP A 32 -5.57 -3.08 3.45
CA ASP A 32 -5.43 -4.51 3.21
C ASP A 32 -5.30 -4.79 1.75
N HIS A 33 -6.15 -4.14 0.98
CA HIS A 33 -6.15 -4.25 -0.47
C HIS A 33 -4.84 -3.65 -1.05
N ILE A 34 -4.42 -2.53 -0.54
CA ILE A 34 -3.15 -1.98 -0.91
C ILE A 34 -2.01 -2.97 -0.64
N ARG A 35 -1.95 -3.55 0.52
CA ARG A 35 -0.85 -4.45 0.85
C ARG A 35 -0.89 -5.69 -0.04
N SER A 36 -2.09 -6.11 -0.37
CA SER A 36 -2.32 -7.34 -1.07
C SER A 36 -2.06 -7.23 -2.58
N ILE A 37 -2.67 -6.29 -3.22
CA ILE A 37 -2.59 -6.20 -4.67
C ILE A 37 -1.70 -5.03 -5.12
N HIS A 38 -1.40 -4.13 -4.22
CA HIS A 38 -0.59 -2.99 -4.60
C HIS A 38 0.86 -3.22 -4.18
N VAL A 39 1.10 -3.32 -2.90
CA VAL A 39 2.44 -3.49 -2.37
C VAL A 39 3.00 -4.87 -2.78
N ASP A 40 2.22 -5.91 -2.54
CA ASP A 40 2.58 -7.30 -2.94
C ASP A 40 2.49 -7.47 -4.45
N GLY A 41 1.87 -6.52 -5.11
CA GLY A 41 1.72 -6.57 -6.53
C GLY A 41 2.91 -5.97 -7.26
N GLN A 42 3.67 -5.13 -6.56
CA GLN A 42 4.76 -4.40 -7.15
C GLN A 42 6.11 -5.00 -6.88
N ARG A 43 6.12 -6.15 -6.27
CA ARG A 43 7.38 -6.80 -5.93
C ARG A 43 8.06 -7.46 -7.12
N GLY A 44 8.59 -6.61 -7.97
CA GLY A 44 9.34 -7.02 -9.12
C GLY A 44 10.67 -6.31 -9.15
N GLY A 45 11.05 -5.80 -8.00
CA GLY A 45 12.31 -5.12 -7.84
C GLY A 45 12.18 -3.61 -7.80
N VAL A 46 11.13 -3.08 -8.40
CA VAL A 46 10.86 -1.67 -8.35
C VAL A 46 9.39 -1.49 -8.01
N PHE A 47 9.13 -0.54 -7.17
CA PHE A 47 7.78 -0.28 -6.69
C PHE A 47 7.42 1.12 -7.09
N VAL A 48 6.24 1.30 -7.61
CA VAL A 48 5.86 2.58 -8.19
C VAL A 48 4.54 3.02 -7.62
N CYS A 49 4.50 4.23 -7.18
CA CYS A 49 3.27 4.78 -6.74
C CYS A 49 2.58 5.22 -8.00
N LEU A 50 1.45 4.70 -8.25
CA LEU A 50 0.70 5.04 -9.43
C LEU A 50 -0.59 5.67 -8.92
N TRP A 51 -0.48 6.18 -7.70
CA TRP A 51 -1.60 6.75 -7.03
C TRP A 51 -1.77 8.17 -7.48
N LYS A 52 -2.82 8.41 -8.23
CA LYS A 52 -3.11 9.70 -8.71
C LYS A 52 -3.55 10.57 -7.57
N GLY A 53 -2.70 11.48 -7.26
CA GLY A 53 -2.88 12.34 -6.13
C GLY A 53 -1.53 12.71 -5.60
N CYS A 54 -0.57 11.82 -5.80
CA CYS A 54 0.78 12.10 -5.46
C CYS A 54 1.36 13.04 -6.50
N LYS A 55 2.23 13.89 -6.10
CA LYS A 55 2.89 14.81 -7.02
C LYS A 55 4.14 14.19 -7.64
N VAL A 56 4.36 12.92 -7.34
CA VAL A 56 5.55 12.20 -7.79
C VAL A 56 5.23 10.81 -8.28
N TYR A 57 3.97 10.51 -8.47
CA TYR A 57 3.61 9.17 -8.90
C TYR A 57 4.12 8.86 -10.30
N ASN A 58 4.00 7.59 -10.69
CA ASN A 58 4.47 7.07 -11.93
C ASN A 58 6.00 7.07 -11.94
N THR A 59 6.58 6.91 -10.76
CA THR A 59 8.00 6.91 -10.61
C THR A 59 8.37 5.70 -9.75
N PRO A 60 8.92 4.63 -10.35
CA PRO A 60 9.32 3.43 -9.61
C PRO A 60 10.51 3.73 -8.66
N SER A 61 10.48 3.16 -7.51
CA SER A 61 11.52 3.28 -6.53
C SER A 61 11.91 1.87 -6.12
N THR A 62 13.05 1.68 -5.53
CA THR A 62 13.49 0.36 -5.15
C THR A 62 13.47 0.16 -3.63
N SER A 63 12.82 1.05 -2.94
CA SER A 63 12.64 0.92 -1.51
C SER A 63 11.25 0.37 -1.24
N GLN A 64 11.20 -0.87 -0.76
CA GLN A 64 9.94 -1.52 -0.46
C GLN A 64 9.30 -0.86 0.75
N SER A 65 10.13 -0.47 1.70
CA SER A 65 9.71 0.19 2.89
C SER A 65 9.05 1.53 2.55
N TRP A 66 9.65 2.26 1.62
CA TRP A 66 9.16 3.56 1.21
C TRP A 66 7.77 3.47 0.62
N LEU A 67 7.57 2.51 -0.28
CA LEU A 67 6.31 2.32 -0.92
C LEU A 67 5.20 2.12 0.13
N GLN A 68 5.51 1.29 1.10
CA GLN A 68 4.59 0.96 2.19
C GLN A 68 4.34 2.18 3.08
N ARG A 69 5.37 2.97 3.26
CA ARG A 69 5.32 4.15 4.12
C ARG A 69 4.57 5.28 3.41
N HIS A 70 4.67 5.30 2.11
CA HIS A 70 4.02 6.28 1.28
C HIS A 70 2.53 5.92 1.11
N MET A 71 2.23 4.65 0.96
CA MET A 71 0.83 4.22 0.84
C MET A 71 0.13 4.19 2.18
N LEU A 72 0.93 4.26 3.24
CA LEU A 72 0.45 4.34 4.60
C LEU A 72 -0.48 5.53 4.76
N THR A 73 -0.07 6.65 4.20
CA THR A 73 -0.80 7.88 4.32
C THR A 73 -1.94 7.95 3.30
N HIS A 74 -1.96 7.02 2.35
CA HIS A 74 -3.00 6.99 1.34
C HIS A 74 -4.21 6.23 1.84
N SER A 75 -3.97 5.11 2.50
CA SER A 75 -5.06 4.28 2.97
C SER A 75 -5.33 4.44 4.47
N GLY A 76 -4.30 4.80 5.22
CA GLY A 76 -4.43 4.89 6.64
C GLY A 76 -4.33 3.54 7.27
N ASP A 77 -3.16 3.00 7.19
CA ASP A 77 -2.90 1.69 7.74
C ASP A 77 -2.29 1.89 9.11
N LYS A 78 -1.89 0.84 9.69
CA LYS A 78 -1.22 0.80 10.94
C LYS A 78 -0.33 -0.47 11.04
N PRO A 79 -0.90 -1.69 10.96
CA PRO A 79 -0.13 -2.92 11.00
C PRO A 79 0.56 -3.21 9.65
N PHE A 80 1.85 -3.01 9.64
CA PHE A 80 2.67 -3.23 8.50
C PHE A 80 2.91 -4.69 8.33
N LYS A 81 2.09 -5.28 7.53
CA LYS A 81 2.19 -6.66 7.16
C LYS A 81 3.27 -6.84 6.10
N CYS A 82 3.96 -7.98 6.16
CA CYS A 82 5.02 -8.34 5.26
C CYS A 82 4.52 -8.29 3.83
N VAL A 83 5.38 -7.89 2.94
CA VAL A 83 5.02 -7.72 1.55
C VAL A 83 5.00 -9.07 0.85
N VAL A 84 5.75 -9.99 1.37
CA VAL A 84 5.85 -11.27 0.78
C VAL A 84 4.56 -12.05 0.98
N GLY A 85 3.90 -12.34 -0.11
CA GLY A 85 2.72 -13.16 -0.09
C GLY A 85 3.06 -14.56 0.31
N GLY A 86 2.88 -14.84 1.57
CA GLY A 86 3.24 -16.11 2.13
C GLY A 86 3.95 -15.91 3.43
N CYS A 87 4.48 -14.72 3.63
CA CYS A 87 5.18 -14.38 4.82
C CYS A 87 4.27 -13.56 5.70
N ASN A 88 4.26 -13.87 6.94
CA ASN A 88 3.41 -13.18 7.90
C ASN A 88 4.21 -12.53 8.99
N ALA A 89 4.31 -11.23 8.92
CA ALA A 89 4.91 -10.44 9.93
C ALA A 89 4.20 -9.12 9.86
N SER A 90 3.63 -8.69 10.92
CA SER A 90 2.93 -7.44 10.93
C SER A 90 3.25 -6.68 12.21
N PHE A 91 3.61 -5.43 12.07
CA PHE A 91 3.96 -4.59 13.20
C PHE A 91 3.26 -3.27 13.05
N ALA A 92 2.82 -2.68 14.13
CA ALA A 92 2.12 -1.39 14.08
C ALA A 92 3.10 -0.26 13.72
N SER A 93 4.36 -0.50 13.98
CA SER A 93 5.40 0.42 13.61
C SER A 93 6.19 -0.24 12.47
N GLN A 94 6.78 0.55 11.62
CA GLN A 94 7.45 0.01 10.45
C GLN A 94 8.87 -0.44 10.79
N GLY A 95 9.39 0.01 11.93
CA GLY A 95 10.76 -0.28 12.36
C GLY A 95 11.18 -1.74 12.27
N GLY A 96 10.31 -2.63 12.67
CA GLY A 96 10.61 -4.05 12.62
C GLY A 96 10.47 -4.60 11.22
N LEU A 97 9.45 -4.13 10.53
CA LEU A 97 9.17 -4.59 9.19
C LEU A 97 10.23 -4.15 8.20
N ALA A 98 10.70 -2.93 8.34
CA ALA A 98 11.71 -2.35 7.43
C ALA A 98 13.03 -3.11 7.51
N ARG A 99 13.20 -3.84 8.60
CA ARG A 99 14.37 -4.70 8.81
C ARG A 99 14.07 -6.15 8.40
N HIS A 100 12.80 -6.50 8.34
CA HIS A 100 12.38 -7.85 7.96
C HIS A 100 12.28 -7.98 6.45
N VAL A 101 11.72 -6.99 5.82
CA VAL A 101 11.55 -6.97 4.37
C VAL A 101 12.84 -7.18 3.54
N PRO A 102 13.97 -6.47 3.85
CA PRO A 102 15.20 -6.60 3.08
C PRO A 102 15.79 -7.99 3.18
N THR A 103 15.34 -8.78 4.15
CA THR A 103 15.92 -10.10 4.31
C THR A 103 15.37 -11.05 3.24
N HIS A 104 14.22 -10.68 2.68
CA HIS A 104 13.62 -11.47 1.62
C HIS A 104 14.22 -11.07 0.30
N PHE A 105 14.65 -9.82 0.21
CA PHE A 105 15.34 -9.31 -0.97
C PHE A 105 16.76 -9.83 -1.02
N SER A 106 17.18 -10.37 0.10
CA SER A 106 18.44 -11.01 0.18
C SER A 106 18.29 -12.42 -0.34
N GLN A 107 18.44 -12.54 -1.65
CA GLN A 107 18.33 -13.78 -2.42
C GLN A 107 16.89 -14.31 -2.51
N GLN A 108 16.53 -14.75 -3.69
CA GLN A 108 15.20 -15.24 -3.95
C GLN A 108 15.07 -16.68 -3.50
N ASN A 109 14.80 -16.83 -2.24
CA ASN A 109 14.62 -18.15 -1.62
C ASN A 109 13.77 -18.00 -0.37
ZN ZN B . -6.83 -0.94 -5.68
ZN ZN C . 1.58 7.99 -3.97
ZN ZN D . 8.09 -11.50 5.64
N MET A 1 -20.95 -3.95 -4.46
CA MET A 1 -20.87 -2.69 -5.19
C MET A 1 -21.11 -1.47 -4.29
N GLY A 2 -21.33 -1.71 -3.00
CA GLY A 2 -21.49 -0.61 -2.06
C GLY A 2 -22.92 -0.12 -1.92
N HIS A 3 -23.81 -0.65 -2.74
CA HIS A 3 -25.21 -0.25 -2.77
C HIS A 3 -26.02 -1.21 -3.61
N HIS A 4 -27.14 -1.65 -3.11
CA HIS A 4 -28.07 -2.46 -3.92
C HIS A 4 -29.32 -1.64 -4.10
N HIS A 5 -29.94 -1.33 -2.98
CA HIS A 5 -31.10 -0.43 -2.91
C HIS A 5 -30.82 0.63 -1.84
N HIS A 6 -30.07 0.20 -0.85
CA HIS A 6 -29.65 1.04 0.23
C HIS A 6 -28.25 1.52 -0.11
N HIS A 7 -28.12 2.80 -0.35
CA HIS A 7 -26.84 3.38 -0.68
C HIS A 7 -26.34 4.22 0.47
N HIS A 8 -25.07 4.50 0.46
CA HIS A 8 -24.46 5.33 1.46
C HIS A 8 -24.01 6.59 0.80
N ASN A 9 -24.17 7.71 1.45
CA ASN A 9 -23.76 8.97 0.86
C ASN A 9 -22.33 9.30 1.22
N ASN A 10 -21.73 8.46 2.01
CA ASN A 10 -20.33 8.57 2.29
C ASN A 10 -19.62 7.77 1.22
N ILE A 11 -18.63 8.36 0.60
CA ILE A 11 -17.96 7.77 -0.54
C ILE A 11 -17.20 6.48 -0.13
N ALA A 12 -17.07 5.60 -1.08
CA ALA A 12 -16.33 4.40 -0.92
C ALA A 12 -14.91 4.72 -1.30
N TYR A 13 -13.97 4.31 -0.51
CA TYR A 13 -12.61 4.69 -0.77
C TYR A 13 -12.01 3.75 -1.76
N ASN A 14 -12.03 4.17 -2.98
CA ASN A 14 -11.51 3.41 -4.07
C ASN A 14 -10.10 3.85 -4.32
N CYS A 15 -9.24 2.93 -4.53
CA CYS A 15 -7.90 3.28 -4.76
C CYS A 15 -7.73 3.72 -6.19
N CYS A 16 -7.39 4.95 -6.40
CA CYS A 16 -7.14 5.34 -7.74
C CYS A 16 -5.68 5.06 -8.06
N TRP A 17 -5.40 3.80 -8.19
CA TRP A 17 -4.10 3.29 -8.49
C TRP A 17 -4.25 2.47 -9.70
N ASP A 18 -3.76 2.97 -10.85
CA ASP A 18 -3.85 2.26 -12.06
C ASP A 18 -5.34 2.05 -12.29
N GLN A 19 -5.70 0.96 -12.76
CA GLN A 19 -7.07 0.65 -13.00
C GLN A 19 -7.61 -0.32 -11.95
N CYS A 20 -7.03 -0.29 -10.75
CA CYS A 20 -7.48 -1.09 -9.65
C CYS A 20 -8.69 -0.44 -9.03
N GLN A 21 -9.84 -0.68 -9.59
CA GLN A 21 -11.01 -0.12 -9.02
C GLN A 21 -11.45 -1.02 -7.92
N ALA A 22 -11.04 -0.69 -6.76
CA ALA A 22 -11.29 -1.46 -5.61
C ALA A 22 -11.65 -0.51 -4.51
N CYS A 23 -12.77 -0.72 -3.89
CA CYS A 23 -13.28 0.24 -2.94
C CYS A 23 -13.59 -0.37 -1.61
N PHE A 24 -13.01 0.20 -0.57
CA PHE A 24 -13.26 -0.23 0.78
C PHE A 24 -13.40 1.01 1.62
N ASN A 25 -14.38 1.02 2.48
CA ASN A 25 -14.61 2.16 3.35
C ASN A 25 -13.79 2.01 4.62
N SER A 26 -13.45 0.81 4.92
CA SER A 26 -12.64 0.50 6.06
C SER A 26 -11.20 0.60 5.64
N SER A 27 -10.37 1.16 6.49
CA SER A 27 -8.99 1.35 6.16
C SER A 27 -8.22 0.02 6.14
N PRO A 28 -8.30 -0.85 7.19
CA PRO A 28 -7.58 -2.14 7.17
C PRO A 28 -8.03 -3.04 6.02
N ASP A 29 -9.25 -2.85 5.59
CA ASP A 29 -9.77 -3.60 4.44
C ASP A 29 -9.14 -3.07 3.18
N LEU A 30 -9.10 -1.76 3.08
CA LEU A 30 -8.48 -1.08 1.96
C LEU A 30 -6.98 -1.40 1.92
N ALA A 31 -6.30 -1.11 3.02
CA ALA A 31 -4.87 -1.29 3.18
C ALA A 31 -4.43 -2.70 2.89
N ASP A 32 -5.25 -3.68 3.28
CA ASP A 32 -4.96 -5.08 3.01
C ASP A 32 -4.82 -5.32 1.53
N HIS A 33 -5.79 -4.86 0.75
CA HIS A 33 -5.75 -5.03 -0.67
C HIS A 33 -4.56 -4.23 -1.27
N ILE A 34 -4.29 -3.03 -0.73
CA ILE A 34 -3.07 -2.31 -1.14
C ILE A 34 -1.82 -3.17 -0.90
N ARG A 35 -1.67 -3.70 0.29
CA ARG A 35 -0.51 -4.49 0.65
C ARG A 35 -0.42 -5.74 -0.24
N SER A 36 -1.56 -6.20 -0.67
CA SER A 36 -1.70 -7.40 -1.46
C SER A 36 -1.44 -7.15 -2.98
N ILE A 37 -2.16 -6.24 -3.57
CA ILE A 37 -2.12 -6.09 -5.02
C ILE A 37 -1.32 -4.85 -5.45
N HIS A 38 -1.02 -3.99 -4.51
CA HIS A 38 -0.30 -2.75 -4.82
C HIS A 38 1.14 -2.84 -4.38
N VAL A 39 1.36 -3.13 -3.11
CA VAL A 39 2.70 -3.20 -2.57
C VAL A 39 3.36 -4.51 -3.00
N ASP A 40 2.65 -5.60 -2.76
CA ASP A 40 3.15 -6.96 -3.11
C ASP A 40 3.07 -7.20 -4.62
N GLY A 41 2.23 -6.45 -5.28
CA GLY A 41 2.06 -6.62 -6.71
C GLY A 41 3.21 -6.01 -7.48
N GLN A 42 4.00 -5.20 -6.80
CA GLN A 42 5.09 -4.50 -7.40
C GLN A 42 6.42 -5.03 -6.96
N ARG A 43 6.42 -6.26 -6.44
CA ARG A 43 7.64 -6.92 -5.89
C ARG A 43 8.64 -7.35 -6.99
N GLY A 44 8.79 -6.51 -7.98
CA GLY A 44 9.67 -6.78 -9.09
C GLY A 44 10.92 -5.95 -8.98
N GLY A 45 11.17 -5.48 -7.79
CA GLY A 45 12.36 -4.73 -7.50
C GLY A 45 12.14 -3.23 -7.51
N VAL A 46 11.12 -2.76 -8.20
CA VAL A 46 10.82 -1.37 -8.26
C VAL A 46 9.34 -1.17 -7.99
N PHE A 47 9.04 -0.33 -7.08
CA PHE A 47 7.67 -0.09 -6.68
C PHE A 47 7.28 1.32 -7.07
N VAL A 48 6.16 1.43 -7.73
CA VAL A 48 5.68 2.72 -8.22
C VAL A 48 4.21 3.00 -7.78
N CYS A 49 3.96 4.23 -7.33
CA CYS A 49 2.62 4.62 -6.96
C CYS A 49 1.91 5.04 -8.24
N LEU A 50 0.68 4.69 -8.34
CA LEU A 50 -0.13 5.07 -9.48
C LEU A 50 -1.33 5.90 -9.02
N TRP A 51 -1.19 6.48 -7.84
CA TRP A 51 -2.21 7.36 -7.32
C TRP A 51 -2.03 8.75 -7.84
N LYS A 52 -3.01 9.21 -8.51
CA LYS A 52 -2.99 10.53 -9.08
C LYS A 52 -3.09 11.57 -7.99
N GLY A 53 -2.02 12.28 -7.77
CA GLY A 53 -1.98 13.28 -6.73
C GLY A 53 -0.72 13.20 -5.92
N CYS A 54 -0.07 12.06 -5.97
CA CYS A 54 1.18 11.87 -5.27
C CYS A 54 2.31 12.64 -5.95
N LYS A 55 3.25 13.10 -5.18
CA LYS A 55 4.45 13.77 -5.71
C LYS A 55 5.50 12.73 -6.19
N VAL A 56 5.13 11.45 -6.15
CA VAL A 56 6.06 10.35 -6.45
C VAL A 56 5.42 9.27 -7.33
N TYR A 57 4.25 9.53 -7.85
CA TYR A 57 3.60 8.48 -8.60
C TYR A 57 4.13 8.42 -10.00
N ASN A 58 4.00 7.25 -10.60
CA ASN A 58 4.46 6.94 -11.94
C ASN A 58 6.01 6.94 -12.00
N THR A 59 6.62 6.82 -10.84
CA THR A 59 8.05 6.80 -10.71
C THR A 59 8.45 5.58 -9.85
N PRO A 60 9.10 4.59 -10.47
CA PRO A 60 9.51 3.38 -9.78
C PRO A 60 10.64 3.65 -8.79
N SER A 61 10.44 3.21 -7.58
CA SER A 61 11.41 3.35 -6.53
C SER A 61 11.71 1.98 -5.97
N THR A 62 12.94 1.70 -5.67
CA THR A 62 13.33 0.39 -5.17
C THR A 62 13.09 0.26 -3.66
N SER A 63 12.76 1.36 -3.04
CA SER A 63 12.52 1.39 -1.63
C SER A 63 11.16 0.81 -1.31
N GLN A 64 11.18 -0.38 -0.75
CA GLN A 64 9.98 -1.06 -0.34
C GLN A 64 9.30 -0.29 0.79
N SER A 65 10.11 0.30 1.64
CA SER A 65 9.67 1.01 2.79
C SER A 65 9.01 2.36 2.40
N TRP A 66 9.49 2.94 1.32
CA TRP A 66 8.97 4.19 0.78
C TRP A 66 7.49 4.04 0.44
N LEU A 67 7.17 3.05 -0.40
CA LEU A 67 5.86 2.82 -0.87
C LEU A 67 4.90 2.51 0.28
N GLN A 68 5.39 1.73 1.24
CA GLN A 68 4.62 1.38 2.41
C GLN A 68 4.25 2.62 3.24
N ARG A 69 5.20 3.53 3.42
CA ARG A 69 4.92 4.75 4.18
C ARG A 69 3.99 5.65 3.38
N HIS A 70 4.13 5.58 2.09
CA HIS A 70 3.32 6.33 1.19
C HIS A 70 1.85 5.85 1.24
N MET A 71 1.65 4.53 1.21
CA MET A 71 0.29 3.98 1.30
C MET A 71 -0.28 4.12 2.70
N LEU A 72 0.62 4.25 3.66
CA LEU A 72 0.26 4.46 5.05
C LEU A 72 -0.46 5.79 5.15
N THR A 73 -0.01 6.74 4.36
CA THR A 73 -0.53 8.03 4.26
C THR A 73 -1.84 8.04 3.41
N HIS A 74 -1.99 7.05 2.51
CA HIS A 74 -3.18 6.96 1.67
C HIS A 74 -4.37 6.35 2.41
N SER A 75 -4.15 5.25 3.08
CA SER A 75 -5.24 4.55 3.75
C SER A 75 -5.41 5.03 5.19
N GLY A 76 -4.30 5.49 5.78
CA GLY A 76 -4.32 5.97 7.14
C GLY A 76 -4.44 4.87 8.12
N ASP A 77 -3.53 3.95 8.02
CA ASP A 77 -3.49 2.84 8.92
C ASP A 77 -2.24 2.90 9.72
N LYS A 78 -2.04 1.89 10.48
CA LYS A 78 -0.85 1.75 11.30
C LYS A 78 -0.16 0.38 11.12
N PRO A 79 -0.84 -0.78 11.39
CA PRO A 79 -0.20 -2.11 11.26
C PRO A 79 0.36 -2.39 9.86
N PHE A 80 1.64 -2.63 9.81
CA PHE A 80 2.33 -2.97 8.60
C PHE A 80 2.51 -4.47 8.58
N LYS A 81 1.89 -5.13 7.65
CA LYS A 81 2.15 -6.56 7.46
C LYS A 81 3.31 -6.70 6.49
N CYS A 82 3.86 -7.91 6.38
CA CYS A 82 4.93 -8.15 5.47
C CYS A 82 4.42 -7.92 4.06
N VAL A 83 5.30 -7.60 3.19
CA VAL A 83 4.94 -7.25 1.85
C VAL A 83 4.58 -8.46 1.07
N VAL A 84 5.34 -9.48 1.27
CA VAL A 84 5.23 -10.69 0.52
C VAL A 84 3.88 -11.34 0.74
N GLY A 85 3.13 -11.46 -0.34
CA GLY A 85 1.84 -12.11 -0.31
C GLY A 85 1.94 -13.53 0.12
N GLY A 86 1.75 -13.74 1.39
CA GLY A 86 1.87 -15.05 1.96
C GLY A 86 2.72 -15.00 3.19
N CYS A 87 3.46 -13.92 3.34
CA CYS A 87 4.31 -13.74 4.45
C CYS A 87 3.58 -12.87 5.46
N ASN A 88 3.66 -13.29 6.66
CA ASN A 88 3.03 -12.59 7.74
C ASN A 88 4.01 -12.14 8.79
N ALA A 89 4.03 -10.85 8.99
CA ALA A 89 4.80 -10.21 10.00
C ALA A 89 4.25 -8.81 10.13
N SER A 90 3.58 -8.53 11.19
CA SER A 90 2.92 -7.26 11.34
C SER A 90 3.47 -6.47 12.50
N PHE A 91 3.69 -5.21 12.28
CA PHE A 91 4.23 -4.33 13.29
C PHE A 91 3.46 -3.02 13.28
N ALA A 92 3.49 -2.31 14.39
CA ALA A 92 2.78 -1.03 14.52
C ALA A 92 3.69 0.12 14.15
N SER A 93 4.88 -0.22 13.74
CA SER A 93 5.85 0.70 13.27
C SER A 93 6.65 -0.01 12.21
N GLN A 94 7.20 0.72 11.31
CA GLN A 94 7.87 0.14 10.18
C GLN A 94 9.27 -0.34 10.55
N GLY A 95 9.79 0.18 11.65
CA GLY A 95 11.15 -0.12 12.10
C GLY A 95 11.50 -1.61 12.17
N GLY A 96 10.66 -2.39 12.82
CA GLY A 96 10.93 -3.82 12.94
C GLY A 96 10.66 -4.54 11.64
N LEU A 97 9.71 -4.04 10.90
CA LEU A 97 9.32 -4.62 9.65
C LEU A 97 10.39 -4.37 8.58
N ALA A 98 11.02 -3.21 8.66
CA ALA A 98 12.10 -2.80 7.76
C ALA A 98 13.31 -3.71 7.88
N ARG A 99 13.33 -4.49 8.92
CA ARG A 99 14.40 -5.45 9.12
C ARG A 99 14.01 -6.83 8.58
N HIS A 100 12.72 -7.10 8.53
CA HIS A 100 12.19 -8.37 8.04
C HIS A 100 12.02 -8.36 6.53
N VAL A 101 11.43 -7.32 6.04
CA VAL A 101 11.10 -7.21 4.62
C VAL A 101 12.32 -7.36 3.65
N PRO A 102 13.50 -6.73 3.92
CA PRO A 102 14.66 -6.85 3.02
C PRO A 102 15.18 -8.28 2.95
N THR A 103 14.76 -9.14 3.88
CA THR A 103 15.27 -10.51 3.86
C THR A 103 14.62 -11.33 2.73
N HIS A 104 13.55 -10.79 2.15
CA HIS A 104 12.89 -11.45 1.03
C HIS A 104 13.50 -10.99 -0.29
N PHE A 105 14.10 -9.80 -0.26
CA PHE A 105 14.76 -9.20 -1.44
C PHE A 105 16.09 -9.84 -1.75
N SER A 106 16.38 -10.89 -1.03
CA SER A 106 17.56 -11.69 -1.21
C SER A 106 17.63 -12.28 -2.64
N GLN A 107 16.51 -12.25 -3.35
CA GLN A 107 16.42 -12.71 -4.73
C GLN A 107 17.28 -11.84 -5.67
N GLN A 108 17.59 -10.64 -5.25
CA GLN A 108 18.42 -9.72 -6.01
C GLN A 108 19.80 -9.62 -5.40
N ASN A 109 20.09 -10.51 -4.48
CA ASN A 109 21.36 -10.45 -3.74
C ASN A 109 21.95 -11.82 -3.57
ZN ZN B . -6.74 -1.05 -5.71
ZN ZN C . 0.66 7.70 -4.21
ZN ZN D . 7.71 -11.42 5.34
N MET A 1 -24.50 15.53 7.96
CA MET A 1 -24.64 16.58 6.94
C MET A 1 -24.88 15.92 5.61
N GLY A 2 -25.51 16.65 4.70
CA GLY A 2 -25.79 16.13 3.39
C GLY A 2 -26.22 17.22 2.45
N HIS A 3 -25.32 17.63 1.60
CA HIS A 3 -25.60 18.68 0.62
C HIS A 3 -25.56 18.09 -0.77
N HIS A 4 -24.45 17.50 -1.10
CA HIS A 4 -24.29 16.83 -2.36
C HIS A 4 -24.30 15.34 -2.07
N HIS A 5 -23.37 14.91 -1.26
CA HIS A 5 -23.37 13.55 -0.77
C HIS A 5 -24.17 13.54 0.53
N HIS A 6 -25.07 12.62 0.67
CA HIS A 6 -25.91 12.56 1.85
C HIS A 6 -25.23 11.85 3.00
N HIS A 7 -25.87 11.87 4.16
CA HIS A 7 -25.29 11.37 5.38
C HIS A 7 -25.16 9.84 5.40
N HIS A 8 -24.02 9.38 4.99
CA HIS A 8 -23.63 7.99 5.15
C HIS A 8 -22.55 7.94 6.20
N ASN A 9 -21.94 9.12 6.42
CA ASN A 9 -20.85 9.35 7.39
C ASN A 9 -19.58 8.65 6.92
N ASN A 10 -19.57 8.24 5.67
CA ASN A 10 -18.49 7.48 5.09
C ASN A 10 -18.72 7.43 3.59
N ILE A 11 -17.71 7.07 2.84
CA ILE A 11 -17.80 6.95 1.42
C ILE A 11 -17.00 5.70 1.03
N ALA A 12 -17.09 5.26 -0.18
CA ALA A 12 -16.35 4.13 -0.61
C ALA A 12 -15.03 4.65 -1.10
N TYR A 13 -13.99 4.34 -0.40
CA TYR A 13 -12.70 4.87 -0.68
C TYR A 13 -12.11 4.14 -1.86
N ASN A 14 -12.26 4.75 -3.01
CA ASN A 14 -11.74 4.17 -4.25
C ASN A 14 -10.24 4.36 -4.30
N CYS A 15 -9.49 3.29 -4.48
CA CYS A 15 -8.10 3.48 -4.71
C CYS A 15 -7.94 3.86 -6.17
N CYS A 16 -6.98 4.68 -6.49
CA CYS A 16 -6.78 5.01 -7.85
C CYS A 16 -5.35 4.69 -8.27
N TRP A 17 -5.10 3.42 -8.48
CA TRP A 17 -3.79 2.93 -8.83
C TRP A 17 -3.86 2.18 -10.14
N ASP A 18 -3.34 2.76 -11.21
CA ASP A 18 -3.23 2.06 -12.53
C ASP A 18 -4.60 1.54 -12.99
N GLN A 19 -5.64 2.31 -12.65
CA GLN A 19 -7.03 2.01 -13.01
C GLN A 19 -7.68 0.95 -12.12
N CYS A 20 -7.04 0.61 -11.00
CA CYS A 20 -7.60 -0.26 -10.01
C CYS A 20 -8.73 0.48 -9.36
N GLN A 21 -9.91 0.32 -9.86
CA GLN A 21 -11.03 0.91 -9.25
C GLN A 21 -11.61 -0.05 -8.30
N ALA A 22 -11.21 0.12 -7.10
CA ALA A 22 -11.55 -0.72 -6.03
C ALA A 22 -11.90 0.17 -4.89
N CYS A 23 -12.97 -0.10 -4.21
CA CYS A 23 -13.42 0.81 -3.19
C CYS A 23 -13.93 0.12 -1.96
N PHE A 24 -13.37 0.47 -0.84
CA PHE A 24 -13.74 -0.13 0.41
C PHE A 24 -14.22 0.94 1.34
N ASN A 25 -15.16 0.59 2.18
CA ASN A 25 -15.77 1.53 3.10
C ASN A 25 -14.88 1.71 4.31
N SER A 26 -14.13 0.70 4.62
CA SER A 26 -13.26 0.75 5.73
C SER A 26 -11.83 0.94 5.27
N SER A 27 -11.09 1.66 6.07
CA SER A 27 -9.73 1.97 5.77
C SER A 27 -8.87 0.70 5.85
N PRO A 28 -8.98 -0.18 6.93
CA PRO A 28 -8.19 -1.40 7.02
C PRO A 28 -8.44 -2.34 5.84
N ASP A 29 -9.67 -2.35 5.35
CA ASP A 29 -10.02 -3.18 4.20
C ASP A 29 -9.39 -2.62 2.96
N LEU A 30 -9.47 -1.31 2.83
CA LEU A 30 -8.79 -0.62 1.73
C LEU A 30 -7.27 -0.84 1.80
N ALA A 31 -6.68 -0.60 2.97
CA ALA A 31 -5.24 -0.73 3.19
C ALA A 31 -4.77 -2.15 2.92
N ASP A 32 -5.59 -3.11 3.29
CA ASP A 32 -5.32 -4.51 3.03
C ASP A 32 -5.25 -4.74 1.55
N HIS A 33 -6.20 -4.15 0.82
CA HIS A 33 -6.21 -4.20 -0.62
C HIS A 33 -4.93 -3.56 -1.18
N ILE A 34 -4.58 -2.36 -0.70
CA ILE A 34 -3.33 -1.73 -1.12
C ILE A 34 -2.11 -2.62 -0.81
N ARG A 35 -1.98 -3.09 0.40
CA ARG A 35 -0.82 -3.88 0.80
C ARG A 35 -0.74 -5.17 -0.02
N SER A 36 -1.89 -5.67 -0.36
CA SER A 36 -2.00 -6.96 -1.00
C SER A 36 -1.96 -6.92 -2.54
N ILE A 37 -2.59 -5.94 -3.17
CA ILE A 37 -2.62 -5.90 -4.64
C ILE A 37 -1.74 -4.76 -5.18
N HIS A 38 -1.36 -3.85 -4.32
CA HIS A 38 -0.57 -2.70 -4.74
C HIS A 38 0.87 -2.87 -4.28
N VAL A 39 1.09 -2.92 -2.97
CA VAL A 39 2.44 -3.08 -2.40
C VAL A 39 3.01 -4.42 -2.81
N ASP A 40 2.25 -5.47 -2.55
CA ASP A 40 2.63 -6.84 -2.97
C ASP A 40 2.72 -6.91 -4.49
N GLY A 41 1.87 -6.15 -5.12
CA GLY A 41 1.78 -6.12 -6.56
C GLY A 41 2.97 -5.44 -7.24
N GLN A 42 3.76 -4.70 -6.48
CA GLN A 42 4.83 -3.87 -7.00
C GLN A 42 6.16 -4.61 -7.10
N ARG A 43 6.16 -5.93 -6.97
CA ARG A 43 7.40 -6.68 -7.08
C ARG A 43 7.85 -6.83 -8.53
N GLY A 44 8.41 -5.77 -9.04
CA GLY A 44 8.95 -5.74 -10.38
C GLY A 44 10.36 -5.26 -10.36
N GLY A 45 11.00 -5.42 -9.23
CA GLY A 45 12.37 -5.00 -9.03
C GLY A 45 12.45 -3.58 -8.55
N VAL A 46 11.40 -2.83 -8.85
CA VAL A 46 11.24 -1.48 -8.42
C VAL A 46 9.79 -1.29 -8.06
N PHE A 47 9.57 -0.51 -7.05
CA PHE A 47 8.23 -0.26 -6.56
C PHE A 47 7.85 1.15 -6.94
N VAL A 48 6.66 1.30 -7.42
CA VAL A 48 6.17 2.57 -7.89
C VAL A 48 4.73 2.76 -7.49
N CYS A 49 4.45 3.90 -6.94
CA CYS A 49 3.13 4.26 -6.59
C CYS A 49 2.46 4.73 -7.88
N LEU A 50 1.34 4.15 -8.21
CA LEU A 50 0.54 4.58 -9.38
C LEU A 50 -0.73 5.20 -8.87
N TRP A 51 -0.71 5.56 -7.62
CA TRP A 51 -1.87 6.05 -6.97
C TRP A 51 -2.03 7.54 -7.19
N LYS A 52 -3.02 7.90 -7.98
CA LYS A 52 -3.43 9.27 -8.15
C LYS A 52 -3.75 9.85 -6.79
N GLY A 53 -2.94 10.74 -6.37
CA GLY A 53 -3.04 11.30 -5.06
C GLY A 53 -1.71 11.85 -4.68
N CYS A 54 -0.68 11.18 -5.14
CA CYS A 54 0.64 11.64 -4.97
C CYS A 54 0.94 12.63 -6.07
N LYS A 55 1.75 13.59 -5.79
CA LYS A 55 2.25 14.50 -6.81
C LYS A 55 3.53 13.92 -7.42
N VAL A 56 3.89 12.72 -6.95
CA VAL A 56 5.17 12.07 -7.26
C VAL A 56 5.01 10.64 -7.67
N TYR A 57 3.81 10.25 -8.01
CA TYR A 57 3.61 8.86 -8.37
C TYR A 57 4.21 8.58 -9.74
N ASN A 58 4.30 7.31 -10.07
CA ASN A 58 4.89 6.83 -11.31
C ASN A 58 6.41 6.97 -11.24
N THR A 59 6.92 6.97 -10.02
CA THR A 59 8.33 7.08 -9.77
C THR A 59 8.80 5.79 -9.09
N PRO A 60 9.53 4.93 -9.82
CA PRO A 60 10.02 3.67 -9.29
C PRO A 60 11.23 3.83 -8.36
N SER A 61 11.19 3.13 -7.25
CA SER A 61 12.23 3.10 -6.28
C SER A 61 12.44 1.66 -5.86
N THR A 62 13.61 1.31 -5.41
CA THR A 62 13.87 -0.04 -4.96
C THR A 62 13.69 -0.14 -3.44
N SER A 63 13.13 0.91 -2.89
CA SER A 63 12.89 1.01 -1.49
C SER A 63 11.48 0.48 -1.15
N GLN A 64 11.43 -0.77 -0.72
CA GLN A 64 10.15 -1.46 -0.44
C GLN A 64 9.46 -0.87 0.76
N SER A 65 10.21 -0.57 1.79
CA SER A 65 9.65 -0.03 2.98
C SER A 65 9.20 1.42 2.79
N TRP A 66 9.83 2.09 1.83
CA TRP A 66 9.46 3.44 1.49
C TRP A 66 8.05 3.48 0.95
N LEU A 67 7.74 2.52 0.09
CA LEU A 67 6.46 2.41 -0.51
C LEU A 67 5.40 2.16 0.58
N GLN A 68 5.76 1.36 1.56
CA GLN A 68 4.90 1.05 2.69
C GLN A 68 4.68 2.27 3.60
N ARG A 69 5.72 3.08 3.73
CA ARG A 69 5.68 4.32 4.51
C ARG A 69 4.84 5.35 3.74
N HIS A 70 4.89 5.25 2.44
CA HIS A 70 4.17 6.10 1.53
C HIS A 70 2.67 5.77 1.52
N MET A 71 2.31 4.48 1.40
CA MET A 71 0.87 4.07 1.39
C MET A 71 0.19 4.41 2.69
N LEU A 72 0.98 4.55 3.73
CA LEU A 72 0.50 4.90 5.05
C LEU A 72 -0.24 6.23 5.03
N THR A 73 0.22 7.15 4.19
CA THR A 73 -0.41 8.46 4.08
C THR A 73 -1.67 8.40 3.21
N HIS A 74 -1.87 7.27 2.53
CA HIS A 74 -2.98 7.13 1.61
C HIS A 74 -4.25 6.67 2.30
N SER A 75 -4.18 5.65 3.13
CA SER A 75 -5.37 5.21 3.81
C SER A 75 -5.36 5.66 5.29
N GLY A 76 -4.15 5.79 5.84
CA GLY A 76 -4.00 6.19 7.23
C GLY A 76 -3.88 5.00 8.18
N ASP A 77 -3.71 3.81 7.64
CA ASP A 77 -3.67 2.58 8.44
C ASP A 77 -2.28 2.25 8.87
N LYS A 78 -2.09 2.29 10.16
CA LYS A 78 -0.80 2.12 10.80
C LYS A 78 -0.10 0.73 10.54
N PRO A 79 -0.72 -0.42 10.97
CA PRO A 79 -0.11 -1.77 10.87
C PRO A 79 0.53 -2.09 9.51
N PHE A 80 1.79 -2.40 9.56
CA PHE A 80 2.56 -2.72 8.39
C PHE A 80 2.69 -4.22 8.29
N LYS A 81 1.91 -4.82 7.42
CA LYS A 81 2.00 -6.25 7.12
C LYS A 81 3.18 -6.48 6.16
N CYS A 82 3.73 -7.70 6.15
CA CYS A 82 4.86 -8.01 5.28
C CYS A 82 4.39 -8.02 3.82
N VAL A 83 5.32 -7.86 2.93
CA VAL A 83 5.02 -7.72 1.51
C VAL A 83 4.84 -9.08 0.87
N VAL A 84 5.52 -10.04 1.40
CA VAL A 84 5.52 -11.39 0.86
C VAL A 84 4.19 -12.07 1.11
N GLY A 85 3.54 -12.51 0.04
CA GLY A 85 2.27 -13.19 0.14
C GLY A 85 2.42 -14.53 0.81
N GLY A 86 2.15 -14.55 2.09
CA GLY A 86 2.32 -15.75 2.88
C GLY A 86 3.13 -15.43 4.11
N CYS A 87 3.86 -14.34 4.04
CA CYS A 87 4.64 -13.89 5.16
C CYS A 87 3.81 -12.88 5.91
N ASN A 88 3.63 -13.14 7.13
CA ASN A 88 2.89 -12.25 7.99
C ASN A 88 3.75 -11.77 9.12
N ALA A 89 4.13 -10.54 9.01
CA ALA A 89 4.85 -9.86 10.02
C ALA A 89 4.31 -8.46 10.01
N SER A 90 3.27 -8.25 10.77
CA SER A 90 2.60 -6.99 10.76
C SER A 90 2.85 -6.29 12.06
N PHE A 91 3.53 -5.18 11.97
CA PHE A 91 3.91 -4.46 13.16
C PHE A 91 3.35 -3.07 13.10
N ALA A 92 3.28 -2.42 14.23
CA ALA A 92 2.78 -1.05 14.28
C ALA A 92 3.86 -0.11 13.83
N SER A 93 5.08 -0.39 14.22
CA SER A 93 6.17 0.41 13.81
C SER A 93 6.84 -0.27 12.63
N GLN A 94 7.38 0.51 11.76
CA GLN A 94 7.97 -0.03 10.57
C GLN A 94 9.40 -0.52 10.84
N GLY A 95 9.96 -0.10 11.96
CA GLY A 95 11.35 -0.43 12.32
C GLY A 95 11.70 -1.91 12.17
N GLY A 96 10.86 -2.78 12.69
CA GLY A 96 11.15 -4.20 12.62
C GLY A 96 10.88 -4.76 11.24
N LEU A 97 9.85 -4.23 10.61
CA LEU A 97 9.44 -4.68 9.29
C LEU A 97 10.44 -4.26 8.23
N ALA A 98 10.97 -3.07 8.35
CA ALA A 98 11.91 -2.49 7.37
C ALA A 98 13.17 -3.30 7.27
N ARG A 99 13.47 -4.01 8.30
CA ARG A 99 14.61 -4.85 8.35
C ARG A 99 14.25 -6.28 7.90
N HIS A 100 13.01 -6.65 8.09
CA HIS A 100 12.53 -7.99 7.76
C HIS A 100 12.24 -8.10 6.28
N VAL A 101 11.66 -7.09 5.73
CA VAL A 101 11.27 -7.09 4.34
C VAL A 101 12.43 -7.32 3.32
N PRO A 102 13.58 -6.62 3.44
CA PRO A 102 14.67 -6.76 2.49
C PRO A 102 15.33 -8.13 2.57
N THR A 103 15.05 -8.89 3.64
CA THR A 103 15.70 -10.20 3.78
C THR A 103 15.07 -11.19 2.81
N HIS A 104 13.83 -10.92 2.41
CA HIS A 104 13.15 -11.78 1.47
C HIS A 104 13.66 -11.54 0.08
N PHE A 105 14.15 -10.34 -0.15
CA PHE A 105 14.78 -10.01 -1.42
C PHE A 105 16.13 -10.70 -1.52
N SER A 106 16.70 -11.01 -0.37
CA SER A 106 17.93 -11.73 -0.30
C SER A 106 17.65 -13.22 -0.58
N GLN A 107 16.80 -13.83 0.24
CA GLN A 107 16.42 -15.21 0.05
C GLN A 107 14.93 -15.34 -0.17
N GLN A 108 14.54 -15.20 -1.41
CA GLN A 108 13.15 -15.37 -1.79
C GLN A 108 12.96 -16.83 -2.17
N ASN A 109 14.05 -17.41 -2.59
CA ASN A 109 14.14 -18.80 -2.99
C ASN A 109 15.58 -19.26 -2.89
ZN ZN B . -7.00 -0.85 -5.88
ZN ZN C . 1.36 7.32 -3.84
ZN ZN D . 7.87 -11.18 5.74
N MET A 1 -17.94 21.21 -7.85
CA MET A 1 -18.41 21.40 -6.48
C MET A 1 -17.71 22.59 -5.90
N GLY A 2 -18.35 23.74 -6.00
CA GLY A 2 -17.77 24.95 -5.51
C GLY A 2 -17.81 25.01 -4.01
N HIS A 3 -18.99 25.20 -3.48
CA HIS A 3 -19.16 25.31 -2.06
C HIS A 3 -19.78 24.07 -1.49
N HIS A 4 -19.14 23.56 -0.48
CA HIS A 4 -19.56 22.40 0.27
C HIS A 4 -18.64 22.33 1.47
N HIS A 5 -18.86 21.40 2.34
CA HIS A 5 -17.99 21.26 3.48
C HIS A 5 -17.16 20.01 3.31
N HIS A 6 -16.01 19.97 3.96
CA HIS A 6 -15.21 18.77 3.90
C HIS A 6 -15.55 17.86 5.08
N HIS A 7 -16.48 17.00 4.83
CA HIS A 7 -16.99 16.09 5.83
C HIS A 7 -17.00 14.70 5.24
N HIS A 8 -17.22 13.71 6.07
CA HIS A 8 -17.28 12.36 5.61
C HIS A 8 -18.61 12.12 4.94
N ASN A 9 -18.59 12.16 3.62
CA ASN A 9 -19.80 11.97 2.82
C ASN A 9 -20.20 10.50 2.86
N ASN A 10 -19.19 9.66 3.07
CA ASN A 10 -19.31 8.20 3.14
C ASN A 10 -19.58 7.65 1.75
N ILE A 11 -18.59 7.02 1.20
CA ILE A 11 -18.66 6.50 -0.13
C ILE A 11 -17.64 5.35 -0.19
N ALA A 12 -17.56 4.62 -1.26
CA ALA A 12 -16.62 3.55 -1.36
C ALA A 12 -15.35 4.13 -1.91
N TYR A 13 -14.29 3.97 -1.19
CA TYR A 13 -13.06 4.57 -1.55
C TYR A 13 -12.31 3.70 -2.52
N ASN A 14 -12.48 4.02 -3.79
CA ASN A 14 -11.79 3.34 -4.88
C ASN A 14 -10.33 3.72 -4.87
N CYS A 15 -9.47 2.74 -4.80
CA CYS A 15 -8.07 3.03 -4.81
C CYS A 15 -7.63 3.38 -6.22
N CYS A 16 -7.27 4.63 -6.43
CA CYS A 16 -6.89 5.05 -7.75
C CYS A 16 -5.45 4.78 -8.01
N TRP A 17 -5.23 3.54 -8.24
CA TRP A 17 -3.99 3.00 -8.62
C TRP A 17 -4.26 2.30 -9.90
N ASP A 18 -3.39 2.48 -10.86
CA ASP A 18 -3.38 1.85 -12.15
C ASP A 18 -4.24 0.62 -12.35
N GLN A 19 -5.47 0.88 -12.79
CA GLN A 19 -6.43 -0.10 -13.24
C GLN A 19 -6.94 -1.00 -12.11
N CYS A 20 -6.86 -0.52 -10.90
CA CYS A 20 -7.33 -1.23 -9.77
C CYS A 20 -8.69 -0.68 -9.38
N GLN A 21 -9.72 -1.25 -9.92
CA GLN A 21 -11.03 -0.85 -9.55
C GLN A 21 -11.46 -1.69 -8.40
N ALA A 22 -11.27 -1.15 -7.24
CA ALA A 22 -11.51 -1.79 -6.00
C ALA A 22 -11.92 -0.70 -5.07
N CYS A 23 -12.83 -0.96 -4.16
CA CYS A 23 -13.33 0.09 -3.31
C CYS A 23 -13.75 -0.44 -1.97
N PHE A 24 -13.21 0.15 -0.92
CA PHE A 24 -13.47 -0.27 0.43
C PHE A 24 -13.99 0.92 1.22
N ASN A 25 -14.80 0.68 2.23
CA ASN A 25 -15.35 1.78 3.04
C ASN A 25 -14.52 1.97 4.29
N SER A 26 -13.73 0.97 4.62
CA SER A 26 -12.93 1.02 5.80
C SER A 26 -11.47 1.20 5.42
N SER A 27 -10.74 1.97 6.21
CA SER A 27 -9.39 2.28 5.95
C SER A 27 -8.44 1.05 6.03
N PRO A 28 -8.51 0.19 7.11
CA PRO A 28 -7.65 -0.98 7.19
C PRO A 28 -7.96 -2.02 6.12
N ASP A 29 -9.22 -2.11 5.74
CA ASP A 29 -9.68 -3.02 4.70
C ASP A 29 -9.06 -2.61 3.39
N LEU A 30 -9.17 -1.32 3.09
CA LEU A 30 -8.54 -0.73 1.93
C LEU A 30 -7.01 -0.92 2.00
N ALA A 31 -6.43 -0.63 3.15
CA ALA A 31 -4.98 -0.74 3.37
C ALA A 31 -4.48 -2.14 3.14
N ASP A 32 -5.26 -3.10 3.59
CA ASP A 32 -4.98 -4.51 3.43
C ASP A 32 -4.99 -4.86 1.96
N HIS A 33 -5.93 -4.30 1.22
CA HIS A 33 -6.00 -4.45 -0.22
C HIS A 33 -4.75 -3.85 -0.85
N ILE A 34 -4.42 -2.64 -0.45
CA ILE A 34 -3.18 -2.00 -0.88
C ILE A 34 -1.96 -2.89 -0.60
N ARG A 35 -1.88 -3.47 0.56
CA ARG A 35 -0.74 -4.30 0.93
C ARG A 35 -0.70 -5.57 0.07
N SER A 36 -1.86 -6.00 -0.31
CA SER A 36 -2.06 -7.23 -1.03
C SER A 36 -1.89 -7.08 -2.56
N ILE A 37 -2.52 -6.10 -3.16
CA ILE A 37 -2.50 -5.97 -4.63
C ILE A 37 -1.64 -4.80 -5.09
N HIS A 38 -1.28 -3.93 -4.19
CA HIS A 38 -0.53 -2.76 -4.57
C HIS A 38 0.93 -2.91 -4.17
N VAL A 39 1.17 -3.00 -2.88
CA VAL A 39 2.52 -3.14 -2.34
C VAL A 39 3.12 -4.46 -2.79
N ASP A 40 2.38 -5.54 -2.56
CA ASP A 40 2.80 -6.89 -3.03
C ASP A 40 2.86 -6.93 -4.56
N GLY A 41 2.05 -6.07 -5.17
CA GLY A 41 1.97 -5.98 -6.60
C GLY A 41 3.23 -5.39 -7.22
N GLN A 42 3.95 -4.65 -6.43
CA GLN A 42 5.13 -3.92 -6.87
C GLN A 42 6.42 -4.69 -6.71
N ARG A 43 6.33 -6.01 -6.56
CA ARG A 43 7.52 -6.86 -6.40
C ARG A 43 8.33 -7.04 -7.73
N GLY A 44 8.57 -5.96 -8.42
CA GLY A 44 9.29 -6.01 -9.68
C GLY A 44 10.64 -5.35 -9.56
N GLY A 45 11.18 -5.37 -8.37
CA GLY A 45 12.48 -4.77 -8.07
C GLY A 45 12.37 -3.28 -7.76
N VAL A 46 11.33 -2.65 -8.26
CA VAL A 46 11.07 -1.27 -8.00
C VAL A 46 9.61 -1.09 -7.65
N PHE A 47 9.38 -0.32 -6.65
CA PHE A 47 8.06 -0.08 -6.14
C PHE A 47 7.64 1.31 -6.55
N VAL A 48 6.50 1.43 -7.10
CA VAL A 48 6.03 2.69 -7.63
C VAL A 48 4.64 2.96 -7.08
N CYS A 49 4.35 4.18 -6.79
CA CYS A 49 3.04 4.57 -6.39
C CYS A 49 2.34 5.00 -7.66
N LEU A 50 1.19 4.47 -7.90
CA LEU A 50 0.42 4.87 -9.08
C LEU A 50 -0.83 5.53 -8.62
N TRP A 51 -0.81 5.99 -7.39
CA TRP A 51 -1.97 6.56 -6.81
C TRP A 51 -2.11 8.01 -7.21
N LYS A 52 -3.23 8.33 -7.77
CA LYS A 52 -3.52 9.66 -8.22
C LYS A 52 -3.73 10.60 -7.05
N GLY A 53 -2.78 11.48 -6.89
CA GLY A 53 -2.83 12.42 -5.82
C GLY A 53 -1.44 12.82 -5.43
N CYS A 54 -0.52 11.86 -5.46
CA CYS A 54 0.86 12.08 -5.08
C CYS A 54 1.56 13.07 -6.00
N LYS A 55 2.46 13.79 -5.44
CA LYS A 55 3.32 14.69 -6.18
C LYS A 55 4.57 13.95 -6.70
N VAL A 56 4.62 12.64 -6.46
CA VAL A 56 5.79 11.80 -6.82
C VAL A 56 5.37 10.44 -7.34
N TYR A 57 4.11 10.28 -7.68
CA TYR A 57 3.67 8.97 -8.17
C TYR A 57 4.22 8.71 -9.58
N ASN A 58 4.05 7.49 -10.06
CA ASN A 58 4.51 7.01 -11.36
C ASN A 58 6.04 7.12 -11.42
N THR A 59 6.67 7.01 -10.26
CA THR A 59 8.10 7.14 -10.14
C THR A 59 8.64 5.99 -9.25
N PRO A 60 9.15 4.91 -9.88
CA PRO A 60 9.60 3.71 -9.16
C PRO A 60 10.75 3.99 -8.15
N SER A 61 10.70 3.36 -7.01
CA SER A 61 11.72 3.45 -6.00
C SER A 61 12.10 2.03 -5.55
N THR A 62 13.27 1.86 -4.97
CA THR A 62 13.65 0.55 -4.47
C THR A 62 13.41 0.47 -2.96
N SER A 63 12.87 1.53 -2.40
CA SER A 63 12.62 1.58 -1.00
C SER A 63 11.20 1.08 -0.67
N GLN A 64 11.14 -0.15 -0.18
CA GLN A 64 9.89 -0.82 0.12
C GLN A 64 9.20 -0.17 1.32
N SER A 65 9.99 0.23 2.27
CA SER A 65 9.53 0.88 3.47
C SER A 65 8.87 2.21 3.14
N TRP A 66 9.51 2.95 2.24
CA TRP A 66 9.04 4.26 1.82
C TRP A 66 7.72 4.15 1.11
N LEU A 67 7.61 3.18 0.21
CA LEU A 67 6.41 2.95 -0.53
C LEU A 67 5.24 2.73 0.42
N GLN A 68 5.46 1.86 1.39
CA GLN A 68 4.47 1.54 2.40
C GLN A 68 4.12 2.75 3.24
N ARG A 69 5.12 3.50 3.62
CA ARG A 69 4.95 4.68 4.45
C ARG A 69 4.17 5.75 3.67
N HIS A 70 4.36 5.74 2.37
CA HIS A 70 3.67 6.64 1.46
C HIS A 70 2.23 6.15 1.23
N MET A 71 2.04 4.86 1.13
CA MET A 71 0.71 4.30 0.93
C MET A 71 -0.11 4.32 2.21
N LEU A 72 0.56 4.47 3.34
CA LEU A 72 -0.09 4.65 4.63
C LEU A 72 -0.91 5.94 4.56
N THR A 73 -0.31 6.97 4.00
CA THR A 73 -0.88 8.24 3.80
C THR A 73 -2.13 8.15 2.91
N HIS A 74 -2.21 7.11 2.10
CA HIS A 74 -3.32 6.93 1.21
C HIS A 74 -4.42 6.09 1.85
N SER A 75 -4.04 5.00 2.47
CA SER A 75 -4.99 4.05 2.96
C SER A 75 -5.48 4.37 4.38
N GLY A 76 -4.63 5.01 5.16
CA GLY A 76 -4.94 5.31 6.54
C GLY A 76 -4.77 4.12 7.41
N ASP A 77 -3.63 3.52 7.28
CA ASP A 77 -3.25 2.41 8.07
C ASP A 77 -2.14 2.80 9.01
N LYS A 78 -1.46 1.83 9.49
CA LYS A 78 -0.35 1.97 10.38
C LYS A 78 0.46 0.64 10.49
N PRO A 79 -0.16 -0.50 10.91
CA PRO A 79 0.53 -1.79 10.98
C PRO A 79 1.03 -2.26 9.62
N PHE A 80 2.33 -2.23 9.46
CA PHE A 80 2.95 -2.61 8.24
C PHE A 80 3.06 -4.11 8.19
N LYS A 81 2.17 -4.71 7.46
CA LYS A 81 2.22 -6.12 7.18
C LYS A 81 3.33 -6.43 6.18
N CYS A 82 3.79 -7.68 6.18
CA CYS A 82 4.81 -8.14 5.28
C CYS A 82 4.28 -7.95 3.87
N VAL A 83 5.15 -7.53 3.00
CA VAL A 83 4.77 -7.18 1.67
C VAL A 83 4.47 -8.40 0.86
N VAL A 84 5.01 -9.50 1.31
CA VAL A 84 4.80 -10.76 0.70
C VAL A 84 3.39 -11.25 1.02
N GLY A 85 2.57 -11.35 0.00
CA GLY A 85 1.23 -11.90 0.17
C GLY A 85 1.30 -13.38 0.40
N GLY A 86 1.54 -13.74 1.63
CA GLY A 86 1.73 -15.12 2.01
C GLY A 86 2.49 -15.17 3.31
N CYS A 87 3.27 -14.15 3.54
CA CYS A 87 4.02 -14.02 4.75
C CYS A 87 3.30 -13.01 5.61
N ASN A 88 3.23 -13.27 6.86
CA ASN A 88 2.61 -12.35 7.76
C ASN A 88 3.56 -11.88 8.81
N ALA A 89 3.64 -10.62 8.93
CA ALA A 89 4.37 -9.92 9.95
C ALA A 89 3.82 -8.55 9.90
N SER A 90 3.49 -7.96 11.00
CA SER A 90 2.97 -6.62 10.98
C SER A 90 3.55 -5.82 12.13
N PHE A 91 4.12 -4.71 11.82
CA PHE A 91 4.73 -3.86 12.82
C PHE A 91 4.19 -2.46 12.66
N ALA A 92 3.95 -1.77 13.77
CA ALA A 92 3.46 -0.41 13.76
C ALA A 92 4.60 0.55 13.43
N SER A 93 5.79 0.04 13.54
CA SER A 93 6.96 0.76 13.22
C SER A 93 7.70 0.04 12.11
N GLN A 94 8.22 0.80 11.19
CA GLN A 94 8.88 0.27 10.02
C GLN A 94 10.12 -0.56 10.34
N GLY A 95 10.88 -0.14 11.34
CA GLY A 95 12.16 -0.77 11.69
C GLY A 95 12.14 -2.29 11.79
N GLY A 96 11.14 -2.83 12.47
CA GLY A 96 11.03 -4.27 12.63
C GLY A 96 10.73 -4.98 11.32
N LEU A 97 9.91 -4.36 10.52
CA LEU A 97 9.49 -4.92 9.27
C LEU A 97 10.58 -4.77 8.22
N ALA A 98 11.23 -3.62 8.25
CA ALA A 98 12.28 -3.24 7.30
C ALA A 98 13.48 -4.17 7.39
N ARG A 99 13.53 -4.92 8.45
CA ARG A 99 14.59 -5.90 8.63
C ARG A 99 14.14 -7.27 8.13
N HIS A 100 12.84 -7.48 8.12
CA HIS A 100 12.25 -8.74 7.69
C HIS A 100 12.05 -8.78 6.18
N VAL A 101 11.58 -7.70 5.63
CA VAL A 101 11.32 -7.60 4.18
C VAL A 101 12.53 -7.96 3.29
N PRO A 102 13.76 -7.42 3.55
CA PRO A 102 14.91 -7.69 2.70
C PRO A 102 15.30 -9.16 2.71
N THR A 103 14.77 -9.93 3.67
CA THR A 103 15.13 -11.33 3.73
C THR A 103 14.40 -12.10 2.63
N HIS A 104 13.25 -11.58 2.21
CA HIS A 104 12.49 -12.19 1.12
C HIS A 104 13.09 -11.74 -0.20
N PHE A 105 13.66 -10.54 -0.19
CA PHE A 105 14.35 -9.97 -1.35
C PHE A 105 15.71 -10.60 -1.54
N SER A 106 16.12 -11.38 -0.57
CA SER A 106 17.32 -12.13 -0.66
C SER A 106 17.00 -13.41 -1.41
N GLN A 107 17.03 -13.32 -2.70
CA GLN A 107 16.67 -14.41 -3.54
C GLN A 107 17.92 -15.16 -3.94
N GLN A 108 18.09 -16.31 -3.35
CA GLN A 108 19.25 -17.15 -3.55
C GLN A 108 19.40 -17.55 -5.02
N ASN A 109 18.32 -18.00 -5.60
CA ASN A 109 18.34 -18.46 -6.97
C ASN A 109 17.66 -17.46 -7.89
ZN ZN B . -6.91 -1.26 -5.55
ZN ZN C . 1.15 7.83 -3.87
ZN ZN D . 7.36 -11.72 5.59
N MET A 1 -12.83 22.41 -21.07
CA MET A 1 -12.76 21.37 -20.02
C MET A 1 -11.54 21.63 -19.16
N GLY A 2 -11.57 21.14 -17.94
CA GLY A 2 -10.41 21.20 -17.09
C GLY A 2 -9.64 19.90 -17.22
N HIS A 3 -8.99 19.46 -16.18
CA HIS A 3 -8.31 18.16 -16.24
C HIS A 3 -9.33 17.05 -16.05
N HIS A 4 -10.32 17.34 -15.18
CA HIS A 4 -11.43 16.43 -14.82
C HIS A 4 -10.96 15.23 -14.04
N HIS A 5 -11.76 14.85 -13.05
CA HIS A 5 -11.42 13.82 -12.10
C HIS A 5 -10.30 14.32 -11.21
N HIS A 6 -10.68 14.93 -10.13
CA HIS A 6 -9.76 15.57 -9.18
C HIS A 6 -9.16 14.54 -8.24
N HIS A 7 -8.95 13.34 -8.78
CA HIS A 7 -8.49 12.18 -8.04
C HIS A 7 -9.50 11.85 -6.98
N HIS A 8 -10.56 11.20 -7.40
CA HIS A 8 -11.71 11.03 -6.57
C HIS A 8 -11.59 9.84 -5.65
N ASN A 9 -11.07 10.08 -4.48
CA ASN A 9 -11.09 9.09 -3.41
C ASN A 9 -12.51 9.11 -2.86
N ASN A 10 -13.05 10.34 -2.83
CA ASN A 10 -14.40 10.69 -2.40
C ASN A 10 -14.86 9.94 -1.15
N ILE A 11 -15.92 9.20 -1.24
CA ILE A 11 -16.43 8.43 -0.15
C ILE A 11 -16.17 6.97 -0.48
N ALA A 12 -16.06 6.15 0.55
CA ALA A 12 -15.84 4.70 0.41
C ALA A 12 -14.49 4.41 -0.16
N TYR A 13 -13.59 5.34 0.10
CA TYR A 13 -12.16 5.28 -0.19
C TYR A 13 -11.85 4.65 -1.54
N ASN A 14 -12.09 5.39 -2.56
CA ASN A 14 -11.81 4.93 -3.90
C ASN A 14 -10.32 4.95 -4.19
N CYS A 15 -9.70 3.78 -4.24
CA CYS A 15 -8.31 3.71 -4.51
C CYS A 15 -8.10 4.02 -5.99
N CYS A 16 -7.26 4.97 -6.25
CA CYS A 16 -6.99 5.35 -7.59
C CYS A 16 -5.63 4.96 -7.96
N TRP A 17 -5.51 3.72 -8.24
CA TRP A 17 -4.31 3.20 -8.68
C TRP A 17 -4.51 3.02 -10.16
N ASP A 18 -3.46 3.21 -10.90
CA ASP A 18 -3.41 3.17 -12.40
C ASP A 18 -4.09 1.95 -13.05
N GLN A 19 -4.34 0.99 -12.26
CA GLN A 19 -4.86 -0.27 -12.71
C GLN A 19 -5.83 -0.88 -11.68
N CYS A 20 -6.36 -0.04 -10.80
CA CYS A 20 -7.31 -0.42 -9.80
C CYS A 20 -8.09 0.79 -9.37
N GLN A 21 -9.29 0.90 -9.86
CA GLN A 21 -10.20 1.87 -9.37
C GLN A 21 -11.19 1.12 -8.53
N ALA A 22 -10.94 1.08 -7.27
CA ALA A 22 -11.69 0.26 -6.36
C ALA A 22 -12.18 1.10 -5.21
N CYS A 23 -12.87 0.52 -4.26
CA CYS A 23 -13.43 1.27 -3.15
C CYS A 23 -13.70 0.38 -1.93
N PHE A 24 -13.26 0.82 -0.76
CA PHE A 24 -13.51 0.09 0.48
C PHE A 24 -13.97 1.06 1.53
N ASN A 25 -14.98 0.71 2.26
CA ASN A 25 -15.58 1.62 3.23
C ASN A 25 -14.88 1.55 4.58
N SER A 26 -14.09 0.52 4.76
CA SER A 26 -13.36 0.37 5.98
C SER A 26 -11.89 0.65 5.72
N SER A 27 -11.22 1.21 6.70
CA SER A 27 -9.82 1.55 6.56
C SER A 27 -8.92 0.29 6.51
N PRO A 28 -9.10 -0.72 7.44
CA PRO A 28 -8.30 -1.96 7.38
C PRO A 28 -8.48 -2.70 6.05
N ASP A 29 -9.73 -2.78 5.58
CA ASP A 29 -10.06 -3.43 4.31
C ASP A 29 -9.35 -2.73 3.18
N LEU A 30 -9.46 -1.42 3.14
CA LEU A 30 -8.80 -0.61 2.13
C LEU A 30 -7.29 -0.79 2.19
N ALA A 31 -6.74 -0.66 3.39
CA ALA A 31 -5.31 -0.76 3.63
C ALA A 31 -4.78 -2.10 3.19
N ASP A 32 -5.53 -3.15 3.51
CA ASP A 32 -5.15 -4.50 3.13
C ASP A 32 -5.13 -4.62 1.62
N HIS A 33 -6.14 -4.04 0.97
CA HIS A 33 -6.22 -4.02 -0.48
C HIS A 33 -5.01 -3.31 -1.07
N ILE A 34 -4.75 -2.08 -0.63
CA ILE A 34 -3.57 -1.35 -1.12
C ILE A 34 -2.29 -2.14 -0.84
N ARG A 35 -2.11 -2.53 0.38
CA ARG A 35 -0.92 -3.23 0.77
C ARG A 35 -0.75 -4.56 0.04
N SER A 36 -1.85 -5.18 -0.33
CA SER A 36 -1.82 -6.50 -0.98
C SER A 36 -1.80 -6.44 -2.53
N ILE A 37 -2.61 -5.62 -3.13
CA ILE A 37 -2.69 -5.65 -4.59
C ILE A 37 -1.95 -4.47 -5.21
N HIS A 38 -1.62 -3.49 -4.41
CA HIS A 38 -0.91 -2.33 -4.91
C HIS A 38 0.56 -2.45 -4.57
N VAL A 39 0.86 -2.44 -3.30
CA VAL A 39 2.24 -2.51 -2.81
C VAL A 39 2.82 -3.91 -2.95
N ASP A 40 2.09 -4.89 -2.47
CA ASP A 40 2.54 -6.30 -2.49
C ASP A 40 2.55 -6.78 -3.93
N GLY A 41 1.73 -6.13 -4.73
CA GLY A 41 1.62 -6.44 -6.12
C GLY A 41 2.68 -5.73 -6.95
N GLN A 42 3.47 -4.89 -6.31
CA GLN A 42 4.46 -4.11 -7.01
C GLN A 42 5.82 -4.81 -6.99
N ARG A 43 5.84 -6.07 -6.58
CA ARG A 43 7.08 -6.80 -6.46
C ARG A 43 7.61 -7.27 -7.80
N GLY A 44 8.27 -6.35 -8.46
CA GLY A 44 8.96 -6.61 -9.69
C GLY A 44 10.38 -6.06 -9.62
N GLY A 45 10.80 -5.79 -8.40
CA GLY A 45 12.13 -5.26 -8.15
C GLY A 45 12.12 -3.76 -7.93
N VAL A 46 11.11 -3.10 -8.46
CA VAL A 46 10.90 -1.69 -8.28
C VAL A 46 9.46 -1.48 -7.94
N PHE A 47 9.21 -0.63 -7.02
CA PHE A 47 7.89 -0.39 -6.57
C PHE A 47 7.52 1.03 -6.93
N VAL A 48 6.44 1.19 -7.62
CA VAL A 48 5.99 2.47 -8.10
C VAL A 48 4.60 2.78 -7.58
N CYS A 49 4.42 3.97 -7.11
CA CYS A 49 3.13 4.40 -6.68
C CYS A 49 2.39 4.79 -7.93
N LEU A 50 1.25 4.24 -8.14
CA LEU A 50 0.41 4.64 -9.25
C LEU A 50 -0.84 5.21 -8.68
N TRP A 51 -0.76 5.65 -7.46
CA TRP A 51 -1.90 6.16 -6.81
C TRP A 51 -2.03 7.58 -7.20
N LYS A 52 -2.94 7.81 -8.07
CA LYS A 52 -3.17 9.08 -8.62
C LYS A 52 -3.74 10.00 -7.58
N GLY A 53 -2.91 10.92 -7.21
CA GLY A 53 -3.16 11.85 -6.17
C GLY A 53 -1.83 12.38 -5.72
N CYS A 54 -0.84 11.48 -5.74
CA CYS A 54 0.53 11.81 -5.45
C CYS A 54 1.08 12.73 -6.53
N LYS A 55 1.99 13.54 -6.15
CA LYS A 55 2.73 14.32 -7.13
C LYS A 55 4.01 13.56 -7.50
N VAL A 56 4.10 12.32 -7.02
CA VAL A 56 5.30 11.48 -7.20
C VAL A 56 4.95 10.11 -7.74
N TYR A 57 3.72 9.92 -8.19
CA TYR A 57 3.34 8.62 -8.68
C TYR A 57 3.92 8.42 -10.08
N ASN A 58 3.98 7.16 -10.53
CA ASN A 58 4.57 6.76 -11.80
C ASN A 58 6.10 6.92 -11.68
N THR A 59 6.57 6.77 -10.47
CA THR A 59 7.96 6.85 -10.14
C THR A 59 8.31 5.62 -9.31
N PRO A 60 9.12 4.73 -9.87
CA PRO A 60 9.56 3.52 -9.18
C PRO A 60 10.72 3.76 -8.20
N SER A 61 10.63 3.10 -7.08
CA SER A 61 11.65 3.11 -6.08
C SER A 61 12.02 1.67 -5.82
N THR A 62 13.22 1.43 -5.39
CA THR A 62 13.62 0.10 -5.07
C THR A 62 13.48 -0.15 -3.58
N SER A 63 13.07 0.87 -2.85
CA SER A 63 12.93 0.76 -1.43
C SER A 63 11.53 0.29 -1.09
N GLN A 64 11.45 -0.94 -0.67
CA GLN A 64 10.21 -1.57 -0.32
C GLN A 64 9.62 -0.91 0.92
N SER A 65 10.49 -0.53 1.82
CA SER A 65 10.09 0.09 3.05
C SER A 65 9.59 1.53 2.82
N TRP A 66 10.21 2.24 1.89
CA TRP A 66 9.84 3.63 1.57
C TRP A 66 8.43 3.66 1.00
N LEU A 67 8.19 2.77 0.08
CA LEU A 67 6.95 2.61 -0.63
C LEU A 67 5.81 2.35 0.35
N GLN A 68 6.00 1.34 1.15
CA GLN A 68 5.09 1.04 2.27
C GLN A 68 4.84 2.27 3.18
N ARG A 69 5.86 3.04 3.46
CA ARG A 69 5.70 4.22 4.30
C ARG A 69 4.94 5.32 3.54
N HIS A 70 5.02 5.28 2.23
CA HIS A 70 4.31 6.19 1.35
C HIS A 70 2.83 5.84 1.30
N MET A 71 2.53 4.55 1.09
CA MET A 71 1.13 4.06 0.96
C MET A 71 0.33 4.42 2.19
N LEU A 72 1.05 4.54 3.30
CA LEU A 72 0.51 4.82 4.60
C LEU A 72 -0.37 6.07 4.60
N THR A 73 -0.05 7.02 3.73
CA THR A 73 -0.78 8.26 3.67
C THR A 73 -2.05 8.15 2.79
N HIS A 74 -2.17 7.02 2.11
CA HIS A 74 -3.30 6.81 1.22
C HIS A 74 -4.36 5.98 1.92
N SER A 75 -3.94 4.89 2.52
CA SER A 75 -4.84 4.02 3.22
C SER A 75 -5.07 4.50 4.67
N GLY A 76 -4.07 5.17 5.23
CA GLY A 76 -4.15 5.65 6.60
C GLY A 76 -4.24 4.51 7.55
N ASP A 77 -3.36 3.61 7.36
CA ASP A 77 -3.27 2.41 8.13
C ASP A 77 -2.23 2.57 9.24
N LYS A 78 -1.59 1.49 9.55
CA LYS A 78 -0.65 1.38 10.64
C LYS A 78 0.14 0.04 10.61
N PRO A 79 -0.54 -1.15 10.51
CA PRO A 79 0.14 -2.45 10.46
C PRO A 79 0.79 -2.77 9.10
N PHE A 80 2.05 -3.09 9.15
CA PHE A 80 2.80 -3.44 7.97
C PHE A 80 3.15 -4.92 8.01
N LYS A 81 2.54 -5.70 7.13
CA LYS A 81 2.90 -7.12 6.96
C LYS A 81 4.16 -7.25 6.08
N CYS A 82 4.73 -8.47 6.03
CA CYS A 82 5.93 -8.75 5.27
C CYS A 82 5.52 -8.85 3.79
N VAL A 83 6.40 -8.45 2.92
CA VAL A 83 6.08 -8.38 1.49
C VAL A 83 6.20 -9.74 0.84
N VAL A 84 7.03 -10.53 1.42
CA VAL A 84 7.24 -11.85 0.95
C VAL A 84 6.01 -12.67 1.28
N GLY A 85 5.37 -13.22 0.26
CA GLY A 85 4.15 -13.99 0.46
C GLY A 85 4.33 -15.17 1.39
N GLY A 86 5.50 -15.77 1.33
CA GLY A 86 5.81 -16.88 2.17
C GLY A 86 6.31 -16.48 3.55
N CYS A 87 6.33 -15.19 3.82
CA CYS A 87 6.80 -14.71 5.08
C CYS A 87 5.69 -13.93 5.78
N ASN A 88 5.63 -14.11 7.04
CA ASN A 88 4.65 -13.43 7.88
C ASN A 88 5.38 -12.59 8.92
N ALA A 89 5.17 -11.30 8.88
CA ALA A 89 5.71 -10.38 9.85
C ALA A 89 4.95 -9.08 9.77
N SER A 90 4.11 -8.82 10.73
CA SER A 90 3.30 -7.62 10.69
C SER A 90 3.48 -6.83 11.97
N PHE A 91 3.88 -5.60 11.84
CA PHE A 91 4.13 -4.75 12.98
C PHE A 91 3.29 -3.50 12.89
N ALA A 92 2.96 -2.91 14.03
CA ALA A 92 2.17 -1.68 14.09
C ALA A 92 3.06 -0.46 13.95
N SER A 93 4.32 -0.72 13.84
CA SER A 93 5.32 0.28 13.60
C SER A 93 6.25 -0.31 12.58
N GLN A 94 6.70 0.46 11.67
CA GLN A 94 7.41 -0.08 10.54
C GLN A 94 8.88 -0.35 10.83
N GLY A 95 9.40 0.21 11.92
CA GLY A 95 10.84 0.09 12.23
C GLY A 95 11.37 -1.34 12.19
N GLY A 96 10.67 -2.24 12.87
CA GLY A 96 11.08 -3.62 12.93
C GLY A 96 10.89 -4.33 11.61
N LEU A 97 9.86 -3.95 10.88
CA LEU A 97 9.56 -4.55 9.61
C LEU A 97 10.53 -4.08 8.56
N ALA A 98 10.89 -2.81 8.62
CA ALA A 98 11.79 -2.19 7.66
C ALA A 98 13.19 -2.72 7.82
N ARG A 99 13.41 -3.40 8.90
CA ARG A 99 14.67 -4.05 9.15
C ARG A 99 14.60 -5.51 8.68
N HIS A 100 13.39 -6.04 8.64
CA HIS A 100 13.11 -7.43 8.26
C HIS A 100 12.99 -7.60 6.75
N VAL A 101 12.23 -6.73 6.13
CA VAL A 101 12.00 -6.78 4.68
C VAL A 101 13.30 -6.77 3.82
N PRO A 102 14.29 -5.88 4.11
CA PRO A 102 15.51 -5.80 3.33
C PRO A 102 16.37 -7.04 3.50
N THR A 103 16.01 -7.95 4.41
CA THR A 103 16.80 -9.15 4.56
C THR A 103 16.45 -10.14 3.46
N HIS A 104 15.19 -10.07 3.00
CA HIS A 104 14.72 -10.97 1.96
C HIS A 104 15.19 -10.47 0.62
N PHE A 105 15.21 -9.16 0.48
CA PHE A 105 15.74 -8.52 -0.73
C PHE A 105 17.25 -8.53 -0.70
N SER A 106 17.79 -8.80 0.50
CA SER A 106 19.20 -8.88 0.76
C SER A 106 19.86 -7.56 0.35
N GLN A 107 19.24 -6.47 0.79
CA GLN A 107 19.69 -5.13 0.49
C GLN A 107 20.98 -4.86 1.23
N GLN A 108 22.08 -5.06 0.55
CA GLN A 108 23.38 -4.85 1.12
C GLN A 108 23.97 -3.57 0.54
N ASN A 109 23.09 -2.73 0.05
CA ASN A 109 23.44 -1.45 -0.54
C ASN A 109 22.29 -0.49 -0.23
ZN ZN B . -7.44 -0.70 -5.65
ZN ZN C . 1.39 7.61 -3.97
ZN ZN D . 9.23 -11.57 6.11
N MET A 1 -28.35 4.81 -0.35
CA MET A 1 -27.31 5.80 -0.65
C MET A 1 -27.78 6.75 -1.75
N GLY A 2 -29.08 6.76 -2.02
CA GLY A 2 -29.61 7.57 -3.10
C GLY A 2 -29.86 9.00 -2.70
N HIS A 3 -28.79 9.73 -2.48
CA HIS A 3 -28.86 11.14 -2.14
C HIS A 3 -27.51 11.79 -2.42
N HIS A 4 -27.51 12.73 -3.33
CA HIS A 4 -26.31 13.45 -3.70
C HIS A 4 -26.56 14.93 -3.53
N HIS A 5 -26.02 15.48 -2.47
CA HIS A 5 -26.23 16.89 -2.15
C HIS A 5 -25.03 17.70 -2.58
N HIS A 6 -23.90 17.04 -2.68
CA HIS A 6 -22.67 17.67 -3.03
C HIS A 6 -22.10 17.00 -4.25
N HIS A 7 -20.99 17.51 -4.72
CA HIS A 7 -20.27 16.94 -5.84
C HIS A 7 -19.25 15.89 -5.35
N HIS A 8 -19.44 15.45 -4.13
CA HIS A 8 -18.59 14.43 -3.54
C HIS A 8 -19.22 13.08 -3.80
N ASN A 9 -18.94 12.51 -4.94
CA ASN A 9 -19.57 11.25 -5.35
C ASN A 9 -18.69 10.07 -5.07
N ASN A 10 -17.67 10.30 -4.27
CA ASN A 10 -16.76 9.25 -3.86
C ASN A 10 -17.48 8.43 -2.79
N ILE A 11 -17.95 7.25 -3.16
CA ILE A 11 -18.83 6.48 -2.27
C ILE A 11 -18.08 5.80 -1.16
N ALA A 12 -16.95 5.44 -1.48
CA ALA A 12 -16.13 4.64 -0.67
C ALA A 12 -14.73 4.82 -1.14
N TYR A 13 -13.85 4.13 -0.55
CA TYR A 13 -12.47 4.38 -0.78
C TYR A 13 -11.89 3.42 -1.76
N ASN A 14 -11.87 3.86 -3.00
CA ASN A 14 -11.26 3.13 -4.08
C ASN A 14 -9.85 3.58 -4.17
N CYS A 15 -8.93 2.65 -4.10
CA CYS A 15 -7.57 3.00 -4.21
C CYS A 15 -7.27 3.47 -5.63
N CYS A 16 -6.99 4.74 -5.79
CA CYS A 16 -6.81 5.24 -7.09
C CYS A 16 -5.38 5.04 -7.56
N TRP A 17 -5.08 3.82 -7.87
CA TRP A 17 -3.78 3.39 -8.30
C TRP A 17 -3.93 2.83 -9.67
N ASP A 18 -3.57 3.64 -10.64
CA ASP A 18 -3.64 3.29 -12.08
C ASP A 18 -5.07 2.84 -12.45
N GLN A 19 -6.02 3.32 -11.66
CA GLN A 19 -7.44 3.01 -11.78
C GLN A 19 -7.74 1.61 -11.28
N CYS A 20 -7.70 1.49 -9.97
CA CYS A 20 -7.96 0.28 -9.29
C CYS A 20 -9.31 0.41 -8.62
N GLN A 21 -10.31 -0.16 -9.23
CA GLN A 21 -11.61 -0.09 -8.64
C GLN A 21 -11.77 -1.20 -7.63
N ALA A 22 -11.53 -0.83 -6.42
CA ALA A 22 -11.59 -1.66 -5.27
C ALA A 22 -11.94 -0.72 -4.16
N CYS A 23 -13.03 -0.94 -3.52
CA CYS A 23 -13.54 0.05 -2.60
C CYS A 23 -13.82 -0.54 -1.26
N PHE A 24 -13.22 0.01 -0.25
CA PHE A 24 -13.49 -0.40 1.10
C PHE A 24 -13.91 0.79 1.91
N ASN A 25 -14.65 0.58 2.96
CA ASN A 25 -15.08 1.68 3.83
C ASN A 25 -14.14 1.76 5.00
N SER A 26 -13.56 0.64 5.32
CA SER A 26 -12.66 0.53 6.41
C SER A 26 -11.22 0.78 5.90
N SER A 27 -10.44 1.49 6.68
CA SER A 27 -9.08 1.79 6.32
C SER A 27 -8.20 0.51 6.31
N PRO A 28 -8.27 -0.39 7.35
CA PRO A 28 -7.46 -1.62 7.37
C PRO A 28 -7.80 -2.58 6.22
N ASP A 29 -9.05 -2.57 5.81
CA ASP A 29 -9.52 -3.39 4.69
C ASP A 29 -8.89 -2.93 3.42
N LEU A 30 -8.95 -1.63 3.20
CA LEU A 30 -8.32 -1.00 2.06
C LEU A 30 -6.80 -1.19 2.12
N ALA A 31 -6.22 -0.94 3.29
CA ALA A 31 -4.78 -1.07 3.51
C ALA A 31 -4.29 -2.47 3.21
N ASP A 32 -5.10 -3.45 3.57
CA ASP A 32 -4.84 -4.84 3.27
C ASP A 32 -4.81 -5.07 1.77
N HIS A 33 -5.81 -4.55 1.06
CA HIS A 33 -5.86 -4.63 -0.40
C HIS A 33 -4.59 -3.99 -1.00
N ILE A 34 -4.24 -2.82 -0.48
CA ILE A 34 -2.99 -2.16 -0.86
C ILE A 34 -1.77 -3.08 -0.63
N ARG A 35 -1.70 -3.72 0.52
CA ARG A 35 -0.54 -4.56 0.84
C ARG A 35 -0.51 -5.82 -0.03
N SER A 36 -1.68 -6.21 -0.46
CA SER A 36 -1.91 -7.41 -1.22
C SER A 36 -1.63 -7.18 -2.71
N ILE A 37 -2.28 -6.22 -3.32
CA ILE A 37 -2.20 -6.07 -4.77
C ILE A 37 -1.38 -4.83 -5.19
N HIS A 38 -1.12 -3.95 -4.26
CA HIS A 38 -0.39 -2.73 -4.61
C HIS A 38 1.07 -2.82 -4.22
N VAL A 39 1.31 -2.92 -2.93
CA VAL A 39 2.65 -2.99 -2.39
C VAL A 39 3.34 -4.29 -2.84
N ASP A 40 2.63 -5.39 -2.71
CA ASP A 40 3.11 -6.69 -3.21
C ASP A 40 3.14 -6.70 -4.74
N GLY A 41 2.36 -5.82 -5.32
CA GLY A 41 2.20 -5.77 -6.74
C GLY A 41 3.43 -5.23 -7.41
N GLN A 42 4.14 -4.38 -6.71
CA GLN A 42 5.33 -3.78 -7.23
C GLN A 42 6.58 -4.58 -6.88
N ARG A 43 6.41 -5.81 -6.41
CA ARG A 43 7.56 -6.64 -6.07
C ARG A 43 8.31 -7.16 -7.30
N GLY A 44 8.97 -6.24 -7.96
CA GLY A 44 9.80 -6.52 -9.11
C GLY A 44 11.10 -5.78 -8.99
N GLY A 45 11.36 -5.34 -7.78
CA GLY A 45 12.58 -4.65 -7.45
C GLY A 45 12.41 -3.15 -7.39
N VAL A 46 11.40 -2.62 -8.06
CA VAL A 46 11.17 -1.21 -8.04
C VAL A 46 9.72 -0.94 -7.69
N PHE A 47 9.53 -0.07 -6.76
CA PHE A 47 8.22 0.23 -6.26
C PHE A 47 7.83 1.63 -6.67
N VAL A 48 6.64 1.76 -7.21
CA VAL A 48 6.14 2.99 -7.77
C VAL A 48 4.69 3.23 -7.34
N CYS A 49 4.41 4.47 -6.97
CA CYS A 49 3.08 4.90 -6.64
C CYS A 49 2.39 5.24 -7.95
N LEU A 50 1.22 4.73 -8.14
CA LEU A 50 0.40 5.09 -9.29
C LEU A 50 -0.85 5.72 -8.80
N TRP A 51 -0.79 6.23 -7.59
CA TRP A 51 -1.91 6.89 -7.01
C TRP A 51 -2.02 8.26 -7.62
N LYS A 52 -2.93 8.37 -8.54
CA LYS A 52 -3.18 9.58 -9.21
C LYS A 52 -3.82 10.54 -8.24
N GLY A 53 -3.05 11.52 -7.91
CA GLY A 53 -3.35 12.44 -6.87
C GLY A 53 -2.04 12.87 -6.26
N CYS A 54 -1.04 12.01 -6.36
CA CYS A 54 0.30 12.34 -5.95
C CYS A 54 0.96 13.10 -7.07
N LYS A 55 1.83 13.98 -6.76
CA LYS A 55 2.60 14.65 -7.78
C LYS A 55 3.95 13.92 -8.00
N VAL A 56 4.14 12.82 -7.28
CA VAL A 56 5.39 12.04 -7.33
C VAL A 56 5.15 10.66 -7.88
N TYR A 57 3.93 10.36 -8.24
CA TYR A 57 3.60 9.03 -8.72
C TYR A 57 4.28 8.78 -10.06
N ASN A 58 4.32 7.52 -10.48
CA ASN A 58 4.95 7.08 -11.72
C ASN A 58 6.48 7.23 -11.61
N THR A 59 6.98 7.18 -10.38
CA THR A 59 8.39 7.27 -10.12
C THR A 59 8.78 6.05 -9.31
N PRO A 60 9.48 5.10 -9.91
CA PRO A 60 9.90 3.90 -9.21
C PRO A 60 11.11 4.15 -8.27
N SER A 61 11.07 3.51 -7.15
CA SER A 61 12.13 3.54 -6.18
C SER A 61 12.34 2.12 -5.69
N THR A 62 13.55 1.76 -5.39
CA THR A 62 13.85 0.39 -5.01
C THR A 62 13.55 0.10 -3.53
N SER A 63 13.19 1.12 -2.78
CA SER A 63 12.91 0.94 -1.39
C SER A 63 11.45 0.54 -1.18
N GLN A 64 11.27 -0.63 -0.59
CA GLN A 64 9.95 -1.18 -0.31
C GLN A 64 9.24 -0.31 0.73
N SER A 65 9.98 0.14 1.70
CA SER A 65 9.46 0.94 2.77
C SER A 65 9.09 2.35 2.31
N TRP A 66 9.74 2.82 1.23
CA TRP A 66 9.43 4.14 0.70
C TRP A 66 8.00 4.17 0.17
N LEU A 67 7.64 3.13 -0.57
CA LEU A 67 6.35 3.01 -1.12
C LEU A 67 5.31 2.92 0.00
N GLN A 68 5.62 2.13 1.00
CA GLN A 68 4.74 1.96 2.16
C GLN A 68 4.57 3.26 2.93
N ARG A 69 5.67 3.97 3.13
CA ARG A 69 5.67 5.26 3.84
C ARG A 69 4.80 6.28 3.10
N HIS A 70 4.85 6.21 1.79
CA HIS A 70 4.07 7.08 0.95
C HIS A 70 2.59 6.65 0.91
N MET A 71 2.34 5.35 0.78
CA MET A 71 0.96 4.86 0.69
C MET A 71 0.29 4.81 2.05
N LEU A 72 1.07 5.04 3.07
CA LEU A 72 0.63 5.08 4.46
C LEU A 72 -0.47 6.12 4.66
N THR A 73 -0.38 7.20 3.93
CA THR A 73 -1.36 8.24 4.02
C THR A 73 -2.52 8.00 3.05
N HIS A 74 -2.31 7.09 2.10
CA HIS A 74 -3.32 6.78 1.07
C HIS A 74 -4.35 5.82 1.63
N SER A 75 -3.90 4.76 2.27
CA SER A 75 -4.79 3.80 2.86
C SER A 75 -5.11 4.16 4.31
N GLY A 76 -4.18 4.85 4.96
CA GLY A 76 -4.35 5.25 6.32
C GLY A 76 -4.25 4.09 7.24
N ASP A 77 -3.15 3.44 7.16
CA ASP A 77 -2.90 2.31 7.98
C ASP A 77 -1.93 2.60 9.07
N LYS A 78 -1.67 1.60 9.81
CA LYS A 78 -0.75 1.62 10.92
C LYS A 78 -0.04 0.25 11.03
N PRO A 79 -0.80 -0.89 11.17
CA PRO A 79 -0.22 -2.21 11.15
C PRO A 79 0.37 -2.57 9.77
N PHE A 80 1.65 -2.62 9.71
CA PHE A 80 2.33 -2.94 8.51
C PHE A 80 2.51 -4.42 8.48
N LYS A 81 1.77 -5.06 7.63
CA LYS A 81 1.93 -6.47 7.42
C LYS A 81 2.97 -6.66 6.35
N CYS A 82 3.59 -7.84 6.35
CA CYS A 82 4.61 -8.17 5.40
C CYS A 82 4.10 -7.92 3.99
N VAL A 83 4.96 -7.39 3.18
CA VAL A 83 4.63 -6.94 1.86
C VAL A 83 4.39 -8.10 0.95
N VAL A 84 4.96 -9.20 1.31
CA VAL A 84 4.82 -10.41 0.59
C VAL A 84 3.42 -10.95 0.80
N GLY A 85 2.66 -11.03 -0.27
CA GLY A 85 1.32 -11.55 -0.22
C GLY A 85 1.29 -13.00 0.18
N GLY A 86 1.11 -13.23 1.45
CA GLY A 86 1.11 -14.57 1.97
C GLY A 86 2.00 -14.67 3.18
N CYS A 87 2.84 -13.67 3.38
CA CYS A 87 3.71 -13.63 4.50
C CYS A 87 3.05 -12.82 5.59
N ASN A 88 3.19 -13.27 6.78
CA ASN A 88 2.53 -12.66 7.91
C ASN A 88 3.49 -12.16 8.96
N ALA A 89 3.62 -10.87 9.02
CA ALA A 89 4.38 -10.19 10.03
C ALA A 89 3.80 -8.82 10.12
N SER A 90 3.30 -8.44 11.26
CA SER A 90 2.66 -7.14 11.37
C SER A 90 3.25 -6.30 12.50
N PHE A 91 3.73 -5.15 12.15
CA PHE A 91 4.29 -4.23 13.10
C PHE A 91 3.63 -2.90 12.86
N ALA A 92 3.37 -2.16 13.91
CA ALA A 92 2.70 -0.86 13.81
C ALA A 92 3.69 0.23 13.40
N SER A 93 4.88 -0.17 13.12
CA SER A 93 5.92 0.70 12.67
C SER A 93 6.80 -0.05 11.68
N GLN A 94 7.51 0.65 10.84
CA GLN A 94 8.33 0.04 9.82
C GLN A 94 9.57 -0.62 10.39
N GLY A 95 10.06 -0.13 11.53
CA GLY A 95 11.31 -0.62 12.14
C GLY A 95 11.47 -2.13 12.19
N GLY A 96 10.45 -2.82 12.65
CA GLY A 96 10.54 -4.26 12.77
C GLY A 96 10.29 -4.96 11.45
N LEU A 97 9.41 -4.42 10.68
CA LEU A 97 9.00 -5.00 9.43
C LEU A 97 10.07 -4.84 8.36
N ALA A 98 10.68 -3.67 8.34
CA ALA A 98 11.70 -3.32 7.37
C ALA A 98 12.96 -4.14 7.56
N ARG A 99 13.04 -4.88 8.65
CA ARG A 99 14.15 -5.76 8.88
C ARG A 99 13.80 -7.18 8.38
N HIS A 100 12.50 -7.44 8.30
CA HIS A 100 11.96 -8.70 7.83
C HIS A 100 11.82 -8.71 6.31
N VAL A 101 11.40 -7.60 5.78
CA VAL A 101 11.21 -7.42 4.33
C VAL A 101 12.44 -7.78 3.45
N PRO A 102 13.68 -7.30 3.79
CA PRO A 102 14.86 -7.57 2.98
C PRO A 102 15.20 -9.06 2.95
N THR A 103 14.61 -9.84 3.86
CA THR A 103 14.90 -11.25 3.90
C THR A 103 14.24 -11.92 2.69
N HIS A 104 13.13 -11.33 2.24
CA HIS A 104 12.41 -11.86 1.10
C HIS A 104 13.10 -11.47 -0.17
N PHE A 105 13.67 -10.27 -0.20
CA PHE A 105 14.47 -9.83 -1.34
C PHE A 105 15.66 -10.73 -1.50
N SER A 106 16.16 -11.22 -0.38
CA SER A 106 17.28 -12.13 -0.36
C SER A 106 16.87 -13.49 -0.99
N GLN A 107 15.58 -13.84 -0.89
CA GLN A 107 15.07 -15.09 -1.46
C GLN A 107 14.82 -14.90 -2.95
N GLN A 108 14.75 -13.66 -3.36
CA GLN A 108 14.54 -13.30 -4.74
C GLN A 108 15.79 -12.69 -5.33
N ASN A 109 16.92 -13.03 -4.77
CA ASN A 109 18.20 -12.54 -5.24
C ASN A 109 19.17 -13.71 -5.35
ZN ZN B . -6.90 -1.15 -5.44
ZN ZN C . 1.11 8.30 -4.21
ZN ZN D . 7.25 -11.57 5.26
N MET A 1 -27.84 -7.01 -7.24
CA MET A 1 -26.72 -6.06 -7.21
C MET A 1 -26.15 -5.91 -8.61
N GLY A 2 -26.25 -4.73 -9.17
CA GLY A 2 -25.72 -4.49 -10.48
C GLY A 2 -25.40 -3.05 -10.69
N HIS A 3 -24.34 -2.59 -10.08
CA HIS A 3 -23.91 -1.22 -10.22
C HIS A 3 -22.40 -1.15 -10.23
N HIS A 4 -21.87 0.02 -10.47
CA HIS A 4 -20.46 0.27 -10.54
C HIS A 4 -20.27 1.76 -10.38
N HIS A 5 -19.15 2.18 -9.83
CA HIS A 5 -18.89 3.60 -9.71
C HIS A 5 -18.26 4.09 -10.99
N HIS A 6 -19.10 4.29 -11.98
CA HIS A 6 -18.68 4.64 -13.33
C HIS A 6 -18.55 6.12 -13.52
N HIS A 7 -19.16 6.90 -12.66
CA HIS A 7 -19.10 8.35 -12.77
C HIS A 7 -17.78 8.86 -12.22
N HIS A 8 -16.78 8.88 -13.10
CA HIS A 8 -15.39 9.33 -12.85
C HIS A 8 -14.60 8.29 -12.06
N ASN A 9 -15.31 7.32 -11.48
CA ASN A 9 -14.73 6.34 -10.55
C ASN A 9 -14.29 7.08 -9.31
N ASN A 10 -15.24 7.22 -8.42
CA ASN A 10 -15.10 8.01 -7.24
C ASN A 10 -16.09 7.44 -6.23
N ILE A 11 -16.24 8.08 -5.06
CA ILE A 11 -17.07 7.60 -3.97
C ILE A 11 -16.37 6.55 -3.21
N ALA A 12 -16.47 6.68 -1.88
CA ALA A 12 -15.96 5.75 -0.97
C ALA A 12 -14.47 5.67 -1.20
N TYR A 13 -13.95 4.51 -1.24
CA TYR A 13 -12.56 4.39 -1.48
C TYR A 13 -12.30 3.48 -2.64
N ASN A 14 -12.52 4.01 -3.82
CA ASN A 14 -12.12 3.35 -5.04
C ASN A 14 -10.71 3.76 -5.26
N CYS A 15 -9.78 2.89 -4.93
CA CYS A 15 -8.38 3.23 -4.97
C CYS A 15 -7.95 3.59 -6.38
N CYS A 16 -7.63 4.85 -6.57
CA CYS A 16 -7.27 5.28 -7.87
C CYS A 16 -5.80 5.00 -8.13
N TRP A 17 -5.54 3.75 -8.37
CA TRP A 17 -4.25 3.24 -8.71
C TRP A 17 -4.38 2.55 -10.02
N ASP A 18 -4.00 3.23 -11.07
CA ASP A 18 -3.97 2.70 -12.42
C ASP A 18 -5.13 1.78 -12.80
N GLN A 19 -6.35 2.29 -12.55
CA GLN A 19 -7.62 1.64 -12.92
C GLN A 19 -8.02 0.45 -12.03
N CYS A 20 -7.57 0.43 -10.79
CA CYS A 20 -7.92 -0.58 -9.83
C CYS A 20 -9.39 -0.36 -9.43
N GLN A 21 -10.27 -1.22 -9.88
CA GLN A 21 -11.65 -1.07 -9.52
C GLN A 21 -11.88 -1.85 -8.24
N ALA A 22 -11.82 -1.16 -7.16
CA ALA A 22 -11.95 -1.73 -5.87
C ALA A 22 -12.41 -0.64 -4.95
N CYS A 23 -13.41 -0.90 -4.16
CA CYS A 23 -13.94 0.14 -3.32
C CYS A 23 -14.23 -0.36 -1.93
N PHE A 24 -13.64 0.28 -0.96
CA PHE A 24 -13.88 -0.02 0.42
C PHE A 24 -14.41 1.24 1.07
N ASN A 25 -15.00 1.12 2.22
CA ASN A 25 -15.55 2.29 2.88
C ASN A 25 -14.77 2.55 4.16
N SER A 26 -14.03 1.57 4.58
CA SER A 26 -13.20 1.68 5.73
C SER A 26 -11.76 1.84 5.30
N SER A 27 -10.99 2.54 6.09
CA SER A 27 -9.63 2.81 5.75
C SER A 27 -8.71 1.58 5.89
N PRO A 28 -8.76 0.77 6.99
CA PRO A 28 -7.92 -0.44 7.09
C PRO A 28 -8.24 -1.47 6.02
N ASP A 29 -9.54 -1.60 5.71
CA ASP A 29 -10.04 -2.50 4.65
C ASP A 29 -9.38 -2.13 3.34
N LEU A 30 -9.48 -0.85 3.02
CA LEU A 30 -8.84 -0.30 1.83
C LEU A 30 -7.31 -0.43 1.90
N ALA A 31 -6.75 -0.05 3.02
CA ALA A 31 -5.30 -0.02 3.21
C ALA A 31 -4.66 -1.38 3.02
N ASP A 32 -5.34 -2.40 3.49
CA ASP A 32 -4.86 -3.76 3.34
C ASP A 32 -4.93 -4.16 1.88
N HIS A 33 -5.97 -3.68 1.18
CA HIS A 33 -6.08 -3.88 -0.26
C HIS A 33 -4.90 -3.24 -0.97
N ILE A 34 -4.57 -2.03 -0.56
CA ILE A 34 -3.37 -1.40 -1.04
C ILE A 34 -2.14 -2.28 -0.77
N ARG A 35 -1.96 -2.73 0.45
CA ARG A 35 -0.79 -3.51 0.75
C ARG A 35 -0.80 -4.82 -0.03
N SER A 36 -1.97 -5.37 -0.22
CA SER A 36 -2.12 -6.68 -0.82
C SER A 36 -1.92 -6.71 -2.34
N ILE A 37 -2.61 -5.87 -3.04
CA ILE A 37 -2.57 -5.93 -4.50
C ILE A 37 -1.79 -4.75 -5.11
N HIS A 38 -1.52 -3.74 -4.32
CA HIS A 38 -0.78 -2.59 -4.81
C HIS A 38 0.70 -2.73 -4.44
N VAL A 39 0.98 -2.69 -3.16
CA VAL A 39 2.36 -2.77 -2.64
C VAL A 39 2.97 -4.13 -2.95
N ASP A 40 2.25 -5.16 -2.55
CA ASP A 40 2.68 -6.57 -2.70
C ASP A 40 2.61 -6.96 -4.19
N GLY A 41 1.98 -6.09 -4.96
CA GLY A 41 1.85 -6.28 -6.38
C GLY A 41 3.08 -5.74 -7.12
N GLN A 42 3.79 -4.83 -6.50
CA GLN A 42 4.97 -4.21 -7.12
C GLN A 42 6.27 -4.87 -6.71
N ARG A 43 6.22 -6.08 -6.19
CA ARG A 43 7.43 -6.77 -5.75
C ARG A 43 8.31 -7.28 -6.91
N GLY A 44 8.86 -6.34 -7.65
CA GLY A 44 9.75 -6.63 -8.75
C GLY A 44 11.07 -5.93 -8.55
N GLY A 45 11.29 -5.45 -7.35
CA GLY A 45 12.52 -4.79 -6.99
C GLY A 45 12.39 -3.29 -7.00
N VAL A 46 11.42 -2.79 -7.75
CA VAL A 46 11.14 -1.40 -7.79
C VAL A 46 9.68 -1.20 -7.56
N PHE A 47 9.35 -0.40 -6.62
CA PHE A 47 7.98 -0.22 -6.24
C PHE A 47 7.54 1.16 -6.67
N VAL A 48 6.41 1.22 -7.30
CA VAL A 48 5.89 2.45 -7.84
C VAL A 48 4.44 2.66 -7.42
N CYS A 49 4.17 3.87 -6.96
CA CYS A 49 2.84 4.29 -6.62
C CYS A 49 2.19 4.81 -7.88
N LEU A 50 0.99 4.37 -8.14
CA LEU A 50 0.22 4.84 -9.28
C LEU A 50 -1.04 5.49 -8.76
N TRP A 51 -1.02 5.85 -7.50
CA TRP A 51 -2.17 6.37 -6.87
C TRP A 51 -2.22 7.86 -7.11
N LYS A 52 -3.11 8.27 -7.99
CA LYS A 52 -3.29 9.66 -8.28
C LYS A 52 -3.64 10.43 -7.02
N GLY A 53 -2.72 11.23 -6.61
CA GLY A 53 -2.80 11.97 -5.38
C GLY A 53 -1.42 12.44 -5.03
N CYS A 54 -0.45 11.60 -5.32
CA CYS A 54 0.93 11.90 -5.16
C CYS A 54 1.36 12.93 -6.20
N LYS A 55 2.32 13.72 -5.85
CA LYS A 55 2.93 14.59 -6.83
C LYS A 55 4.20 13.89 -7.38
N VAL A 56 4.36 12.61 -7.01
CA VAL A 56 5.56 11.84 -7.35
C VAL A 56 5.23 10.42 -7.83
N TYR A 57 3.97 10.16 -8.11
CA TYR A 57 3.56 8.81 -8.51
C TYR A 57 4.12 8.49 -9.91
N ASN A 58 4.07 7.21 -10.29
CA ASN A 58 4.59 6.69 -11.54
C ASN A 58 6.12 6.71 -11.50
N THR A 59 6.65 6.65 -10.28
CA THR A 59 8.07 6.68 -10.06
C THR A 59 8.48 5.46 -9.21
N PRO A 60 9.23 4.55 -9.81
CA PRO A 60 9.71 3.36 -9.13
C PRO A 60 10.86 3.66 -8.17
N SER A 61 10.73 3.19 -6.96
CA SER A 61 11.71 3.36 -5.93
C SER A 61 11.98 1.99 -5.30
N THR A 62 13.21 1.71 -4.89
CA THR A 62 13.55 0.39 -4.38
C THR A 62 13.35 0.26 -2.86
N SER A 63 13.03 1.36 -2.19
CA SER A 63 12.80 1.29 -0.78
C SER A 63 11.37 0.83 -0.52
N GLN A 64 11.24 -0.43 -0.19
CA GLN A 64 9.96 -1.06 0.07
C GLN A 64 9.27 -0.44 1.28
N SER A 65 10.05 -0.07 2.25
CA SER A 65 9.56 0.51 3.47
C SER A 65 9.00 1.92 3.24
N TRP A 66 9.67 2.65 2.37
CA TRP A 66 9.27 4.01 2.01
C TRP A 66 7.94 3.98 1.28
N LEU A 67 7.85 3.08 0.33
CA LEU A 67 6.66 2.86 -0.45
C LEU A 67 5.48 2.59 0.47
N GLN A 68 5.66 1.61 1.31
CA GLN A 68 4.67 1.29 2.35
C GLN A 68 4.35 2.49 3.26
N ARG A 69 5.35 3.26 3.64
CA ARG A 69 5.14 4.46 4.47
C ARG A 69 4.37 5.53 3.67
N HIS A 70 4.63 5.60 2.40
CA HIS A 70 3.92 6.47 1.49
C HIS A 70 2.45 6.01 1.40
N MET A 71 2.25 4.71 1.36
CA MET A 71 0.90 4.13 1.36
C MET A 71 0.22 4.28 2.72
N LEU A 72 1.02 4.35 3.77
CA LEU A 72 0.54 4.64 5.12
C LEU A 72 -0.09 6.03 5.13
N THR A 73 0.46 6.89 4.34
CA THR A 73 0.03 8.18 4.19
C THR A 73 -1.26 8.23 3.32
N HIS A 74 -1.44 7.25 2.41
CA HIS A 74 -2.61 7.25 1.54
C HIS A 74 -3.82 6.57 2.18
N SER A 75 -3.62 5.38 2.70
CA SER A 75 -4.74 4.68 3.28
C SER A 75 -4.52 4.38 4.76
N GLY A 76 -3.26 4.24 5.15
CA GLY A 76 -2.95 4.07 6.55
C GLY A 76 -3.09 2.65 7.08
N ASP A 77 -2.23 1.74 6.64
CA ASP A 77 -2.22 0.41 7.25
C ASP A 77 -0.99 0.34 8.08
N LYS A 78 -1.19 0.48 9.35
CA LYS A 78 -0.13 0.46 10.31
C LYS A 78 0.56 -0.93 10.48
N PRO A 79 -0.19 -2.05 10.55
CA PRO A 79 0.42 -3.35 10.62
C PRO A 79 1.02 -3.76 9.28
N PHE A 80 2.27 -3.47 9.11
CA PHE A 80 2.95 -3.74 7.89
C PHE A 80 3.36 -5.18 7.89
N LYS A 81 2.81 -5.91 6.97
CA LYS A 81 3.14 -7.33 6.82
C LYS A 81 4.21 -7.46 5.74
N CYS A 82 5.14 -8.40 5.92
CA CYS A 82 6.23 -8.66 4.98
C CYS A 82 5.66 -8.91 3.57
N VAL A 83 6.36 -8.41 2.59
CA VAL A 83 5.91 -8.39 1.23
C VAL A 83 6.38 -9.61 0.45
N VAL A 84 7.18 -10.42 1.08
CA VAL A 84 7.65 -11.64 0.46
C VAL A 84 6.51 -12.66 0.42
N GLY A 85 6.36 -13.33 -0.71
CA GLY A 85 5.32 -14.31 -0.87
C GLY A 85 5.57 -15.54 -0.04
N GLY A 86 5.06 -15.54 1.16
CA GLY A 86 5.25 -16.65 2.05
C GLY A 86 5.84 -16.19 3.36
N CYS A 87 6.30 -14.96 3.38
CA CYS A 87 6.87 -14.41 4.55
C CYS A 87 5.81 -13.58 5.25
N ASN A 88 5.54 -13.94 6.43
CA ASN A 88 4.56 -13.29 7.26
C ASN A 88 5.18 -12.72 8.51
N ALA A 89 5.33 -11.44 8.53
CA ALA A 89 5.84 -10.73 9.65
C ALA A 89 5.21 -9.37 9.63
N SER A 90 4.47 -9.06 10.64
CA SER A 90 3.75 -7.82 10.69
C SER A 90 4.16 -7.01 11.88
N PHE A 91 4.39 -5.75 11.65
CA PHE A 91 4.79 -4.85 12.67
C PHE A 91 3.96 -3.60 12.55
N ALA A 92 3.56 -3.03 13.67
CA ALA A 92 2.75 -1.81 13.71
C ALA A 92 3.64 -0.57 13.59
N SER A 93 4.85 -0.81 13.22
CA SER A 93 5.80 0.21 12.98
C SER A 93 6.68 -0.21 11.85
N GLN A 94 7.11 0.75 11.07
CA GLN A 94 7.94 0.47 9.92
C GLN A 94 9.27 -0.07 10.31
N GLY A 95 9.89 0.50 11.34
CA GLY A 95 11.26 0.12 11.77
C GLY A 95 11.50 -1.38 11.89
N GLY A 96 10.59 -2.07 12.57
CA GLY A 96 10.73 -3.50 12.74
C GLY A 96 10.64 -4.25 11.43
N LEU A 97 9.76 -3.81 10.57
CA LEU A 97 9.56 -4.44 9.29
C LEU A 97 10.65 -4.02 8.30
N ALA A 98 11.04 -2.77 8.38
CA ALA A 98 12.03 -2.16 7.51
C ALA A 98 13.41 -2.69 7.78
N ARG A 99 13.54 -3.43 8.84
CA ARG A 99 14.78 -4.09 9.11
C ARG A 99 14.74 -5.50 8.55
N HIS A 100 13.53 -6.06 8.49
CA HIS A 100 13.31 -7.43 8.05
C HIS A 100 13.20 -7.54 6.53
N VAL A 101 12.37 -6.72 5.95
CA VAL A 101 12.13 -6.75 4.50
C VAL A 101 13.41 -6.62 3.62
N PRO A 102 14.32 -5.66 3.93
CA PRO A 102 15.50 -5.46 3.12
C PRO A 102 16.51 -6.59 3.27
N THR A 103 16.26 -7.55 4.16
CA THR A 103 17.18 -8.65 4.31
C THR A 103 16.95 -9.65 3.17
N HIS A 104 15.70 -9.74 2.69
CA HIS A 104 15.35 -10.67 1.61
C HIS A 104 15.85 -10.10 0.30
N PHE A 105 15.75 -8.80 0.18
CA PHE A 105 16.26 -8.09 -0.97
C PHE A 105 17.78 -7.98 -0.86
N SER A 106 18.24 -8.07 0.38
CA SER A 106 19.64 -7.95 0.75
C SER A 106 20.13 -6.52 0.38
N GLN A 107 19.19 -5.58 0.41
CA GLN A 107 19.47 -4.17 0.11
C GLN A 107 19.87 -3.44 1.39
N GLN A 108 19.62 -4.11 2.53
CA GLN A 108 19.94 -3.61 3.90
C GLN A 108 19.06 -2.41 4.35
N ASN A 109 18.72 -1.52 3.41
CA ASN A 109 17.88 -0.31 3.66
C ASN A 109 16.61 -0.60 4.49
ZN ZN B . -7.26 -1.05 -5.62
ZN ZN C . 1.24 7.57 -4.03
ZN ZN D . 9.62 -11.36 5.40
N MET A 1 -18.15 17.85 3.80
CA MET A 1 -17.74 18.60 2.60
C MET A 1 -17.19 19.97 2.96
N GLY A 2 -17.48 20.45 4.17
CA GLY A 2 -16.99 21.74 4.55
C GLY A 2 -17.81 22.35 5.64
N HIS A 3 -17.51 21.95 6.85
CA HIS A 3 -18.17 22.48 8.01
C HIS A 3 -17.18 22.53 9.14
N HIS A 4 -17.22 23.58 9.90
CA HIS A 4 -16.44 23.66 11.11
C HIS A 4 -17.27 23.12 12.27
N HIS A 5 -18.56 23.04 12.02
CA HIS A 5 -19.52 22.47 12.95
C HIS A 5 -19.53 20.94 12.80
N HIS A 6 -18.98 20.48 11.72
CA HIS A 6 -18.90 19.08 11.40
C HIS A 6 -17.61 18.80 10.64
N HIS A 7 -16.52 18.66 11.38
CA HIS A 7 -15.26 18.35 10.77
C HIS A 7 -15.15 16.88 10.47
N HIS A 8 -15.55 16.55 9.27
CA HIS A 8 -15.45 15.22 8.77
C HIS A 8 -15.15 15.38 7.31
N ASN A 9 -14.01 14.88 6.90
CA ASN A 9 -13.57 15.00 5.51
C ASN A 9 -14.53 14.30 4.58
N ASN A 10 -14.78 13.03 4.87
CA ASN A 10 -15.77 12.19 4.17
C ASN A 10 -15.47 11.98 2.69
N ILE A 11 -15.04 10.80 2.39
CA ILE A 11 -14.81 10.38 1.05
C ILE A 11 -14.77 8.86 1.07
N ALA A 12 -15.11 8.26 0.00
CA ALA A 12 -15.06 6.83 -0.13
C ALA A 12 -13.67 6.48 -0.56
N TYR A 13 -13.00 5.66 0.21
CA TYR A 13 -11.61 5.38 -0.02
C TYR A 13 -11.45 4.33 -1.09
N ASN A 14 -11.37 4.81 -2.29
CA ASN A 14 -11.14 3.99 -3.43
C ASN A 14 -9.70 4.18 -3.82
N CYS A 15 -9.03 3.12 -4.18
CA CYS A 15 -7.67 3.29 -4.53
C CYS A 15 -7.53 3.72 -5.98
N CYS A 16 -7.10 4.96 -6.19
CA CYS A 16 -6.93 5.39 -7.53
C CYS A 16 -5.53 5.04 -8.00
N TRP A 17 -5.35 3.79 -8.26
CA TRP A 17 -4.14 3.24 -8.75
C TRP A 17 -4.44 2.51 -10.01
N ASP A 18 -4.18 3.13 -11.13
CA ASP A 18 -4.29 2.53 -12.44
C ASP A 18 -5.46 1.58 -12.68
N GLN A 19 -6.66 2.13 -12.52
CA GLN A 19 -7.93 1.46 -12.83
C GLN A 19 -8.25 0.31 -11.88
N CYS A 20 -7.78 0.40 -10.65
CA CYS A 20 -7.99 -0.59 -9.66
C CYS A 20 -9.42 -0.48 -9.14
N GLN A 21 -10.08 -1.60 -9.07
CA GLN A 21 -11.46 -1.64 -8.65
C GLN A 21 -11.51 -2.08 -7.21
N ALA A 22 -11.60 -1.10 -6.32
CA ALA A 22 -11.58 -1.32 -4.92
C ALA A 22 -11.97 -0.07 -4.20
N CYS A 23 -12.92 -0.18 -3.31
CA CYS A 23 -13.29 0.93 -2.48
C CYS A 23 -13.70 0.41 -1.12
N PHE A 24 -13.05 0.91 -0.10
CA PHE A 24 -13.32 0.51 1.26
C PHE A 24 -13.56 1.75 2.10
N ASN A 25 -14.24 1.60 3.19
CA ASN A 25 -14.47 2.70 4.12
C ASN A 25 -13.55 2.48 5.30
N SER A 26 -13.23 1.25 5.53
CA SER A 26 -12.32 0.87 6.56
C SER A 26 -10.89 1.04 6.04
N SER A 27 -10.02 1.54 6.88
CA SER A 27 -8.67 1.82 6.49
C SER A 27 -7.80 0.55 6.36
N PRO A 28 -7.76 -0.37 7.37
CA PRO A 28 -6.96 -1.60 7.28
C PRO A 28 -7.39 -2.49 6.11
N ASP A 29 -8.68 -2.45 5.80
CA ASP A 29 -9.26 -3.21 4.69
C ASP A 29 -8.68 -2.70 3.38
N LEU A 30 -8.76 -1.39 3.17
CA LEU A 30 -8.16 -0.75 2.01
C LEU A 30 -6.64 -0.99 1.96
N ALA A 31 -5.98 -0.80 3.10
CA ALA A 31 -4.52 -0.99 3.22
C ALA A 31 -4.11 -2.38 2.86
N ASP A 32 -4.89 -3.35 3.31
CA ASP A 32 -4.68 -4.74 3.00
C ASP A 32 -4.72 -4.96 1.51
N HIS A 33 -5.71 -4.35 0.88
CA HIS A 33 -5.87 -4.40 -0.55
C HIS A 33 -4.63 -3.80 -1.22
N ILE A 34 -4.25 -2.59 -0.78
CA ILE A 34 -3.04 -1.96 -1.25
C ILE A 34 -1.84 -2.88 -1.11
N ARG A 35 -1.62 -3.40 0.06
CA ARG A 35 -0.46 -4.19 0.31
C ARG A 35 -0.46 -5.42 -0.58
N SER A 36 -1.61 -5.99 -0.79
CA SER A 36 -1.77 -7.21 -1.54
C SER A 36 -1.62 -7.00 -3.06
N ILE A 37 -2.42 -6.12 -3.62
CA ILE A 37 -2.51 -6.01 -5.06
C ILE A 37 -1.71 -4.81 -5.60
N HIS A 38 -1.31 -3.94 -4.72
CA HIS A 38 -0.58 -2.79 -5.16
C HIS A 38 0.89 -2.98 -4.84
N VAL A 39 1.20 -2.98 -3.55
CA VAL A 39 2.58 -3.11 -3.06
C VAL A 39 3.20 -4.42 -3.53
N ASP A 40 2.52 -5.50 -3.24
CA ASP A 40 2.99 -6.83 -3.59
C ASP A 40 2.77 -7.11 -5.07
N GLY A 41 1.99 -6.28 -5.70
CA GLY A 41 1.76 -6.39 -7.12
C GLY A 41 2.93 -5.80 -7.90
N GLN A 42 3.65 -4.91 -7.25
CA GLN A 42 4.77 -4.19 -7.84
C GLN A 42 6.10 -4.83 -7.55
N ARG A 43 6.10 -6.08 -7.13
CA ARG A 43 7.33 -6.75 -6.71
C ARG A 43 8.20 -7.21 -7.91
N GLY A 44 8.53 -6.26 -8.75
CA GLY A 44 9.35 -6.51 -9.91
C GLY A 44 10.67 -5.81 -9.75
N GLY A 45 11.07 -5.68 -8.51
CA GLY A 45 12.32 -5.06 -8.16
C GLY A 45 12.17 -3.58 -7.92
N VAL A 46 11.15 -2.96 -8.51
CA VAL A 46 10.92 -1.55 -8.33
C VAL A 46 9.44 -1.30 -8.14
N PHE A 47 9.13 -0.54 -7.15
CA PHE A 47 7.76 -0.25 -6.81
C PHE A 47 7.44 1.18 -7.23
N VAL A 48 6.21 1.41 -7.61
CA VAL A 48 5.78 2.69 -8.14
C VAL A 48 4.32 3.01 -7.80
N CYS A 49 4.12 4.19 -7.28
CA CYS A 49 2.80 4.67 -6.96
C CYS A 49 2.18 5.17 -8.26
N LEU A 50 1.00 4.72 -8.56
CA LEU A 50 0.24 5.20 -9.71
C LEU A 50 -0.93 6.01 -9.22
N TRP A 51 -0.88 6.36 -7.95
CA TRP A 51 -1.95 7.08 -7.32
C TRP A 51 -1.88 8.53 -7.71
N LYS A 52 -2.77 8.93 -8.58
CA LYS A 52 -2.89 10.31 -8.95
C LYS A 52 -3.28 11.11 -7.72
N GLY A 53 -2.40 11.99 -7.32
CA GLY A 53 -2.58 12.75 -6.13
C GLY A 53 -1.25 13.01 -5.47
N CYS A 54 -0.34 12.08 -5.65
CA CYS A 54 1.01 12.19 -5.20
C CYS A 54 1.79 13.13 -6.11
N LYS A 55 2.75 13.80 -5.57
CA LYS A 55 3.61 14.64 -6.41
C LYS A 55 4.84 13.82 -6.85
N VAL A 56 4.81 12.50 -6.60
CA VAL A 56 5.95 11.63 -6.87
C VAL A 56 5.54 10.35 -7.58
N TYR A 57 4.29 10.25 -8.03
CA TYR A 57 3.85 9.00 -8.60
C TYR A 57 4.43 8.77 -10.00
N ASN A 58 4.31 7.52 -10.50
CA ASN A 58 4.85 7.07 -11.77
C ASN A 58 6.38 7.10 -11.70
N THR A 59 6.89 6.96 -10.50
CA THR A 59 8.29 6.98 -10.27
C THR A 59 8.66 5.72 -9.48
N PRO A 60 9.31 4.77 -10.13
CA PRO A 60 9.71 3.53 -9.50
C PRO A 60 10.94 3.70 -8.58
N SER A 61 10.88 3.05 -7.45
CA SER A 61 11.95 3.04 -6.49
C SER A 61 12.07 1.62 -5.96
N THR A 62 13.25 1.25 -5.52
CA THR A 62 13.45 -0.07 -4.99
C THR A 62 13.23 -0.06 -3.46
N SER A 63 12.74 1.06 -2.97
CA SER A 63 12.53 1.22 -1.57
C SER A 63 11.16 0.66 -1.15
N GLN A 64 11.15 -0.62 -0.76
CA GLN A 64 9.93 -1.31 -0.36
C GLN A 64 9.28 -0.64 0.86
N SER A 65 10.09 -0.34 1.85
CA SER A 65 9.63 0.26 3.07
C SER A 65 9.10 1.68 2.82
N TRP A 66 9.74 2.39 1.91
CA TRP A 66 9.35 3.76 1.60
C TRP A 66 8.00 3.77 0.89
N LEU A 67 7.84 2.87 -0.03
CA LEU A 67 6.63 2.67 -0.79
C LEU A 67 5.47 2.43 0.17
N GLN A 68 5.67 1.46 1.02
CA GLN A 68 4.72 1.18 2.11
C GLN A 68 4.49 2.41 3.01
N ARG A 69 5.54 3.16 3.30
CA ARG A 69 5.41 4.37 4.12
C ARG A 69 4.56 5.43 3.40
N HIS A 70 4.74 5.49 2.10
CA HIS A 70 4.01 6.39 1.24
C HIS A 70 2.53 5.99 1.19
N MET A 71 2.27 4.70 0.99
CA MET A 71 0.88 4.22 0.88
C MET A 71 0.12 4.41 2.19
N LEU A 72 0.87 4.45 3.27
CA LEU A 72 0.34 4.61 4.63
C LEU A 72 -0.50 5.89 4.79
N THR A 73 -0.21 6.91 3.98
CA THR A 73 -0.96 8.15 4.08
C THR A 73 -2.19 8.08 3.16
N HIS A 74 -2.23 7.09 2.26
CA HIS A 74 -3.35 6.93 1.36
C HIS A 74 -4.46 6.16 2.05
N SER A 75 -4.10 5.06 2.67
CA SER A 75 -5.07 4.23 3.35
C SER A 75 -5.31 4.69 4.79
N GLY A 76 -4.29 5.28 5.40
CA GLY A 76 -4.39 5.78 6.76
C GLY A 76 -4.57 4.69 7.75
N ASP A 77 -3.83 3.66 7.56
CA ASP A 77 -3.85 2.50 8.39
C ASP A 77 -2.69 2.59 9.40
N LYS A 78 -2.16 1.45 9.75
CA LYS A 78 -1.11 1.30 10.74
C LYS A 78 -0.46 -0.12 10.71
N PRO A 79 -1.24 -1.24 10.78
CA PRO A 79 -0.67 -2.60 10.71
C PRO A 79 0.05 -2.92 9.37
N PHE A 80 1.36 -2.97 9.43
CA PHE A 80 2.17 -3.22 8.26
C PHE A 80 2.42 -4.71 8.16
N LYS A 81 1.75 -5.34 7.23
CA LYS A 81 1.94 -6.77 6.96
C LYS A 81 3.17 -6.97 6.07
N CYS A 82 3.98 -8.01 6.36
CA CYS A 82 5.14 -8.38 5.54
C CYS A 82 4.68 -8.53 4.10
N VAL A 83 5.51 -8.16 3.17
CA VAL A 83 5.11 -8.04 1.78
C VAL A 83 5.10 -9.40 1.07
N VAL A 84 5.84 -10.32 1.63
CA VAL A 84 5.99 -11.64 1.05
C VAL A 84 4.72 -12.47 1.20
N GLY A 85 4.24 -13.00 0.09
CA GLY A 85 3.10 -13.87 0.12
C GLY A 85 3.53 -15.23 0.61
N GLY A 86 3.63 -15.35 1.91
CA GLY A 86 4.12 -16.55 2.54
C GLY A 86 4.69 -16.20 3.89
N CYS A 87 5.05 -14.95 4.05
CA CYS A 87 5.56 -14.45 5.27
C CYS A 87 4.55 -13.48 5.82
N ASN A 88 4.06 -13.76 6.96
CA ASN A 88 3.09 -12.89 7.61
C ASN A 88 3.65 -12.37 8.91
N ALA A 89 4.03 -11.14 8.89
CA ALA A 89 4.52 -10.47 10.04
C ALA A 89 3.97 -9.07 9.97
N SER A 90 2.91 -8.83 10.68
CA SER A 90 2.25 -7.54 10.61
C SER A 90 2.49 -6.79 11.89
N PHE A 91 3.17 -5.68 11.79
CA PHE A 91 3.54 -4.92 12.96
C PHE A 91 2.87 -3.55 12.93
N ALA A 92 2.59 -3.01 14.11
CA ALA A 92 1.95 -1.69 14.24
C ALA A 92 2.99 -0.58 14.10
N SER A 93 4.24 -0.94 14.13
CA SER A 93 5.32 -0.02 13.95
C SER A 93 6.09 -0.49 12.74
N GLN A 94 6.52 0.43 11.90
CA GLN A 94 7.16 0.02 10.66
C GLN A 94 8.62 -0.30 10.87
N GLY A 95 9.20 0.21 11.94
CA GLY A 95 10.62 0.00 12.23
C GLY A 95 10.99 -1.47 12.30
N GLY A 96 10.08 -2.28 12.85
CA GLY A 96 10.32 -3.70 12.92
C GLY A 96 10.22 -4.32 11.54
N LEU A 97 9.18 -3.95 10.82
CA LEU A 97 8.93 -4.44 9.49
C LEU A 97 10.03 -4.02 8.51
N ALA A 98 10.48 -2.78 8.63
CA ALA A 98 11.52 -2.23 7.77
C ALA A 98 12.85 -2.95 7.96
N ARG A 99 12.98 -3.68 9.03
CA ARG A 99 14.16 -4.49 9.27
C ARG A 99 13.95 -5.93 8.80
N HIS A 100 12.72 -6.32 8.73
CA HIS A 100 12.33 -7.65 8.34
C HIS A 100 12.19 -7.79 6.82
N VAL A 101 11.49 -6.88 6.23
CA VAL A 101 11.22 -6.88 4.79
C VAL A 101 12.46 -6.94 3.88
N PRO A 102 13.51 -6.11 4.11
CA PRO A 102 14.67 -6.08 3.24
C PRO A 102 15.42 -7.41 3.27
N THR A 103 15.18 -8.25 4.29
CA THR A 103 15.93 -9.48 4.39
C THR A 103 15.45 -10.48 3.33
N HIS A 104 14.19 -10.31 2.91
CA HIS A 104 13.62 -11.18 1.91
C HIS A 104 14.04 -10.70 0.52
N PHE A 105 14.36 -9.41 0.43
CA PHE A 105 14.83 -8.80 -0.81
C PHE A 105 16.32 -8.99 -0.96
N SER A 106 16.91 -9.54 0.08
CA SER A 106 18.30 -9.85 0.06
C SER A 106 18.50 -11.17 -0.65
N GLN A 107 18.41 -11.13 -1.96
CA GLN A 107 18.60 -12.32 -2.74
C GLN A 107 20.06 -12.59 -2.98
N GLN A 108 20.60 -13.38 -2.07
CA GLN A 108 21.98 -13.81 -2.08
C GLN A 108 22.12 -14.93 -1.06
N ASN A 109 21.03 -15.64 -0.83
CA ASN A 109 20.99 -16.74 0.14
C ASN A 109 20.45 -17.99 -0.52
ZN ZN B . -6.92 -1.05 -5.59
ZN ZN C . 1.13 7.83 -4.10
ZN ZN D . 8.24 -11.50 6.19
N MET A 1 -33.82 14.87 -13.56
CA MET A 1 -32.62 15.56 -13.08
C MET A 1 -32.41 15.25 -11.61
N GLY A 2 -31.17 14.99 -11.23
CA GLY A 2 -30.88 14.72 -9.85
C GLY A 2 -29.61 15.42 -9.40
N HIS A 3 -29.70 16.16 -8.34
CA HIS A 3 -28.55 16.83 -7.77
C HIS A 3 -28.52 16.61 -6.27
N HIS A 4 -27.39 16.18 -5.76
CA HIS A 4 -27.29 15.82 -4.37
C HIS A 4 -27.00 17.01 -3.48
N HIS A 5 -27.67 17.08 -2.37
CA HIS A 5 -27.37 18.12 -1.40
C HIS A 5 -26.46 17.54 -0.33
N HIS A 6 -26.51 16.21 -0.19
CA HIS A 6 -25.73 15.51 0.82
C HIS A 6 -25.10 14.24 0.23
N HIS A 7 -25.87 13.55 -0.62
CA HIS A 7 -25.49 12.29 -1.30
C HIS A 7 -25.45 11.12 -0.31
N HIS A 8 -24.52 11.19 0.63
CA HIS A 8 -24.31 10.16 1.64
C HIS A 8 -23.16 10.57 2.55
N ASN A 9 -22.30 11.46 2.02
CA ASN A 9 -21.09 11.96 2.70
C ASN A 9 -19.98 10.92 2.60
N ASN A 10 -20.29 9.71 2.99
CA ASN A 10 -19.36 8.62 2.90
C ASN A 10 -19.34 8.06 1.51
N ILE A 11 -18.22 8.20 0.86
CA ILE A 11 -18.03 7.66 -0.45
C ILE A 11 -17.32 6.30 -0.29
N ALA A 12 -17.36 5.49 -1.30
CA ALA A 12 -16.71 4.21 -1.29
C ALA A 12 -15.27 4.46 -1.66
N TYR A 13 -14.38 4.13 -0.76
CA TYR A 13 -13.00 4.50 -0.90
C TYR A 13 -12.30 3.56 -1.84
N ASN A 14 -12.29 3.99 -3.07
CA ASN A 14 -11.65 3.30 -4.14
C ASN A 14 -10.19 3.71 -4.22
N CYS A 15 -9.33 2.77 -4.43
CA CYS A 15 -7.96 3.07 -4.53
C CYS A 15 -7.65 3.50 -5.96
N CYS A 16 -7.34 4.76 -6.17
CA CYS A 16 -7.07 5.20 -7.50
C CYS A 16 -5.62 4.90 -7.88
N TRP A 17 -5.37 3.65 -8.12
CA TRP A 17 -4.09 3.15 -8.48
C TRP A 17 -4.23 2.42 -9.79
N ASP A 18 -3.71 3.00 -10.87
CA ASP A 18 -3.68 2.41 -12.21
C ASP A 18 -4.70 1.33 -12.54
N GLN A 19 -5.95 1.78 -12.54
CA GLN A 19 -7.12 1.01 -13.00
C GLN A 19 -7.62 -0.05 -11.99
N CYS A 20 -7.22 0.07 -10.73
CA CYS A 20 -7.68 -0.80 -9.70
C CYS A 20 -8.99 -0.28 -9.17
N GLN A 21 -10.07 -0.74 -9.72
CA GLN A 21 -11.36 -0.34 -9.25
C GLN A 21 -11.71 -1.23 -8.10
N ALA A 22 -11.45 -0.76 -6.92
CA ALA A 22 -11.63 -1.50 -5.72
C ALA A 22 -11.98 -0.52 -4.65
N CYS A 23 -13.07 -0.73 -3.98
CA CYS A 23 -13.57 0.25 -3.04
C CYS A 23 -13.83 -0.39 -1.71
N PHE A 24 -13.35 0.20 -0.64
CA PHE A 24 -13.63 -0.30 0.67
C PHE A 24 -14.21 0.81 1.53
N ASN A 25 -14.96 0.43 2.52
CA ASN A 25 -15.66 1.40 3.39
C ASN A 25 -14.87 1.66 4.64
N SER A 26 -13.89 0.84 4.89
CA SER A 26 -13.06 0.95 6.06
C SER A 26 -11.62 1.19 5.65
N SER A 27 -10.87 1.80 6.53
CA SER A 27 -9.49 2.11 6.30
C SER A 27 -8.62 0.82 6.28
N PRO A 28 -8.70 -0.09 7.31
CA PRO A 28 -7.88 -1.30 7.35
C PRO A 28 -8.16 -2.23 6.17
N ASP A 29 -9.41 -2.27 5.72
CA ASP A 29 -9.81 -3.09 4.58
C ASP A 29 -9.18 -2.57 3.34
N LEU A 30 -9.30 -1.27 3.12
CA LEU A 30 -8.66 -0.62 1.99
C LEU A 30 -7.14 -0.79 2.05
N ALA A 31 -6.57 -0.55 3.22
CA ALA A 31 -5.12 -0.65 3.44
C ALA A 31 -4.61 -2.06 3.18
N ASP A 32 -5.41 -3.04 3.58
CA ASP A 32 -5.08 -4.44 3.38
C ASP A 32 -5.04 -4.74 1.90
N HIS A 33 -6.01 -4.20 1.18
CA HIS A 33 -6.06 -4.32 -0.26
C HIS A 33 -4.81 -3.69 -0.87
N ILE A 34 -4.49 -2.48 -0.43
CA ILE A 34 -3.25 -1.84 -0.84
C ILE A 34 -2.03 -2.74 -0.56
N ARG A 35 -1.92 -3.28 0.62
CA ARG A 35 -0.76 -4.08 0.95
C ARG A 35 -0.71 -5.35 0.08
N SER A 36 -1.87 -5.89 -0.18
CA SER A 36 -2.02 -7.15 -0.88
C SER A 36 -1.84 -7.03 -2.39
N ILE A 37 -2.47 -6.08 -3.02
CA ILE A 37 -2.42 -6.00 -4.47
C ILE A 37 -1.58 -4.81 -4.96
N HIS A 38 -1.28 -3.90 -4.08
CA HIS A 38 -0.51 -2.74 -4.48
C HIS A 38 0.94 -2.90 -4.05
N VAL A 39 1.17 -2.95 -2.74
CA VAL A 39 2.53 -3.09 -2.22
C VAL A 39 3.11 -4.45 -2.66
N ASP A 40 2.34 -5.51 -2.44
CA ASP A 40 2.74 -6.88 -2.90
C ASP A 40 2.73 -6.97 -4.42
N GLY A 41 2.00 -6.07 -5.04
CA GLY A 41 1.90 -6.03 -6.46
C GLY A 41 3.13 -5.37 -7.09
N GLN A 42 3.87 -4.64 -6.28
CA GLN A 42 5.02 -3.87 -6.76
C GLN A 42 6.35 -4.56 -6.53
N ARG A 43 6.36 -5.77 -5.98
CA ARG A 43 7.64 -6.41 -5.71
C ARG A 43 8.31 -7.02 -6.96
N GLY A 44 8.73 -6.13 -7.83
CA GLY A 44 9.48 -6.51 -9.02
C GLY A 44 10.86 -5.90 -8.98
N GLY A 45 11.22 -5.45 -7.80
CA GLY A 45 12.52 -4.87 -7.56
C GLY A 45 12.46 -3.36 -7.42
N VAL A 46 11.45 -2.77 -8.02
CA VAL A 46 11.20 -1.35 -7.91
C VAL A 46 9.72 -1.15 -7.64
N PHE A 47 9.41 -0.38 -6.64
CA PHE A 47 8.06 -0.18 -6.27
C PHE A 47 7.64 1.20 -6.72
N VAL A 48 6.44 1.33 -7.17
CA VAL A 48 5.95 2.57 -7.70
C VAL A 48 4.50 2.80 -7.26
N CYS A 49 4.19 4.01 -6.92
CA CYS A 49 2.87 4.40 -6.58
C CYS A 49 2.21 4.81 -7.89
N LEU A 50 1.03 4.36 -8.10
CA LEU A 50 0.30 4.74 -9.30
C LEU A 50 -0.93 5.50 -8.87
N TRP A 51 -0.93 5.92 -7.62
CA TRP A 51 -2.06 6.59 -7.05
C TRP A 51 -2.16 7.97 -7.61
N LYS A 52 -3.24 8.23 -8.26
CA LYS A 52 -3.53 9.51 -8.80
C LYS A 52 -3.71 10.49 -7.67
N GLY A 53 -2.85 11.44 -7.62
CA GLY A 53 -2.90 12.42 -6.58
C GLY A 53 -1.54 12.71 -6.01
N CYS A 54 -0.62 11.77 -6.17
CA CYS A 54 0.73 11.98 -5.69
C CYS A 54 1.49 12.94 -6.58
N LYS A 55 2.35 13.66 -5.98
CA LYS A 55 3.29 14.53 -6.65
C LYS A 55 4.41 13.72 -7.34
N VAL A 56 4.52 12.42 -6.99
CA VAL A 56 5.67 11.58 -7.40
C VAL A 56 5.25 10.19 -7.78
N TYR A 57 4.01 10.00 -8.15
CA TYR A 57 3.59 8.68 -8.56
C TYR A 57 4.15 8.38 -9.94
N ASN A 58 4.10 7.12 -10.35
CA ASN A 58 4.61 6.66 -11.62
C ASN A 58 6.15 6.84 -11.64
N THR A 59 6.73 6.74 -10.45
CA THR A 59 8.15 6.91 -10.25
C THR A 59 8.66 5.81 -9.29
N PRO A 60 9.38 4.82 -9.80
CA PRO A 60 9.85 3.68 -9.01
C PRO A 60 10.90 4.05 -7.94
N SER A 61 10.81 3.39 -6.81
CA SER A 61 11.74 3.53 -5.73
C SER A 61 12.04 2.11 -5.22
N THR A 62 13.24 1.86 -4.75
CA THR A 62 13.61 0.52 -4.32
C THR A 62 13.45 0.30 -2.81
N SER A 63 13.06 1.34 -2.11
CA SER A 63 12.78 1.21 -0.70
C SER A 63 11.34 0.77 -0.51
N GLN A 64 11.16 -0.42 0.01
CA GLN A 64 9.85 -0.96 0.24
C GLN A 64 9.17 -0.21 1.37
N SER A 65 9.96 0.18 2.34
CA SER A 65 9.47 0.89 3.47
C SER A 65 9.04 2.32 3.11
N TRP A 66 9.75 2.95 2.18
CA TRP A 66 9.40 4.30 1.72
C TRP A 66 8.07 4.26 0.96
N LEU A 67 7.94 3.25 0.13
CA LEU A 67 6.76 3.01 -0.66
C LEU A 67 5.57 2.85 0.27
N GLN A 68 5.73 1.94 1.20
CA GLN A 68 4.74 1.74 2.25
C GLN A 68 4.43 3.03 3.03
N ARG A 69 5.47 3.79 3.39
CA ARG A 69 5.34 5.07 4.06
C ARG A 69 4.46 6.03 3.22
N HIS A 70 4.67 5.99 1.93
CA HIS A 70 3.91 6.79 1.01
C HIS A 70 2.45 6.31 0.93
N MET A 71 2.27 5.01 0.78
CA MET A 71 0.91 4.45 0.70
C MET A 71 0.16 4.54 2.02
N LEU A 72 0.92 4.60 3.09
CA LEU A 72 0.41 4.84 4.45
C LEU A 72 -0.33 6.16 4.49
N THR A 73 0.21 7.13 3.80
CA THR A 73 -0.28 8.42 3.72
C THR A 73 -1.60 8.46 2.87
N HIS A 74 -1.88 7.39 2.14
CA HIS A 74 -3.09 7.32 1.34
C HIS A 74 -4.17 6.55 2.07
N SER A 75 -3.81 5.38 2.58
CA SER A 75 -4.78 4.47 3.17
C SER A 75 -5.08 4.82 4.64
N GLY A 76 -4.10 5.41 5.31
CA GLY A 76 -4.26 5.72 6.72
C GLY A 76 -4.24 4.49 7.54
N ASP A 77 -3.29 3.68 7.24
CA ASP A 77 -3.11 2.44 7.90
C ASP A 77 -2.23 2.55 9.13
N LYS A 78 -1.89 1.43 9.63
CA LYS A 78 -1.09 1.28 10.81
C LYS A 78 -0.34 -0.08 10.78
N PRO A 79 -1.06 -1.25 10.74
CA PRO A 79 -0.41 -2.55 10.63
C PRO A 79 0.31 -2.72 9.30
N PHE A 80 1.56 -3.00 9.37
CA PHE A 80 2.36 -3.21 8.24
C PHE A 80 2.60 -4.67 8.13
N LYS A 81 2.00 -5.25 7.13
CA LYS A 81 2.12 -6.64 6.85
C LYS A 81 3.24 -6.84 5.85
N CYS A 82 3.77 -8.06 5.80
CA CYS A 82 4.85 -8.39 4.94
C CYS A 82 4.43 -8.14 3.49
N VAL A 83 5.39 -7.77 2.68
CA VAL A 83 5.11 -7.46 1.31
C VAL A 83 4.81 -8.72 0.56
N VAL A 84 5.47 -9.77 0.93
CA VAL A 84 5.36 -11.01 0.26
C VAL A 84 4.00 -11.63 0.53
N GLY A 85 3.20 -11.76 -0.50
CA GLY A 85 1.95 -12.45 -0.42
C GLY A 85 2.17 -13.90 -0.09
N GLY A 86 1.96 -14.25 1.14
CA GLY A 86 2.20 -15.58 1.58
C GLY A 86 3.05 -15.58 2.81
N CYS A 87 3.71 -14.48 3.05
CA CYS A 87 4.53 -14.34 4.21
C CYS A 87 3.69 -13.71 5.31
N ASN A 88 4.06 -13.99 6.49
CA ASN A 88 3.36 -13.46 7.64
C ASN A 88 4.25 -12.61 8.51
N ALA A 89 4.05 -11.32 8.45
CA ALA A 89 4.67 -10.42 9.35
C ALA A 89 3.77 -9.23 9.42
N SER A 90 3.40 -8.85 10.59
CA SER A 90 2.62 -7.67 10.78
C SER A 90 3.06 -6.92 12.01
N PHE A 91 3.48 -5.71 11.81
CA PHE A 91 3.93 -4.87 12.87
C PHE A 91 3.22 -3.54 12.70
N ALA A 92 2.86 -2.88 13.79
CA ALA A 92 2.18 -1.59 13.72
C ALA A 92 3.19 -0.46 13.46
N SER A 93 4.42 -0.84 13.25
CA SER A 93 5.47 0.08 12.95
C SER A 93 6.44 -0.56 11.96
N GLN A 94 7.06 0.28 11.16
CA GLN A 94 7.97 -0.15 10.12
C GLN A 94 9.26 -0.72 10.64
N GLY A 95 9.72 -0.26 11.81
CA GLY A 95 11.01 -0.65 12.37
C GLY A 95 11.33 -2.14 12.29
N GLY A 96 10.43 -2.98 12.79
CA GLY A 96 10.67 -4.41 12.80
C GLY A 96 10.41 -5.05 11.45
N LEU A 97 9.45 -4.52 10.74
CA LEU A 97 9.04 -5.06 9.47
C LEU A 97 10.07 -4.75 8.39
N ALA A 98 10.63 -3.56 8.46
CA ALA A 98 11.61 -3.07 7.48
C ALA A 98 12.89 -3.85 7.56
N ARG A 99 13.02 -4.62 8.60
CA ARG A 99 14.16 -5.46 8.79
C ARG A 99 13.84 -6.87 8.25
N HIS A 100 12.54 -7.20 8.22
CA HIS A 100 12.05 -8.50 7.77
C HIS A 100 11.87 -8.55 6.26
N VAL A 101 11.29 -7.51 5.73
CA VAL A 101 11.02 -7.39 4.30
C VAL A 101 12.23 -7.66 3.38
N PRO A 102 13.40 -7.03 3.62
CA PRO A 102 14.54 -7.19 2.74
C PRO A 102 15.09 -8.60 2.77
N THR A 103 14.69 -9.41 3.77
CA THR A 103 15.24 -10.76 3.84
C THR A 103 14.69 -11.64 2.72
N HIS A 104 13.55 -11.22 2.17
CA HIS A 104 12.92 -11.95 1.07
C HIS A 104 13.55 -11.55 -0.25
N PHE A 105 14.05 -10.33 -0.28
CA PHE A 105 14.76 -9.81 -1.44
C PHE A 105 16.12 -10.47 -1.50
N SER A 106 16.67 -10.69 -0.32
CA SER A 106 17.88 -11.44 -0.17
C SER A 106 17.63 -12.89 -0.59
N GLN A 107 16.47 -13.43 -0.15
CA GLN A 107 15.96 -14.77 -0.49
C GLN A 107 16.77 -15.89 0.15
N GLN A 108 18.00 -15.92 -0.18
CA GLN A 108 18.92 -16.91 0.35
C GLN A 108 19.63 -16.31 1.56
N ASN A 109 20.03 -15.05 1.44
CA ASN A 109 20.65 -14.34 2.57
C ASN A 109 19.61 -13.79 3.52
ZN ZN B . -6.94 -1.20 -5.57
ZN ZN C . 1.07 7.77 -4.25
ZN ZN D . 7.67 -11.69 5.18
N MET A 1 -31.83 -7.73 5.25
CA MET A 1 -32.24 -8.08 3.90
C MET A 1 -31.01 -8.14 3.00
N GLY A 2 -30.50 -6.99 2.60
CA GLY A 2 -29.34 -6.97 1.76
C GLY A 2 -28.71 -5.59 1.74
N HIS A 3 -27.42 -5.55 1.78
CA HIS A 3 -26.68 -4.31 1.75
C HIS A 3 -26.31 -3.99 0.32
N HIS A 4 -27.12 -3.18 -0.30
CA HIS A 4 -26.90 -2.82 -1.70
C HIS A 4 -26.15 -1.50 -1.78
N HIS A 5 -26.64 -0.53 -1.06
CA HIS A 5 -26.12 0.81 -1.10
C HIS A 5 -25.57 1.19 0.27
N HIS A 6 -24.93 2.31 0.35
CA HIS A 6 -24.41 2.82 1.60
C HIS A 6 -24.67 4.32 1.66
N HIS A 7 -24.98 4.83 2.82
CA HIS A 7 -25.23 6.26 2.99
C HIS A 7 -25.02 6.70 4.44
N HIS A 8 -24.12 7.64 4.61
CA HIS A 8 -23.76 8.20 5.91
C HIS A 8 -22.89 9.44 5.62
N ASN A 9 -23.05 9.97 4.40
CA ASN A 9 -22.16 11.03 3.84
C ASN A 9 -20.77 10.46 3.68
N ASN A 10 -20.74 9.16 3.55
CA ASN A 10 -19.54 8.39 3.43
C ASN A 10 -19.39 8.00 1.98
N ILE A 11 -18.30 7.38 1.66
CA ILE A 11 -18.07 6.97 0.33
C ILE A 11 -17.16 5.76 0.37
N ALA A 12 -17.26 4.96 -0.62
CA ALA A 12 -16.41 3.85 -0.79
C ALA A 12 -15.17 4.36 -1.46
N TYR A 13 -14.06 4.03 -0.93
CA TYR A 13 -12.85 4.58 -1.40
C TYR A 13 -12.29 3.77 -2.52
N ASN A 14 -12.64 4.20 -3.70
CA ASN A 14 -12.14 3.62 -4.92
C ASN A 14 -10.73 4.12 -5.14
N CYS A 15 -9.78 3.24 -4.97
CA CYS A 15 -8.42 3.59 -5.02
C CYS A 15 -7.97 3.95 -6.43
N CYS A 16 -7.54 5.17 -6.60
CA CYS A 16 -7.10 5.59 -7.89
C CYS A 16 -5.64 5.21 -8.11
N TRP A 17 -5.43 3.95 -8.38
CA TRP A 17 -4.14 3.40 -8.63
C TRP A 17 -4.13 2.83 -10.00
N ASP A 18 -3.60 3.58 -10.94
CA ASP A 18 -3.47 3.21 -12.36
C ASP A 18 -4.81 3.26 -13.00
N GLN A 19 -5.56 2.32 -12.59
CA GLN A 19 -6.97 2.04 -12.79
C GLN A 19 -7.31 0.79 -12.04
N CYS A 20 -7.80 1.00 -10.85
CA CYS A 20 -8.11 -0.04 -9.94
C CYS A 20 -9.52 0.18 -9.47
N GLN A 21 -10.44 -0.55 -10.01
CA GLN A 21 -11.79 -0.37 -9.60
C GLN A 21 -12.08 -1.31 -8.47
N ALA A 22 -11.91 -0.78 -7.32
CA ALA A 22 -12.07 -1.44 -6.08
C ALA A 22 -12.37 -0.36 -5.11
N CYS A 23 -13.32 -0.58 -4.26
CA CYS A 23 -13.71 0.46 -3.36
C CYS A 23 -14.12 -0.11 -2.03
N PHE A 24 -13.47 0.35 -0.99
CA PHE A 24 -13.76 -0.11 0.34
C PHE A 24 -14.12 1.07 1.17
N ASN A 25 -15.10 0.94 2.00
CA ASN A 25 -15.49 2.06 2.87
C ASN A 25 -14.69 1.99 4.15
N SER A 26 -14.30 0.80 4.49
CA SER A 26 -13.58 0.57 5.70
C SER A 26 -12.10 0.79 5.49
N SER A 27 -11.45 1.37 6.49
CA SER A 27 -10.06 1.74 6.41
C SER A 27 -9.14 0.51 6.32
N PRO A 28 -9.26 -0.52 7.23
CA PRO A 28 -8.40 -1.70 7.20
C PRO A 28 -8.57 -2.50 5.91
N ASP A 29 -9.79 -2.51 5.39
CA ASP A 29 -10.07 -3.21 4.15
C ASP A 29 -9.42 -2.53 3.00
N LEU A 30 -9.56 -1.21 2.95
CA LEU A 30 -8.93 -0.41 1.93
C LEU A 30 -7.40 -0.54 2.05
N ALA A 31 -6.90 -0.38 3.26
CA ALA A 31 -5.48 -0.45 3.55
C ALA A 31 -4.89 -1.76 3.11
N ASP A 32 -5.59 -2.83 3.41
CA ASP A 32 -5.14 -4.16 3.04
C ASP A 32 -5.16 -4.32 1.55
N HIS A 33 -6.19 -3.80 0.89
CA HIS A 33 -6.25 -3.83 -0.57
C HIS A 33 -5.04 -3.13 -1.15
N ILE A 34 -4.76 -1.93 -0.68
CA ILE A 34 -3.58 -1.22 -1.12
C ILE A 34 -2.30 -2.01 -0.80
N ARG A 35 -2.14 -2.41 0.42
CA ARG A 35 -0.95 -3.11 0.82
C ARG A 35 -0.79 -4.44 0.09
N SER A 36 -1.86 -5.08 -0.19
CA SER A 36 -1.84 -6.41 -0.79
C SER A 36 -1.89 -6.43 -2.33
N ILE A 37 -2.66 -5.56 -2.95
CA ILE A 37 -2.77 -5.61 -4.41
C ILE A 37 -2.00 -4.46 -5.07
N HIS A 38 -1.62 -3.49 -4.29
CA HIS A 38 -0.87 -2.38 -4.82
C HIS A 38 0.59 -2.58 -4.44
N VAL A 39 0.88 -2.40 -3.17
CA VAL A 39 2.24 -2.50 -2.64
C VAL A 39 2.83 -3.88 -2.89
N ASP A 40 2.12 -4.87 -2.41
CA ASP A 40 2.53 -6.28 -2.49
C ASP A 40 2.49 -6.76 -3.93
N GLY A 41 1.84 -5.98 -4.76
CA GLY A 41 1.69 -6.31 -6.13
C GLY A 41 2.92 -5.92 -6.93
N GLN A 42 3.63 -4.91 -6.45
CA GLN A 42 4.79 -4.38 -7.15
C GLN A 42 6.09 -5.09 -6.78
N ARG A 43 5.99 -6.28 -6.20
CA ARG A 43 7.19 -7.03 -5.84
C ARG A 43 7.89 -7.60 -7.08
N GLY A 44 8.58 -6.72 -7.74
CA GLY A 44 9.39 -7.06 -8.87
C GLY A 44 10.70 -6.35 -8.78
N GLY A 45 11.04 -5.99 -7.57
CA GLY A 45 12.28 -5.29 -7.28
C GLY A 45 12.12 -3.78 -7.29
N VAL A 46 11.14 -3.27 -8.02
CA VAL A 46 10.90 -1.85 -8.07
C VAL A 46 9.44 -1.56 -7.80
N PHE A 47 9.20 -0.89 -6.73
CA PHE A 47 7.88 -0.58 -6.32
C PHE A 47 7.52 0.80 -6.79
N VAL A 48 6.32 0.95 -7.25
CA VAL A 48 5.85 2.20 -7.79
C VAL A 48 4.43 2.50 -7.33
N CYS A 49 4.23 3.72 -6.89
CA CYS A 49 2.94 4.21 -6.53
C CYS A 49 2.29 4.67 -7.84
N LEU A 50 1.08 4.28 -8.08
CA LEU A 50 0.36 4.74 -9.26
C LEU A 50 -0.86 5.49 -8.78
N TRP A 51 -0.78 5.96 -7.55
CA TRP A 51 -1.92 6.55 -6.92
C TRP A 51 -1.97 8.04 -7.18
N LYS A 52 -3.03 8.45 -7.83
CA LYS A 52 -3.32 9.85 -8.06
C LYS A 52 -3.47 10.57 -6.73
N GLY A 53 -2.52 11.40 -6.44
CA GLY A 53 -2.47 12.10 -5.20
C GLY A 53 -1.06 12.46 -4.89
N CYS A 54 -0.15 11.60 -5.28
CA CYS A 54 1.26 11.82 -5.07
C CYS A 54 1.83 12.70 -6.16
N LYS A 55 2.81 13.47 -5.82
CA LYS A 55 3.53 14.23 -6.82
C LYS A 55 4.74 13.41 -7.30
N VAL A 56 4.85 12.18 -6.77
CA VAL A 56 6.01 11.32 -7.04
C VAL A 56 5.59 9.96 -7.55
N TYR A 57 4.35 9.79 -7.88
CA TYR A 57 3.89 8.50 -8.33
C TYR A 57 4.39 8.23 -9.75
N ASN A 58 4.22 7.00 -10.20
CA ASN A 58 4.67 6.54 -11.48
C ASN A 58 6.20 6.53 -11.50
N THR A 59 6.78 6.36 -10.33
CA THR A 59 8.20 6.32 -10.15
C THR A 59 8.57 5.01 -9.44
N PRO A 60 9.17 4.05 -10.14
CA PRO A 60 9.63 2.82 -9.54
C PRO A 60 10.86 3.06 -8.64
N SER A 61 10.78 2.58 -7.43
CA SER A 61 11.83 2.72 -6.46
C SER A 61 12.05 1.37 -5.78
N THR A 62 13.26 1.08 -5.38
CA THR A 62 13.59 -0.21 -4.80
C THR A 62 13.46 -0.20 -3.26
N SER A 63 12.87 0.86 -2.74
CA SER A 63 12.69 1.01 -1.33
C SER A 63 11.26 0.64 -0.93
N GLN A 64 11.10 -0.59 -0.47
CA GLN A 64 9.83 -1.14 -0.08
C GLN A 64 9.27 -0.50 1.18
N SER A 65 10.12 -0.30 2.14
CA SER A 65 9.72 0.25 3.39
C SER A 65 9.30 1.73 3.23
N TRP A 66 9.89 2.38 2.24
CA TRP A 66 9.56 3.76 1.91
C TRP A 66 8.17 3.78 1.28
N LEU A 67 7.99 2.90 0.32
CA LEU A 67 6.79 2.73 -0.46
C LEU A 67 5.60 2.47 0.46
N GLN A 68 5.74 1.45 1.27
CA GLN A 68 4.73 1.13 2.30
C GLN A 68 4.40 2.34 3.19
N ARG A 69 5.43 3.03 3.67
CA ARG A 69 5.24 4.21 4.54
C ARG A 69 4.56 5.34 3.75
N HIS A 70 4.76 5.34 2.45
CA HIS A 70 4.15 6.29 1.54
C HIS A 70 2.66 5.99 1.42
N MET A 71 2.35 4.74 1.11
CA MET A 71 0.97 4.26 0.92
C MET A 71 0.16 4.40 2.19
N LEU A 72 0.85 4.45 3.30
CA LEU A 72 0.26 4.60 4.60
C LEU A 72 -0.64 5.85 4.65
N THR A 73 -0.20 6.91 3.99
CA THR A 73 -0.94 8.16 3.98
C THR A 73 -2.20 8.07 3.12
N HIS A 74 -2.22 7.11 2.21
CA HIS A 74 -3.31 6.97 1.28
C HIS A 74 -4.50 6.28 1.93
N SER A 75 -4.26 5.17 2.61
CA SER A 75 -5.34 4.44 3.21
C SER A 75 -5.55 4.80 4.70
N GLY A 76 -4.48 5.19 5.37
CA GLY A 76 -4.55 5.55 6.77
C GLY A 76 -4.84 4.39 7.67
N ASP A 77 -3.83 3.67 8.00
CA ASP A 77 -3.92 2.52 8.85
C ASP A 77 -2.60 2.44 9.56
N LYS A 78 -2.21 1.29 9.96
CA LYS A 78 -0.97 1.13 10.67
C LYS A 78 -0.17 -0.18 10.34
N PRO A 79 -0.75 -1.41 10.55
CA PRO A 79 -0.03 -2.70 10.33
C PRO A 79 0.70 -2.85 8.97
N PHE A 80 2.01 -3.04 9.06
CA PHE A 80 2.85 -3.24 7.92
C PHE A 80 3.21 -4.72 7.85
N LYS A 81 2.84 -5.37 6.77
CA LYS A 81 3.11 -6.81 6.56
C LYS A 81 4.38 -7.02 5.71
N CYS A 82 4.92 -8.24 5.74
CA CYS A 82 6.08 -8.61 4.94
C CYS A 82 5.61 -8.76 3.47
N VAL A 83 6.51 -8.53 2.56
CA VAL A 83 6.17 -8.48 1.14
C VAL A 83 6.44 -9.82 0.44
N VAL A 84 7.19 -10.64 1.10
CA VAL A 84 7.58 -11.92 0.56
C VAL A 84 6.41 -12.88 0.54
N GLY A 85 6.17 -13.50 -0.59
CA GLY A 85 5.13 -14.48 -0.68
C GLY A 85 5.53 -15.72 0.07
N GLY A 86 5.03 -15.87 1.26
CA GLY A 86 5.41 -16.97 2.12
C GLY A 86 5.98 -16.47 3.43
N CYS A 87 6.18 -15.16 3.53
CA CYS A 87 6.69 -14.59 4.74
C CYS A 87 5.59 -13.74 5.34
N ASN A 88 5.27 -14.03 6.54
CA ASN A 88 4.22 -13.31 7.24
C ASN A 88 4.80 -12.65 8.47
N ALA A 89 4.92 -11.35 8.40
CA ALA A 89 5.40 -10.57 9.51
C ALA A 89 4.72 -9.23 9.45
N SER A 90 3.98 -8.93 10.46
CA SER A 90 3.26 -7.68 10.54
C SER A 90 3.68 -6.89 11.77
N PHE A 91 4.01 -5.63 11.55
CA PHE A 91 4.49 -4.76 12.60
C PHE A 91 3.64 -3.51 12.66
N ALA A 92 3.70 -2.83 13.78
CA ALA A 92 2.94 -1.61 13.99
C ALA A 92 3.74 -0.41 13.53
N SER A 93 5.02 -0.60 13.40
CA SER A 93 5.87 0.43 12.95
C SER A 93 6.81 -0.07 11.89
N GLN A 94 7.18 0.83 11.01
CA GLN A 94 8.08 0.54 9.93
C GLN A 94 9.45 0.15 10.42
N GLY A 95 9.86 0.75 11.54
CA GLY A 95 11.20 0.54 12.11
C GLY A 95 11.63 -0.93 12.16
N GLY A 96 10.74 -1.77 12.66
CA GLY A 96 11.04 -3.19 12.76
C GLY A 96 10.96 -3.90 11.42
N LEU A 97 9.91 -3.62 10.67
CA LEU A 97 9.67 -4.28 9.40
C LEU A 97 10.73 -3.89 8.36
N ALA A 98 11.18 -2.66 8.43
CA ALA A 98 12.19 -2.12 7.52
C ALA A 98 13.53 -2.78 7.75
N ARG A 99 13.63 -3.52 8.82
CA ARG A 99 14.81 -4.31 9.09
C ARG A 99 14.64 -5.72 8.57
N HIS A 100 13.40 -6.14 8.49
CA HIS A 100 13.03 -7.49 8.09
C HIS A 100 12.96 -7.62 6.58
N VAL A 101 12.34 -6.67 5.94
CA VAL A 101 12.19 -6.68 4.49
C VAL A 101 13.52 -6.76 3.68
N PRO A 102 14.56 -5.94 4.00
CA PRO A 102 15.81 -5.94 3.24
C PRO A 102 16.58 -7.25 3.40
N THR A 103 16.18 -8.08 4.37
CA THR A 103 16.89 -9.32 4.57
C THR A 103 16.51 -10.29 3.45
N HIS A 104 15.31 -10.10 2.94
CA HIS A 104 14.81 -10.92 1.86
C HIS A 104 15.30 -10.36 0.53
N PHE A 105 15.56 -9.07 0.51
CA PHE A 105 16.12 -8.42 -0.67
C PHE A 105 17.61 -8.66 -0.76
N SER A 106 18.13 -9.32 0.23
CA SER A 106 19.47 -9.80 0.19
C SER A 106 19.46 -11.07 -0.64
N GLN A 107 19.80 -10.96 -1.92
CA GLN A 107 19.76 -12.09 -2.79
C GLN A 107 20.93 -13.03 -2.53
N GLN A 108 20.79 -14.26 -2.95
CA GLN A 108 21.83 -15.26 -2.76
C GLN A 108 22.79 -15.26 -3.94
N ASN A 109 22.34 -14.63 -5.04
CA ASN A 109 23.13 -14.45 -6.28
C ASN A 109 23.38 -15.79 -6.95
ZN ZN B . -7.25 -0.63 -5.82
ZN ZN C . 1.38 7.53 -3.80
ZN ZN D . 9.27 -11.51 5.76
N MET A 1 -15.89 20.29 -7.54
CA MET A 1 -17.33 20.33 -7.33
C MET A 1 -17.62 20.10 -5.86
N GLY A 2 -18.71 20.67 -5.38
CA GLY A 2 -19.11 20.48 -4.01
C GLY A 2 -19.70 21.74 -3.42
N HIS A 3 -19.73 21.80 -2.10
CA HIS A 3 -20.25 22.91 -1.28
C HIS A 3 -21.70 23.30 -1.64
N HIS A 4 -21.87 24.09 -2.69
CA HIS A 4 -23.19 24.56 -3.12
C HIS A 4 -23.91 23.44 -3.82
N HIS A 5 -23.12 22.59 -4.40
CA HIS A 5 -23.59 21.45 -5.15
C HIS A 5 -23.75 20.29 -4.21
N HIS A 6 -24.29 19.19 -4.70
CA HIS A 6 -24.42 18.00 -3.88
C HIS A 6 -23.06 17.39 -3.59
N HIS A 7 -22.51 17.77 -2.48
CA HIS A 7 -21.25 17.30 -2.05
C HIS A 7 -21.42 15.96 -1.38
N HIS A 8 -20.63 15.03 -1.78
CA HIS A 8 -20.74 13.70 -1.27
C HIS A 8 -19.80 13.50 -0.11
N ASN A 9 -20.35 13.55 1.07
CA ASN A 9 -19.58 13.24 2.27
C ASN A 9 -19.47 11.72 2.32
N ASN A 10 -20.56 11.08 1.96
CA ASN A 10 -20.61 9.65 1.85
C ASN A 10 -19.89 9.23 0.60
N ILE A 11 -18.85 8.48 0.74
CA ILE A 11 -18.10 8.05 -0.40
C ILE A 11 -17.46 6.69 -0.07
N ALA A 12 -17.24 5.91 -1.08
CA ALA A 12 -16.58 4.65 -0.94
C ALA A 12 -15.16 4.87 -1.32
N TYR A 13 -14.27 4.42 -0.51
CA TYR A 13 -12.89 4.72 -0.69
C TYR A 13 -12.30 3.77 -1.71
N ASN A 14 -12.23 4.26 -2.90
CA ASN A 14 -11.75 3.50 -4.03
C ASN A 14 -10.34 3.92 -4.32
N CYS A 15 -9.52 2.99 -4.67
CA CYS A 15 -8.19 3.31 -4.94
C CYS A 15 -8.00 3.70 -6.40
N CYS A 16 -7.42 4.84 -6.64
CA CYS A 16 -7.15 5.17 -8.00
C CYS A 16 -5.70 4.86 -8.31
N TRP A 17 -5.43 3.58 -8.43
CA TRP A 17 -4.15 3.05 -8.78
C TRP A 17 -4.34 2.16 -9.96
N ASP A 18 -3.91 2.58 -11.17
CA ASP A 18 -3.98 1.78 -12.33
C ASP A 18 -5.46 1.55 -12.57
N GLN A 19 -5.77 0.50 -13.14
CA GLN A 19 -7.13 0.11 -13.30
C GLN A 19 -7.42 -0.93 -12.23
N CYS A 20 -7.75 -0.46 -11.05
CA CYS A 20 -7.95 -1.29 -9.93
C CYS A 20 -9.41 -1.22 -9.52
N GLN A 21 -10.08 -2.35 -9.59
CA GLN A 21 -11.47 -2.41 -9.25
C GLN A 21 -11.55 -2.71 -7.77
N ALA A 22 -11.72 -1.67 -6.97
CA ALA A 22 -11.76 -1.81 -5.56
C ALA A 22 -12.33 -0.57 -4.94
N CYS A 23 -13.17 -0.76 -3.96
CA CYS A 23 -13.72 0.30 -3.17
C CYS A 23 -14.08 -0.27 -1.82
N PHE A 24 -13.55 0.30 -0.78
CA PHE A 24 -13.83 -0.15 0.55
C PHE A 24 -14.35 1.00 1.36
N ASN A 25 -15.25 0.75 2.25
CA ASN A 25 -15.81 1.82 3.07
C ASN A 25 -15.09 1.88 4.41
N SER A 26 -14.13 1.01 4.58
CA SER A 26 -13.35 0.98 5.79
C SER A 26 -11.88 1.29 5.48
N SER A 27 -11.22 1.95 6.43
CA SER A 27 -9.84 2.34 6.28
C SER A 27 -8.91 1.11 6.24
N PRO A 28 -8.96 0.18 7.25
CA PRO A 28 -8.07 -0.99 7.29
C PRO A 28 -8.26 -1.92 6.10
N ASP A 29 -9.47 -1.93 5.57
CA ASP A 29 -9.79 -2.77 4.44
C ASP A 29 -9.21 -2.22 3.17
N LEU A 30 -9.39 -0.92 2.94
CA LEU A 30 -8.76 -0.27 1.81
C LEU A 30 -7.23 -0.36 1.95
N ALA A 31 -6.75 -0.09 3.15
CA ALA A 31 -5.32 -0.15 3.47
C ALA A 31 -4.73 -1.51 3.15
N ASP A 32 -5.46 -2.55 3.56
CA ASP A 32 -5.05 -3.91 3.32
C ASP A 32 -5.00 -4.14 1.86
N HIS A 33 -6.00 -3.67 1.14
CA HIS A 33 -6.04 -3.79 -0.29
C HIS A 33 -4.81 -3.16 -0.94
N ILE A 34 -4.50 -1.93 -0.55
CA ILE A 34 -3.29 -1.28 -1.03
C ILE A 34 -2.06 -2.13 -0.72
N ARG A 35 -1.90 -2.50 0.51
CA ARG A 35 -0.71 -3.21 0.90
C ARG A 35 -0.65 -4.57 0.18
N SER A 36 -1.78 -5.21 0.07
CA SER A 36 -1.89 -6.55 -0.47
C SER A 36 -1.85 -6.63 -2.01
N ILE A 37 -2.50 -5.73 -2.71
CA ILE A 37 -2.50 -5.84 -4.17
C ILE A 37 -1.69 -4.72 -4.86
N HIS A 38 -1.35 -3.71 -4.12
CA HIS A 38 -0.58 -2.60 -4.68
C HIS A 38 0.88 -2.76 -4.29
N VAL A 39 1.17 -2.61 -3.00
CA VAL A 39 2.54 -2.72 -2.48
C VAL A 39 3.09 -4.11 -2.75
N ASP A 40 2.32 -5.08 -2.34
CA ASP A 40 2.64 -6.52 -2.49
C ASP A 40 2.67 -6.89 -3.96
N GLY A 41 1.99 -6.09 -4.77
CA GLY A 41 1.88 -6.34 -6.19
C GLY A 41 3.10 -5.85 -6.96
N GLN A 42 3.86 -4.94 -6.36
CA GLN A 42 5.00 -4.31 -7.03
C GLN A 42 6.33 -4.98 -6.74
N ARG A 43 6.34 -6.19 -6.23
CA ARG A 43 7.59 -6.90 -5.92
C ARG A 43 8.33 -7.32 -7.20
N GLY A 44 8.94 -6.36 -7.82
CA GLY A 44 9.73 -6.57 -8.99
C GLY A 44 11.03 -5.81 -8.92
N GLY A 45 11.42 -5.49 -7.70
CA GLY A 45 12.67 -4.78 -7.42
C GLY A 45 12.51 -3.27 -7.44
N VAL A 46 11.52 -2.79 -8.16
CA VAL A 46 11.20 -1.41 -8.18
C VAL A 46 9.71 -1.26 -7.93
N PHE A 47 9.37 -0.46 -6.99
CA PHE A 47 7.98 -0.32 -6.60
C PHE A 47 7.51 1.07 -6.96
N VAL A 48 6.41 1.14 -7.64
CA VAL A 48 5.89 2.40 -8.14
C VAL A 48 4.53 2.64 -7.54
N CYS A 49 4.28 3.85 -7.15
CA CYS A 49 2.98 4.24 -6.68
C CYS A 49 2.26 4.78 -7.92
N LEU A 50 1.12 4.24 -8.22
CA LEU A 50 0.33 4.69 -9.36
C LEU A 50 -0.96 5.29 -8.85
N TRP A 51 -0.98 5.60 -7.58
CA TRP A 51 -2.14 6.09 -6.95
C TRP A 51 -2.26 7.57 -7.18
N LYS A 52 -3.35 7.97 -7.80
CA LYS A 52 -3.64 9.35 -8.00
C LYS A 52 -3.88 9.99 -6.66
N GLY A 53 -3.04 10.92 -6.34
CA GLY A 53 -3.09 11.58 -5.07
C GLY A 53 -1.72 12.02 -4.71
N CYS A 54 -0.73 11.22 -5.07
CA CYS A 54 0.64 11.54 -4.84
C CYS A 54 1.09 12.54 -5.86
N LYS A 55 1.99 13.37 -5.49
CA LYS A 55 2.59 14.27 -6.44
C LYS A 55 3.90 13.67 -7.01
N VAL A 56 4.12 12.38 -6.70
CA VAL A 56 5.33 11.64 -7.13
C VAL A 56 4.97 10.34 -7.84
N TYR A 57 3.69 10.09 -8.02
CA TYR A 57 3.26 8.80 -8.55
C TYR A 57 3.75 8.60 -9.99
N ASN A 58 3.68 7.35 -10.46
CA ASN A 58 4.15 6.91 -11.77
C ASN A 58 5.67 6.99 -11.80
N THR A 59 6.29 6.80 -10.64
CA THR A 59 7.72 6.86 -10.53
C THR A 59 8.18 5.70 -9.62
N PRO A 60 8.85 4.69 -10.20
CA PRO A 60 9.33 3.52 -9.43
C PRO A 60 10.45 3.89 -8.43
N SER A 61 10.44 3.26 -7.29
CA SER A 61 11.46 3.44 -6.28
C SER A 61 11.90 2.05 -5.80
N THR A 62 13.13 1.90 -5.40
CA THR A 62 13.63 0.59 -5.02
C THR A 62 13.46 0.32 -3.52
N SER A 63 13.09 1.32 -2.77
CA SER A 63 12.93 1.15 -1.36
C SER A 63 11.51 0.71 -0.99
N GLN A 64 11.37 -0.55 -0.61
CA GLN A 64 10.10 -1.17 -0.27
C GLN A 64 9.50 -0.53 0.96
N SER A 65 10.36 -0.16 1.88
CA SER A 65 9.98 0.46 3.12
C SER A 65 9.39 1.85 2.85
N TRP A 66 10.01 2.56 1.93
CA TRP A 66 9.63 3.89 1.55
C TRP A 66 8.24 3.92 0.96
N LEU A 67 7.95 2.97 0.09
CA LEU A 67 6.68 2.88 -0.54
C LEU A 67 5.59 2.65 0.52
N GLN A 68 5.91 1.86 1.52
CA GLN A 68 5.01 1.58 2.61
C GLN A 68 4.87 2.79 3.55
N ARG A 69 5.94 3.53 3.73
CA ARG A 69 5.88 4.77 4.49
C ARG A 69 5.01 5.78 3.74
N HIS A 70 5.10 5.73 2.43
CA HIS A 70 4.35 6.56 1.52
C HIS A 70 2.86 6.21 1.54
N MET A 71 2.51 4.93 1.34
CA MET A 71 1.10 4.55 1.32
C MET A 71 0.39 4.70 2.64
N LEU A 72 1.17 4.73 3.70
CA LEU A 72 0.67 4.96 5.05
C LEU A 72 -0.13 6.27 5.10
N THR A 73 0.32 7.26 4.34
CA THR A 73 -0.33 8.55 4.31
C THR A 73 -1.58 8.55 3.41
N HIS A 74 -1.80 7.45 2.69
CA HIS A 74 -2.93 7.37 1.78
C HIS A 74 -4.12 6.74 2.47
N SER A 75 -3.90 5.62 3.11
CA SER A 75 -4.95 4.91 3.77
C SER A 75 -5.09 5.25 5.25
N GLY A 76 -4.00 5.63 5.88
CA GLY A 76 -4.02 6.01 7.28
C GLY A 76 -4.17 4.83 8.19
N ASP A 77 -3.51 3.80 7.83
CA ASP A 77 -3.49 2.58 8.59
C ASP A 77 -2.29 2.58 9.53
N LYS A 78 -1.70 1.43 9.69
CA LYS A 78 -0.65 1.21 10.64
C LYS A 78 0.05 -0.18 10.46
N PRO A 79 -0.71 -1.32 10.40
CA PRO A 79 -0.12 -2.66 10.23
C PRO A 79 0.56 -2.87 8.87
N PHE A 80 1.86 -2.99 8.90
CA PHE A 80 2.64 -3.20 7.73
C PHE A 80 2.89 -4.66 7.64
N LYS A 81 2.67 -5.18 6.48
CA LYS A 81 2.77 -6.61 6.24
C LYS A 81 3.88 -6.91 5.21
N CYS A 82 4.54 -8.06 5.35
CA CYS A 82 5.61 -8.50 4.47
C CYS A 82 5.09 -8.60 3.02
N VAL A 83 5.93 -8.22 2.10
CA VAL A 83 5.59 -8.10 0.72
C VAL A 83 5.87 -9.37 -0.07
N VAL A 84 6.46 -10.33 0.58
CA VAL A 84 6.77 -11.60 -0.02
C VAL A 84 5.51 -12.43 -0.21
N GLY A 85 5.34 -12.97 -1.41
CA GLY A 85 4.18 -13.77 -1.71
C GLY A 85 4.12 -15.03 -0.87
N GLY A 86 3.43 -14.94 0.24
CA GLY A 86 3.26 -16.05 1.12
C GLY A 86 3.92 -15.84 2.45
N CYS A 87 4.57 -14.70 2.61
CA CYS A 87 5.20 -14.39 3.87
C CYS A 87 4.26 -13.49 4.61
N ASN A 88 4.08 -13.76 5.86
CA ASN A 88 3.25 -12.94 6.72
C ASN A 88 4.04 -12.39 7.84
N ALA A 89 4.26 -11.13 7.81
CA ALA A 89 4.92 -10.47 8.90
C ALA A 89 4.34 -9.10 9.04
N SER A 90 3.51 -8.95 10.01
CA SER A 90 2.82 -7.70 10.21
C SER A 90 3.30 -7.02 11.46
N PHE A 91 3.60 -5.75 11.34
CA PHE A 91 4.08 -4.96 12.43
C PHE A 91 3.33 -3.66 12.46
N ALA A 92 3.17 -3.09 13.62
CA ALA A 92 2.43 -1.83 13.78
C ALA A 92 3.34 -0.64 13.50
N SER A 93 4.58 -0.91 13.25
CA SER A 93 5.53 0.10 12.93
C SER A 93 6.51 -0.43 11.92
N GLN A 94 7.14 0.45 11.20
CA GLN A 94 8.09 0.11 10.17
C GLN A 94 9.35 -0.51 10.74
N GLY A 95 9.71 -0.13 11.96
CA GLY A 95 10.94 -0.60 12.61
C GLY A 95 11.15 -2.11 12.59
N GLY A 96 10.09 -2.86 12.80
CA GLY A 96 10.18 -4.30 12.76
C GLY A 96 10.16 -4.83 11.35
N LEU A 97 9.25 -4.30 10.55
CA LEU A 97 9.05 -4.78 9.19
C LEU A 97 10.25 -4.47 8.31
N ALA A 98 10.82 -3.30 8.48
CA ALA A 98 11.96 -2.84 7.69
C ALA A 98 13.20 -3.64 8.00
N ARG A 99 13.13 -4.43 9.03
CA ARG A 99 14.22 -5.29 9.39
C ARG A 99 13.99 -6.67 8.77
N HIS A 100 12.74 -6.98 8.52
CA HIS A 100 12.33 -8.28 7.99
C HIS A 100 12.38 -8.30 6.47
N VAL A 101 11.83 -7.29 5.86
CA VAL A 101 11.75 -7.20 4.40
C VAL A 101 13.12 -7.33 3.65
N PRO A 102 14.21 -6.65 4.09
CA PRO A 102 15.50 -6.71 3.40
C PRO A 102 16.11 -8.11 3.45
N THR A 103 15.59 -8.96 4.35
CA THR A 103 16.15 -10.30 4.45
C THR A 103 15.73 -11.10 3.23
N HIS A 104 14.59 -10.74 2.67
CA HIS A 104 14.05 -11.45 1.53
C HIS A 104 14.63 -10.91 0.25
N PHE A 105 15.04 -9.66 0.26
CA PHE A 105 15.74 -9.10 -0.90
C PHE A 105 17.15 -9.68 -0.97
N SER A 106 17.60 -10.16 0.16
CA SER A 106 18.85 -10.85 0.27
C SER A 106 18.62 -12.35 0.00
N GLN A 107 17.37 -12.71 -0.18
CA GLN A 107 16.95 -14.08 -0.35
C GLN A 107 16.51 -14.28 -1.80
N GLN A 108 17.49 -14.41 -2.67
CA GLN A 108 17.24 -14.64 -4.07
C GLN A 108 17.11 -16.12 -4.30
N ASN A 109 17.69 -16.88 -3.41
CA ASN A 109 17.66 -18.32 -3.51
C ASN A 109 16.62 -18.84 -2.55
ZN ZN B . -6.97 -1.00 -5.68
ZN ZN C . 1.36 7.29 -3.80
ZN ZN D . 8.33 -11.79 5.04
N MET A 1 -39.40 -1.64 -5.47
CA MET A 1 -38.10 -1.05 -5.15
C MET A 1 -36.99 -2.02 -5.43
N GLY A 2 -36.20 -1.73 -6.45
CA GLY A 2 -35.04 -2.53 -6.71
C GLY A 2 -33.85 -1.89 -6.04
N HIS A 3 -32.71 -1.92 -6.67
CA HIS A 3 -31.55 -1.26 -6.12
C HIS A 3 -31.63 0.21 -6.52
N HIS A 4 -32.57 0.87 -5.88
CA HIS A 4 -32.96 2.24 -6.17
C HIS A 4 -32.18 3.23 -5.30
N HIS A 5 -31.68 2.75 -4.19
CA HIS A 5 -30.97 3.59 -3.25
C HIS A 5 -29.55 3.08 -3.16
N HIS A 6 -28.67 3.68 -3.93
CA HIS A 6 -27.30 3.22 -4.03
C HIS A 6 -26.29 4.26 -3.50
N HIS A 7 -26.74 5.48 -3.25
CA HIS A 7 -25.84 6.48 -2.70
C HIS A 7 -25.65 6.20 -1.22
N HIS A 8 -24.43 6.07 -0.79
CA HIS A 8 -24.15 5.71 0.58
C HIS A 8 -23.69 6.95 1.33
N ASN A 9 -24.12 7.10 2.57
CA ASN A 9 -23.69 8.22 3.41
C ASN A 9 -22.21 8.11 3.71
N ASN A 10 -21.81 6.92 4.13
CA ASN A 10 -20.42 6.64 4.40
C ASN A 10 -19.67 6.57 3.08
N ILE A 11 -18.50 7.12 3.06
CA ILE A 11 -17.71 7.21 1.86
C ILE A 11 -17.19 5.88 1.35
N ALA A 12 -17.20 5.79 0.06
CA ALA A 12 -16.72 4.70 -0.67
C ALA A 12 -15.30 5.04 -1.04
N TYR A 13 -14.37 4.38 -0.45
CA TYR A 13 -13.00 4.67 -0.68
C TYR A 13 -12.53 3.91 -1.90
N ASN A 14 -12.57 4.58 -3.00
CA ASN A 14 -12.11 4.04 -4.27
C ASN A 14 -10.62 4.28 -4.42
N CYS A 15 -9.84 3.24 -4.56
CA CYS A 15 -8.45 3.43 -4.81
C CYS A 15 -8.29 3.78 -6.28
N CYS A 16 -7.36 4.64 -6.60
CA CYS A 16 -7.12 4.96 -7.96
C CYS A 16 -5.68 4.69 -8.34
N TRP A 17 -5.38 3.44 -8.53
CA TRP A 17 -4.06 2.97 -8.88
C TRP A 17 -4.15 2.24 -10.18
N ASP A 18 -3.64 2.85 -11.26
CA ASP A 18 -3.67 2.23 -12.53
C ASP A 18 -5.12 2.14 -12.87
N GLN A 19 -5.57 1.02 -13.15
CA GLN A 19 -6.96 0.85 -13.46
C GLN A 19 -7.71 0.08 -12.37
N CYS A 20 -7.12 0.01 -11.17
CA CYS A 20 -7.75 -0.58 -10.05
C CYS A 20 -8.76 0.41 -9.55
N GLN A 21 -9.99 0.16 -9.86
CA GLN A 21 -11.08 0.90 -9.33
C GLN A 21 -11.72 -0.01 -8.36
N ALA A 22 -11.36 0.16 -7.14
CA ALA A 22 -11.76 -0.71 -6.10
C ALA A 22 -12.24 0.12 -4.95
N CYS A 23 -13.36 -0.25 -4.36
CA CYS A 23 -13.95 0.61 -3.37
C CYS A 23 -14.32 -0.14 -2.11
N PHE A 24 -13.82 0.34 -1.01
CA PHE A 24 -14.15 -0.22 0.26
C PHE A 24 -14.79 0.83 1.11
N ASN A 25 -15.67 0.43 1.99
CA ASN A 25 -16.41 1.37 2.83
C ASN A 25 -15.66 1.60 4.12
N SER A 26 -14.57 0.93 4.28
CA SER A 26 -13.78 1.05 5.45
C SER A 26 -12.34 1.26 5.06
N SER A 27 -11.63 1.98 5.89
CA SER A 27 -10.26 2.28 5.67
C SER A 27 -9.36 1.03 5.83
N PRO A 28 -9.55 0.14 6.88
CA PRO A 28 -8.74 -1.08 7.02
C PRO A 28 -8.87 -2.01 5.82
N ASP A 29 -10.10 -2.16 5.33
CA ASP A 29 -10.40 -3.01 4.18
C ASP A 29 -9.68 -2.49 2.97
N LEU A 30 -9.80 -1.19 2.76
CA LEU A 30 -9.12 -0.50 1.66
C LEU A 30 -7.59 -0.64 1.81
N ALA A 31 -7.08 -0.31 2.99
CA ALA A 31 -5.64 -0.36 3.30
C ALA A 31 -5.06 -1.73 3.01
N ASP A 32 -5.77 -2.74 3.45
CA ASP A 32 -5.40 -4.11 3.21
C ASP A 32 -5.33 -4.40 1.73
N HIS A 33 -6.33 -3.91 0.98
CA HIS A 33 -6.34 -4.02 -0.46
C HIS A 33 -5.11 -3.37 -1.07
N ILE A 34 -4.80 -2.14 -0.65
CA ILE A 34 -3.59 -1.48 -1.12
C ILE A 34 -2.34 -2.32 -0.79
N ARG A 35 -2.22 -2.77 0.43
CA ARG A 35 -1.04 -3.55 0.82
C ARG A 35 -0.95 -4.85 0.01
N SER A 36 -2.08 -5.40 -0.28
CA SER A 36 -2.18 -6.71 -0.92
C SER A 36 -2.05 -6.66 -2.45
N ILE A 37 -2.71 -5.74 -3.08
CA ILE A 37 -2.70 -5.75 -4.54
C ILE A 37 -1.88 -4.60 -5.12
N HIS A 38 -1.55 -3.65 -4.28
CA HIS A 38 -0.78 -2.50 -4.73
C HIS A 38 0.68 -2.65 -4.28
N VAL A 39 0.93 -2.65 -2.96
CA VAL A 39 2.29 -2.77 -2.42
C VAL A 39 2.88 -4.11 -2.78
N ASP A 40 2.13 -5.15 -2.49
CA ASP A 40 2.52 -6.54 -2.85
C ASP A 40 2.57 -6.70 -4.37
N GLY A 41 1.90 -5.80 -5.08
CA GLY A 41 1.83 -5.86 -6.50
C GLY A 41 3.13 -5.47 -7.16
N GLN A 42 3.90 -4.64 -6.47
CA GLN A 42 5.13 -4.08 -6.99
C GLN A 42 6.35 -4.80 -6.49
N ARG A 43 6.17 -5.99 -6.00
CA ARG A 43 7.27 -6.79 -5.42
C ARG A 43 8.25 -7.35 -6.49
N GLY A 44 8.36 -6.64 -7.60
CA GLY A 44 9.24 -7.03 -8.68
C GLY A 44 10.61 -6.41 -8.51
N GLY A 45 10.80 -5.76 -7.39
CA GLY A 45 12.06 -5.15 -7.07
C GLY A 45 12.05 -3.65 -7.21
N VAL A 46 11.14 -3.13 -8.00
CA VAL A 46 11.00 -1.71 -8.13
C VAL A 46 9.56 -1.33 -7.80
N PHE A 47 9.43 -0.45 -6.89
CA PHE A 47 8.15 -0.10 -6.36
C PHE A 47 7.73 1.27 -6.84
N VAL A 48 6.60 1.30 -7.49
CA VAL A 48 6.06 2.50 -8.05
C VAL A 48 4.61 2.64 -7.62
N CYS A 49 4.26 3.81 -7.18
CA CYS A 49 2.92 4.11 -6.84
C CYS A 49 2.26 4.60 -8.12
N LEU A 50 1.10 4.12 -8.41
CA LEU A 50 0.35 4.55 -9.57
C LEU A 50 -0.93 5.17 -9.10
N TRP A 51 -0.95 5.51 -7.83
CA TRP A 51 -2.12 6.04 -7.22
C TRP A 51 -2.20 7.52 -7.50
N LYS A 52 -3.24 7.94 -8.16
CA LYS A 52 -3.45 9.34 -8.42
C LYS A 52 -3.77 10.06 -7.13
N GLY A 53 -2.82 10.86 -6.71
CA GLY A 53 -2.92 11.60 -5.49
C GLY A 53 -1.53 12.03 -5.06
N CYS A 54 -0.58 11.16 -5.30
CA CYS A 54 0.81 11.42 -5.02
C CYS A 54 1.33 12.47 -5.98
N LYS A 55 2.25 13.25 -5.53
CA LYS A 55 2.84 14.25 -6.40
C LYS A 55 4.06 13.64 -7.14
N VAL A 56 4.38 12.38 -6.80
CA VAL A 56 5.59 11.72 -7.31
C VAL A 56 5.31 10.33 -7.86
N TYR A 57 4.04 9.99 -8.02
CA TYR A 57 3.69 8.65 -8.49
C TYR A 57 4.18 8.43 -9.92
N ASN A 58 4.16 7.17 -10.36
CA ASN A 58 4.63 6.74 -11.67
C ASN A 58 6.15 6.80 -11.73
N THR A 59 6.76 6.74 -10.56
CA THR A 59 8.19 6.78 -10.41
C THR A 59 8.59 5.63 -9.46
N PRO A 60 9.28 4.62 -9.97
CA PRO A 60 9.70 3.47 -9.18
C PRO A 60 10.92 3.76 -8.30
N SER A 61 11.05 2.99 -7.25
CA SER A 61 12.15 3.02 -6.33
C SER A 61 12.47 1.59 -5.96
N THR A 62 13.56 1.34 -5.31
CA THR A 62 13.88 0.00 -4.88
C THR A 62 13.82 -0.10 -3.36
N SER A 63 13.13 0.83 -2.76
CA SER A 63 12.93 0.84 -1.34
C SER A 63 11.49 0.40 -1.00
N GLN A 64 11.35 -0.83 -0.50
CA GLN A 64 10.05 -1.43 -0.21
C GLN A 64 9.34 -0.72 0.93
N SER A 65 10.07 -0.41 1.97
CA SER A 65 9.51 0.24 3.10
C SER A 65 9.17 1.69 2.79
N TRP A 66 9.82 2.25 1.79
CA TRP A 66 9.53 3.60 1.34
C TRP A 66 8.11 3.66 0.79
N LEU A 67 7.76 2.66 -0.01
CA LEU A 67 6.49 2.57 -0.60
C LEU A 67 5.41 2.37 0.48
N GLN A 68 5.75 1.60 1.49
CA GLN A 68 4.86 1.38 2.62
C GLN A 68 4.66 2.67 3.43
N ARG A 69 5.69 3.48 3.48
CA ARG A 69 5.62 4.78 4.15
C ARG A 69 4.85 5.78 3.25
N HIS A 70 4.85 5.49 1.98
CA HIS A 70 4.16 6.27 0.99
C HIS A 70 2.65 6.00 1.08
N MET A 71 2.26 4.72 1.05
CA MET A 71 0.83 4.34 1.17
C MET A 71 0.26 4.76 2.49
N LEU A 72 1.13 4.97 3.45
CA LEU A 72 0.78 5.40 4.78
C LEU A 72 0.01 6.73 4.73
N THR A 73 0.28 7.54 3.72
CA THR A 73 -0.41 8.80 3.60
C THR A 73 -1.77 8.63 2.88
N HIS A 74 -1.95 7.49 2.23
CA HIS A 74 -3.15 7.26 1.43
C HIS A 74 -4.20 6.53 2.24
N SER A 75 -3.80 5.45 2.89
CA SER A 75 -4.72 4.65 3.65
C SER A 75 -4.60 4.89 5.16
N GLY A 76 -3.41 5.29 5.59
CA GLY A 76 -3.18 5.62 7.00
C GLY A 76 -3.25 4.43 7.92
N ASP A 77 -2.81 3.30 7.44
CA ASP A 77 -2.81 2.07 8.20
C ASP A 77 -1.52 1.88 8.95
N LYS A 78 -1.63 1.40 10.16
CA LYS A 78 -0.48 1.22 11.00
C LYS A 78 0.19 -0.17 10.86
N PRO A 79 -0.55 -1.31 11.01
CA PRO A 79 0.05 -2.64 10.86
C PRO A 79 0.75 -2.84 9.52
N PHE A 80 2.05 -2.93 9.58
CA PHE A 80 2.86 -3.11 8.43
C PHE A 80 3.07 -4.59 8.26
N LYS A 81 2.49 -5.13 7.22
CA LYS A 81 2.61 -6.54 6.95
C LYS A 81 3.72 -6.80 5.92
N CYS A 82 4.34 -7.97 6.03
CA CYS A 82 5.40 -8.40 5.14
C CYS A 82 4.85 -8.42 3.70
N VAL A 83 5.67 -8.04 2.78
CA VAL A 83 5.27 -7.91 1.39
C VAL A 83 5.42 -9.24 0.65
N VAL A 84 6.14 -10.14 1.25
CA VAL A 84 6.40 -11.43 0.66
C VAL A 84 5.16 -12.31 0.66
N GLY A 85 4.84 -12.85 -0.50
CA GLY A 85 3.73 -13.74 -0.61
C GLY A 85 4.03 -15.06 0.05
N GLY A 86 3.53 -15.23 1.23
CA GLY A 86 3.78 -16.41 1.97
C GLY A 86 4.47 -16.10 3.28
N CYS A 87 4.86 -14.85 3.45
CA CYS A 87 5.46 -14.44 4.67
C CYS A 87 4.46 -13.64 5.45
N ASN A 88 4.38 -13.93 6.67
CA ASN A 88 3.48 -13.26 7.57
C ASN A 88 4.24 -12.58 8.66
N ALA A 89 4.33 -11.28 8.58
CA ALA A 89 4.90 -10.50 9.61
C ALA A 89 4.16 -9.22 9.62
N SER A 90 3.80 -8.79 10.75
CA SER A 90 3.12 -7.55 10.92
C SER A 90 3.67 -6.82 12.12
N PHE A 91 3.89 -5.55 11.96
CA PHE A 91 4.44 -4.73 13.02
C PHE A 91 3.67 -3.43 13.07
N ALA A 92 3.61 -2.82 14.24
CA ALA A 92 2.95 -1.54 14.40
C ALA A 92 3.93 -0.43 14.07
N SER A 93 5.20 -0.75 14.12
CA SER A 93 6.23 0.16 13.75
C SER A 93 6.95 -0.41 12.58
N GLN A 94 7.46 0.44 11.78
CA GLN A 94 8.08 0.01 10.55
C GLN A 94 9.52 -0.39 10.79
N GLY A 95 10.07 0.05 11.92
CA GLY A 95 11.46 -0.18 12.26
C GLY A 95 11.91 -1.62 12.13
N GLY A 96 11.14 -2.52 12.70
CA GLY A 96 11.47 -3.93 12.65
C GLY A 96 11.22 -4.52 11.29
N LEU A 97 10.14 -4.09 10.67
CA LEU A 97 9.76 -4.59 9.36
C LEU A 97 10.78 -4.19 8.31
N ALA A 98 11.31 -2.97 8.44
CA ALA A 98 12.32 -2.46 7.52
C ALA A 98 13.60 -3.29 7.56
N ARG A 99 13.77 -4.08 8.60
CA ARG A 99 14.90 -5.01 8.72
C ARG A 99 14.53 -6.40 8.24
N HIS A 100 13.25 -6.70 8.25
CA HIS A 100 12.73 -8.00 7.84
C HIS A 100 12.60 -8.08 6.33
N VAL A 101 12.10 -7.04 5.75
CA VAL A 101 11.88 -6.99 4.31
C VAL A 101 13.18 -7.20 3.46
N PRO A 102 14.31 -6.51 3.75
CA PRO A 102 15.51 -6.63 2.96
C PRO A 102 16.17 -7.99 3.10
N THR A 103 15.68 -8.81 4.03
CA THR A 103 16.29 -10.12 4.17
C THR A 103 15.74 -11.05 3.11
N HIS A 104 14.47 -10.84 2.73
CA HIS A 104 13.83 -11.65 1.72
C HIS A 104 14.35 -11.24 0.37
N PHE A 105 14.56 -9.95 0.20
CA PHE A 105 15.13 -9.42 -1.02
C PHE A 105 16.61 -9.73 -1.07
N SER A 106 17.17 -10.03 0.11
CA SER A 106 18.58 -10.29 0.31
C SER A 106 19.40 -9.20 -0.36
N GLN A 107 19.14 -7.98 0.08
CA GLN A 107 19.66 -6.79 -0.57
C GLN A 107 21.12 -6.55 -0.31
N GLN A 108 21.77 -5.98 -1.30
CA GLN A 108 23.15 -5.55 -1.16
C GLN A 108 23.11 -4.09 -0.68
N ASN A 109 21.91 -3.58 -0.57
CA ASN A 109 21.67 -2.24 -0.06
C ASN A 109 21.27 -2.33 1.39
ZN ZN B . -7.21 -0.88 -5.84
ZN ZN C . 1.13 7.12 -4.18
ZN ZN D . 8.38 -11.58 5.72
N MET A 1 -18.24 27.59 4.32
CA MET A 1 -19.61 27.08 4.33
C MET A 1 -19.83 26.23 3.11
N GLY A 2 -20.60 25.17 3.23
CA GLY A 2 -20.84 24.31 2.10
C GLY A 2 -21.99 23.36 2.32
N HIS A 3 -23.07 23.57 1.59
CA HIS A 3 -24.25 22.70 1.69
C HIS A 3 -24.94 22.63 0.32
N HIS A 4 -24.17 22.89 -0.72
CA HIS A 4 -24.70 22.99 -2.07
C HIS A 4 -24.96 21.61 -2.67
N HIS A 5 -24.18 20.64 -2.30
CA HIS A 5 -24.31 19.32 -2.88
C HIS A 5 -24.86 18.32 -1.90
N HIS A 6 -23.99 17.71 -1.12
CA HIS A 6 -24.38 16.69 -0.16
C HIS A 6 -23.43 16.73 1.01
N HIS A 7 -23.64 15.88 1.97
CA HIS A 7 -22.78 15.83 3.13
C HIS A 7 -22.35 14.40 3.47
N HIS A 8 -21.11 14.11 3.18
CA HIS A 8 -20.48 12.86 3.53
C HIS A 8 -19.19 13.14 4.23
N ASN A 9 -18.95 12.48 5.33
CA ASN A 9 -17.67 12.59 6.03
C ASN A 9 -16.83 11.40 5.60
N ASN A 10 -17.51 10.46 5.01
CA ASN A 10 -16.95 9.21 4.59
C ASN A 10 -17.32 9.01 3.14
N ILE A 11 -16.42 8.44 2.38
CA ILE A 11 -16.66 8.17 1.00
C ILE A 11 -16.34 6.69 0.75
N ALA A 12 -16.60 6.21 -0.42
CA ALA A 12 -16.20 4.89 -0.81
C ALA A 12 -14.78 5.01 -1.29
N TYR A 13 -13.86 4.56 -0.48
CA TYR A 13 -12.46 4.76 -0.71
C TYR A 13 -11.97 3.88 -1.82
N ASN A 14 -12.00 4.43 -2.98
CA ASN A 14 -11.56 3.80 -4.18
C ASN A 14 -10.10 4.08 -4.36
N CYS A 15 -9.36 3.10 -4.78
CA CYS A 15 -8.01 3.32 -4.98
C CYS A 15 -7.73 3.56 -6.46
N CYS A 16 -7.36 4.78 -6.78
CA CYS A 16 -7.05 5.10 -8.13
C CYS A 16 -5.60 4.78 -8.43
N TRP A 17 -5.33 3.52 -8.61
CA TRP A 17 -4.01 3.03 -8.90
C TRP A 17 -4.06 2.27 -10.18
N ASP A 18 -3.62 2.91 -11.26
CA ASP A 18 -3.49 2.31 -12.59
C ASP A 18 -4.62 1.37 -12.94
N GLN A 19 -5.83 1.93 -12.91
CA GLN A 19 -7.07 1.29 -13.35
C GLN A 19 -7.63 0.24 -12.34
N CYS A 20 -7.14 0.25 -11.09
CA CYS A 20 -7.55 -0.67 -10.07
C CYS A 20 -9.04 -0.54 -9.80
N GLN A 21 -9.74 -1.64 -9.90
CA GLN A 21 -11.16 -1.64 -9.63
C GLN A 21 -11.35 -2.10 -8.21
N ALA A 22 -11.49 -1.16 -7.31
CA ALA A 22 -11.58 -1.44 -5.92
C ALA A 22 -12.10 -0.21 -5.17
N CYS A 23 -12.90 -0.45 -4.15
CA CYS A 23 -13.34 0.59 -3.25
C CYS A 23 -13.79 -0.01 -1.93
N PHE A 24 -13.20 0.44 -0.85
CA PHE A 24 -13.48 -0.08 0.46
C PHE A 24 -13.95 1.05 1.35
N ASN A 25 -14.74 0.74 2.34
CA ASN A 25 -15.29 1.75 3.22
C ASN A 25 -14.47 1.82 4.50
N SER A 26 -13.80 0.74 4.79
CA SER A 26 -12.97 0.66 5.97
C SER A 26 -11.51 0.92 5.60
N SER A 27 -10.77 1.52 6.51
CA SER A 27 -9.41 1.90 6.28
C SER A 27 -8.47 0.66 6.20
N PRO A 28 -8.52 -0.31 7.18
CA PRO A 28 -7.66 -1.50 7.14
C PRO A 28 -7.95 -2.40 5.95
N ASP A 29 -9.22 -2.45 5.55
CA ASP A 29 -9.67 -3.24 4.41
C ASP A 29 -9.05 -2.69 3.16
N LEU A 30 -9.17 -1.37 2.99
CA LEU A 30 -8.51 -0.69 1.88
C LEU A 30 -6.99 -0.89 1.95
N ALA A 31 -6.42 -0.71 3.14
CA ALA A 31 -4.97 -0.86 3.37
C ALA A 31 -4.48 -2.24 2.97
N ASP A 32 -5.27 -3.23 3.30
CA ASP A 32 -5.00 -4.64 2.97
C ASP A 32 -4.99 -4.80 1.47
N HIS A 33 -5.96 -4.21 0.81
CA HIS A 33 -6.02 -4.23 -0.63
C HIS A 33 -4.77 -3.58 -1.23
N ILE A 34 -4.45 -2.38 -0.76
CA ILE A 34 -3.23 -1.74 -1.20
C ILE A 34 -1.98 -2.61 -0.91
N ARG A 35 -1.83 -3.12 0.29
CA ARG A 35 -0.66 -3.91 0.66
C ARG A 35 -0.53 -5.12 -0.25
N SER A 36 -1.62 -5.71 -0.55
CA SER A 36 -1.66 -6.96 -1.27
C SER A 36 -1.75 -6.83 -2.81
N ILE A 37 -2.44 -5.85 -3.32
CA ILE A 37 -2.58 -5.74 -4.77
C ILE A 37 -1.75 -4.58 -5.32
N HIS A 38 -1.29 -3.73 -4.45
CA HIS A 38 -0.53 -2.57 -4.87
C HIS A 38 0.92 -2.72 -4.45
N VAL A 39 1.18 -2.81 -3.13
CA VAL A 39 2.53 -2.92 -2.63
C VAL A 39 3.11 -4.27 -3.06
N ASP A 40 2.35 -5.33 -2.81
CA ASP A 40 2.74 -6.69 -3.29
C ASP A 40 2.67 -6.75 -4.81
N GLY A 41 1.89 -5.86 -5.38
CA GLY A 41 1.76 -5.79 -6.82
C GLY A 41 3.04 -5.22 -7.46
N GLN A 42 3.80 -4.49 -6.66
CA GLN A 42 5.01 -3.81 -7.10
C GLN A 42 6.29 -4.52 -6.73
N ARG A 43 6.22 -5.66 -6.10
CA ARG A 43 7.44 -6.35 -5.69
C ARG A 43 8.16 -7.04 -6.86
N GLY A 44 8.75 -6.21 -7.70
CA GLY A 44 9.52 -6.64 -8.84
C GLY A 44 10.86 -5.95 -8.86
N GLY A 45 11.27 -5.49 -7.71
CA GLY A 45 12.56 -4.86 -7.53
C GLY A 45 12.47 -3.36 -7.48
N VAL A 46 11.43 -2.79 -8.08
CA VAL A 46 11.18 -1.38 -8.04
C VAL A 46 9.70 -1.17 -7.77
N PHE A 47 9.40 -0.45 -6.74
CA PHE A 47 8.04 -0.24 -6.33
C PHE A 47 7.63 1.16 -6.67
N VAL A 48 6.56 1.29 -7.38
CA VAL A 48 6.11 2.56 -7.88
C VAL A 48 4.72 2.83 -7.32
N CYS A 49 4.46 4.05 -6.98
CA CYS A 49 3.12 4.45 -6.61
C CYS A 49 2.45 4.85 -7.89
N LEU A 50 1.30 4.33 -8.15
CA LEU A 50 0.53 4.74 -9.33
C LEU A 50 -0.75 5.38 -8.87
N TRP A 51 -0.77 5.73 -7.60
CA TRP A 51 -1.96 6.23 -7.01
C TRP A 51 -2.17 7.66 -7.39
N LYS A 52 -3.20 7.90 -8.13
CA LYS A 52 -3.57 9.21 -8.51
C LYS A 52 -4.06 9.93 -7.30
N GLY A 53 -3.27 10.86 -6.90
CA GLY A 53 -3.48 11.59 -5.70
C GLY A 53 -2.17 12.14 -5.26
N CYS A 54 -1.11 11.38 -5.50
CA CYS A 54 0.21 11.82 -5.24
C CYS A 54 0.66 12.67 -6.42
N LYS A 55 1.49 13.63 -6.19
CA LYS A 55 2.07 14.36 -7.30
C LYS A 55 3.39 13.68 -7.67
N VAL A 56 3.71 12.60 -6.96
CA VAL A 56 4.97 11.90 -7.09
C VAL A 56 4.79 10.51 -7.64
N TYR A 57 3.58 10.20 -8.04
CA TYR A 57 3.33 8.87 -8.51
C TYR A 57 3.95 8.65 -9.88
N ASN A 58 4.01 7.41 -10.28
CA ASN A 58 4.64 6.97 -11.50
C ASN A 58 6.17 7.10 -11.36
N THR A 59 6.64 6.96 -10.12
CA THR A 59 8.04 7.04 -9.81
C THR A 59 8.47 5.77 -9.03
N PRO A 60 9.16 4.81 -9.68
CA PRO A 60 9.61 3.58 -9.01
C PRO A 60 10.71 3.88 -7.96
N SER A 61 10.66 3.20 -6.85
CA SER A 61 11.63 3.32 -5.80
C SER A 61 12.04 1.89 -5.38
N THR A 62 13.22 1.70 -4.88
CA THR A 62 13.68 0.36 -4.50
C THR A 62 13.63 0.13 -2.99
N SER A 63 13.36 1.16 -2.23
CA SER A 63 13.19 1.02 -0.82
C SER A 63 11.72 0.71 -0.49
N GLN A 64 11.45 -0.58 -0.32
CA GLN A 64 10.10 -1.12 -0.07
C GLN A 64 9.46 -0.46 1.14
N SER A 65 10.26 -0.23 2.13
CA SER A 65 9.87 0.39 3.37
C SER A 65 9.29 1.80 3.15
N TRP A 66 9.87 2.55 2.21
CA TRP A 66 9.42 3.92 1.96
C TRP A 66 8.08 3.90 1.25
N LEU A 67 7.94 2.97 0.35
CA LEU A 67 6.74 2.76 -0.42
C LEU A 67 5.58 2.43 0.53
N GLN A 68 5.83 1.47 1.36
CA GLN A 68 4.91 1.10 2.44
C GLN A 68 4.61 2.29 3.39
N ARG A 69 5.57 3.16 3.59
CA ARG A 69 5.34 4.37 4.38
C ARG A 69 4.53 5.40 3.57
N HIS A 70 4.65 5.33 2.28
CA HIS A 70 3.93 6.20 1.38
C HIS A 70 2.46 5.81 1.35
N MET A 71 2.17 4.51 1.24
CA MET A 71 0.77 4.01 1.25
C MET A 71 0.07 4.32 2.55
N LEU A 72 0.86 4.55 3.58
CA LEU A 72 0.36 4.84 4.90
C LEU A 72 -0.57 6.04 4.87
N THR A 73 -0.20 7.03 4.06
CA THR A 73 -0.95 8.25 3.96
C THR A 73 -2.15 8.09 3.00
N HIS A 74 -2.21 6.97 2.30
CA HIS A 74 -3.26 6.77 1.31
C HIS A 74 -4.47 6.07 1.91
N SER A 75 -4.22 4.99 2.61
CA SER A 75 -5.31 4.21 3.14
C SER A 75 -5.52 4.44 4.64
N GLY A 76 -4.45 4.78 5.34
CA GLY A 76 -4.53 4.91 6.77
C GLY A 76 -4.34 3.60 7.44
N ASP A 77 -3.11 3.20 7.49
CA ASP A 77 -2.71 1.95 8.12
C ASP A 77 -1.90 2.36 9.34
N LYS A 78 -1.24 1.44 9.91
CA LYS A 78 -0.31 1.63 10.97
C LYS A 78 0.56 0.36 11.15
N PRO A 79 -0.05 -0.82 11.39
CA PRO A 79 0.68 -2.07 11.46
C PRO A 79 1.13 -2.49 10.07
N PHE A 80 2.40 -2.32 9.84
CA PHE A 80 3.00 -2.60 8.59
C PHE A 80 3.14 -4.08 8.46
N LYS A 81 2.22 -4.62 7.76
CA LYS A 81 2.17 -6.00 7.40
C LYS A 81 3.18 -6.26 6.29
N CYS A 82 3.69 -7.48 6.22
CA CYS A 82 4.69 -7.85 5.27
C CYS A 82 4.18 -7.64 3.85
N VAL A 83 5.08 -7.30 2.96
CA VAL A 83 4.74 -6.99 1.60
C VAL A 83 4.35 -8.24 0.86
N VAL A 84 4.95 -9.33 1.25
CA VAL A 84 4.74 -10.58 0.64
C VAL A 84 3.34 -11.08 0.96
N GLY A 85 2.51 -11.18 -0.06
CA GLY A 85 1.19 -11.69 0.11
C GLY A 85 1.23 -13.15 0.47
N GLY A 86 1.10 -13.42 1.73
CA GLY A 86 1.21 -14.76 2.22
C GLY A 86 2.18 -14.82 3.37
N CYS A 87 2.88 -13.73 3.60
CA CYS A 87 3.79 -13.63 4.70
C CYS A 87 3.11 -12.84 5.81
N ASN A 88 3.40 -13.21 7.00
CA ASN A 88 2.81 -12.57 8.14
C ASN A 88 3.86 -11.93 9.03
N ALA A 89 3.91 -10.63 9.00
CA ALA A 89 4.73 -9.86 9.89
C ALA A 89 4.15 -8.48 9.93
N SER A 90 3.70 -8.04 11.06
CA SER A 90 3.11 -6.72 11.13
C SER A 90 3.64 -5.96 12.31
N PHE A 91 4.29 -4.87 12.04
CA PHE A 91 4.85 -4.02 13.06
C PHE A 91 4.27 -2.64 12.90
N ALA A 92 3.93 -2.00 13.99
CA ALA A 92 3.33 -0.66 13.95
C ALA A 92 4.38 0.38 13.56
N SER A 93 5.62 -0.02 13.63
CA SER A 93 6.70 0.81 13.25
C SER A 93 7.47 0.13 12.12
N GLN A 94 8.01 0.93 11.24
CA GLN A 94 8.76 0.47 10.09
C GLN A 94 9.99 -0.32 10.47
N GLY A 95 10.65 0.08 11.54
CA GLY A 95 11.92 -0.51 11.98
C GLY A 95 11.96 -2.05 11.95
N GLY A 96 10.94 -2.67 12.52
CA GLY A 96 10.91 -4.13 12.57
C GLY A 96 10.65 -4.74 11.20
N LEU A 97 9.71 -4.16 10.49
CA LEU A 97 9.31 -4.65 9.20
C LEU A 97 10.38 -4.43 8.14
N ALA A 98 11.01 -3.27 8.19
CA ALA A 98 12.04 -2.84 7.23
C ALA A 98 13.23 -3.76 7.25
N ARG A 99 13.34 -4.49 8.30
CA ARG A 99 14.38 -5.45 8.50
C ARG A 99 13.92 -6.85 8.03
N HIS A 100 12.63 -7.09 8.05
CA HIS A 100 12.05 -8.38 7.68
C HIS A 100 11.83 -8.46 6.18
N VAL A 101 11.41 -7.38 5.60
CA VAL A 101 11.13 -7.32 4.17
C VAL A 101 12.32 -7.72 3.26
N PRO A 102 13.54 -7.17 3.49
CA PRO A 102 14.68 -7.45 2.64
C PRO A 102 15.18 -8.86 2.79
N THR A 103 14.62 -9.63 3.74
CA THR A 103 15.08 -10.98 3.90
C THR A 103 14.53 -11.85 2.76
N HIS A 104 13.31 -11.52 2.32
CA HIS A 104 12.66 -12.29 1.26
C HIS A 104 13.26 -11.88 -0.06
N PHE A 105 13.55 -10.60 -0.17
CA PHE A 105 14.22 -10.07 -1.36
C PHE A 105 15.66 -10.52 -1.38
N SER A 106 16.17 -10.82 -0.18
CA SER A 106 17.56 -11.17 0.05
C SER A 106 18.40 -9.98 -0.47
N GLN A 107 17.88 -8.79 -0.17
CA GLN A 107 18.36 -7.55 -0.69
C GLN A 107 19.62 -7.09 0.02
N GLN A 108 20.74 -7.41 -0.57
CA GLN A 108 22.03 -7.02 -0.04
C GLN A 108 22.53 -5.79 -0.77
N ASN A 109 21.90 -5.51 -1.92
CA ASN A 109 22.20 -4.33 -2.77
C ASN A 109 23.61 -4.41 -3.36
ZN ZN B . -6.88 -0.90 -5.77
ZN ZN C . 1.15 7.59 -3.94
ZN ZN D . 7.30 -11.31 5.37
#